data_1GYJ
# 
_entry.id   1GYJ 
# 
_audit_conform.dict_name       mmcif_pdbx.dic 
_audit_conform.dict_version    5.391 
_audit_conform.dict_location   http://mmcif.pdb.org/dictionaries/ascii/mmcif_pdbx.dic 
# 
loop_
_database_2.database_id 
_database_2.database_code 
_database_2.pdbx_database_accession 
_database_2.pdbx_DOI 
PDB   1GYJ         pdb_00001gyj 10.2210/pdb1gyj/pdb 
PDBE  EBI-9731     ?            ?                   
WWPDB D_1290009731 ?            ?                   
# 
loop_
_pdbx_audit_revision_history.ordinal 
_pdbx_audit_revision_history.data_content_type 
_pdbx_audit_revision_history.major_revision 
_pdbx_audit_revision_history.minor_revision 
_pdbx_audit_revision_history.revision_date 
1 'Structure model' 1 0 2002-10-10 
2 'Structure model' 1 1 2011-05-08 
3 'Structure model' 1 2 2011-07-13 
4 'Structure model' 1 3 2024-05-01 
# 
_pdbx_audit_revision_details.ordinal             1 
_pdbx_audit_revision_details.revision_ordinal    1 
_pdbx_audit_revision_details.data_content_type   'Structure model' 
_pdbx_audit_revision_details.provider            repository 
_pdbx_audit_revision_details.type                'Initial release' 
_pdbx_audit_revision_details.description         ? 
_pdbx_audit_revision_details.details             ? 
# 
loop_
_pdbx_audit_revision_group.ordinal 
_pdbx_audit_revision_group.revision_ordinal 
_pdbx_audit_revision_group.data_content_type 
_pdbx_audit_revision_group.group 
1 2 'Structure model' 'Version format compliance' 
2 3 'Structure model' 'Version format compliance' 
3 4 'Structure model' 'Data collection'           
4 4 'Structure model' 'Database references'       
5 4 'Structure model' Other                       
6 4 'Structure model' 'Refinement description'    
# 
loop_
_pdbx_audit_revision_category.ordinal 
_pdbx_audit_revision_category.revision_ordinal 
_pdbx_audit_revision_category.data_content_type 
_pdbx_audit_revision_category.category 
1 4 'Structure model' chem_comp_atom                
2 4 'Structure model' chem_comp_bond                
3 4 'Structure model' database_2                    
4 4 'Structure model' pdbx_database_status          
5 4 'Structure model' pdbx_initial_refinement_model 
# 
loop_
_pdbx_audit_revision_item.ordinal 
_pdbx_audit_revision_item.revision_ordinal 
_pdbx_audit_revision_item.data_content_type 
_pdbx_audit_revision_item.item 
1 4 'Structure model' '_database_2.pdbx_DOI'                 
2 4 'Structure model' '_database_2.pdbx_database_accession'  
3 4 'Structure model' '_pdbx_database_status.status_code_sf' 
# 
_pdbx_database_status.status_code                     REL 
_pdbx_database_status.entry_id                        1GYJ 
_pdbx_database_status.deposit_site                    PDBE 
_pdbx_database_status.process_site                    PDBE 
_pdbx_database_status.SG_entry                        . 
_pdbx_database_status.recvd_initial_deposition_date   2002-04-23 
_pdbx_database_status.pdb_format_compatible           Y 
_pdbx_database_status.status_code_sf                  REL 
_pdbx_database_status.status_code_mr                  ? 
_pdbx_database_status.status_code_cs                  ? 
_pdbx_database_status.methods_development_category    ? 
_pdbx_database_status.status_code_nmr_data            ? 
# 
loop_
_pdbx_database_related.db_name 
_pdbx_database_related.db_id 
_pdbx_database_related.content_type 
_pdbx_database_related.details 
PDB 1GYX unspecified 
;THE CRYSTAL STRUCTURE OF YDCE, A 4- OXALOCROTONATE TAUTOMERASE HOMOLOGUE FROM ESCHERICHIA COLI, CONFIRMS THE STRUCTURAL BASIS FOR OLIGOMER DIVERSITY
;
PDB 1GYY unspecified 
;THE CRYSTAL STRUCTURE OF YDCE, A 4- OXALOCROTONATE TAUTOMERASE HOMOLOGUE FROM ESCHERICHIA COLI, CONFIRMS THE STRUCTURAL BASIS FOR OLIGOMER DIVERSITY
;
# 
loop_
_audit_author.name 
_audit_author.pdbx_ordinal 
'Almrud, J.'     1 
'Kern, A.'       2 
'Wang, S.'       3 
'Czerwinski, R.' 4 
'Johnson, W.'    5 
'Murzin, A.'     6 
'Hackert, M.'    7 
'Whitman, C.'    8 
# 
_citation.id                        primary 
_citation.title                     
;The Crystal Structure of Ydce, a 4-Oxalocrotonate Tautomerase Homologue from Escherichia Coli, Confirms the Structural Basis for Oligomer Diversity
;
_citation.journal_abbrev            Biochemistry 
_citation.journal_volume            41 
_citation.page_first                12010 
_citation.page_last                 ? 
_citation.year                      2002 
_citation.journal_id_ASTM           BICHAW 
_citation.country                   US 
_citation.journal_id_ISSN           0006-2960 
_citation.journal_id_CSD            0033 
_citation.book_publisher            ? 
_citation.pdbx_database_id_PubMed   12356301 
_citation.pdbx_database_id_DOI      10.1021/BI020271H 
# 
loop_
_citation_author.citation_id 
_citation_author.name 
_citation_author.ordinal 
_citation_author.identifier_ORCID 
primary 'Almrud, J.'     1 ? 
primary 'Kern, A.'       2 ? 
primary 'Wang, S.'       3 ? 
primary 'Czerwinski, R.' 4 ? 
primary 'Johnson, W.'    5 ? 
primary 'Murzin, A.'     6 ? 
primary 'Hackert, M.'    7 ? 
primary 'Whitman, C.'    8 ? 
# 
loop_
_entity.id 
_entity.type 
_entity.src_method 
_entity.pdbx_description 
_entity.formula_weight 
_entity.pdbx_number_of_molecules 
_entity.pdbx_ec 
_entity.pdbx_mutation 
_entity.pdbx_fragment 
_entity.details 
1 polymer man 'HYPOTHETICAL PROTEIN YDCE' 8550.729 2   5.3.2.1 ? ? ? 
2 water   nat water                       18.015   151 ?       ? ? ? 
# 
_entity_name_com.entity_id   1 
_entity_name_com.name        'YDCE, B1461' 
# 
_entity_poly.entity_id                      1 
_entity_poly.type                           'polypeptide(L)' 
_entity_poly.nstd_linkage                   no 
_entity_poly.nstd_monomer                   no 
_entity_poly.pdbx_seq_one_letter_code       PHIDIKCFPRELDEQQKAALAADITDVIIRHLNSKDSSISIALQQIQPESWQAIWDAEIAPQMEALIKKPGYSMNA 
_entity_poly.pdbx_seq_one_letter_code_can   PHIDIKCFPRELDEQQKAALAADITDVIIRHLNSKDSSISIALQQIQPESWQAIWDAEIAPQMEALIKKPGYSMNA 
_entity_poly.pdbx_strand_id                 A,B 
_entity_poly.pdbx_target_identifier         ? 
# 
_pdbx_entity_nonpoly.entity_id   2 
_pdbx_entity_nonpoly.name        water 
_pdbx_entity_nonpoly.comp_id     HOH 
# 
loop_
_entity_poly_seq.entity_id 
_entity_poly_seq.num 
_entity_poly_seq.mon_id 
_entity_poly_seq.hetero 
1 1  PRO n 
1 2  HIS n 
1 3  ILE n 
1 4  ASP n 
1 5  ILE n 
1 6  LYS n 
1 7  CYS n 
1 8  PHE n 
1 9  PRO n 
1 10 ARG n 
1 11 GLU n 
1 12 LEU n 
1 13 ASP n 
1 14 GLU n 
1 15 GLN n 
1 16 GLN n 
1 17 LYS n 
1 18 ALA n 
1 19 ALA n 
1 20 LEU n 
1 21 ALA n 
1 22 ALA n 
1 23 ASP n 
1 24 ILE n 
1 25 THR n 
1 26 ASP n 
1 27 VAL n 
1 28 ILE n 
1 29 ILE n 
1 30 ARG n 
1 31 HIS n 
1 32 LEU n 
1 33 ASN n 
1 34 SER n 
1 35 LYS n 
1 36 ASP n 
1 37 SER n 
1 38 SER n 
1 39 ILE n 
1 40 SER n 
1 41 ILE n 
1 42 ALA n 
1 43 LEU n 
1 44 GLN n 
1 45 GLN n 
1 46 ILE n 
1 47 GLN n 
1 48 PRO n 
1 49 GLU n 
1 50 SER n 
1 51 TRP n 
1 52 GLN n 
1 53 ALA n 
1 54 ILE n 
1 55 TRP n 
1 56 ASP n 
1 57 ALA n 
1 58 GLU n 
1 59 ILE n 
1 60 ALA n 
1 61 PRO n 
1 62 GLN n 
1 63 MET n 
1 64 GLU n 
1 65 ALA n 
1 66 LEU n 
1 67 ILE n 
1 68 LYS n 
1 69 LYS n 
1 70 PRO n 
1 71 GLY n 
1 72 TYR n 
1 73 SER n 
1 74 MET n 
1 75 ASN n 
1 76 ALA n 
# 
_entity_src_gen.entity_id                          1 
_entity_src_gen.pdbx_src_id                        1 
_entity_src_gen.pdbx_alt_source_flag               sample 
_entity_src_gen.pdbx_seq_type                      ? 
_entity_src_gen.pdbx_beg_seq_num                   ? 
_entity_src_gen.pdbx_end_seq_num                   ? 
_entity_src_gen.gene_src_common_name               ? 
_entity_src_gen.gene_src_genus                     ? 
_entity_src_gen.pdbx_gene_src_gene                 ? 
_entity_src_gen.gene_src_species                   ? 
_entity_src_gen.gene_src_strain                    K12 
_entity_src_gen.gene_src_tissue                    ? 
_entity_src_gen.gene_src_tissue_fraction           ? 
_entity_src_gen.gene_src_details                   ? 
_entity_src_gen.pdbx_gene_src_fragment             ? 
_entity_src_gen.pdbx_gene_src_scientific_name      'ESCHERICHIA COLI' 
_entity_src_gen.pdbx_gene_src_ncbi_taxonomy_id     83333 
_entity_src_gen.pdbx_gene_src_variant              ? 
_entity_src_gen.pdbx_gene_src_cell_line            ? 
_entity_src_gen.pdbx_gene_src_atcc                 ? 
_entity_src_gen.pdbx_gene_src_organ                ? 
_entity_src_gen.pdbx_gene_src_organelle            ? 
_entity_src_gen.pdbx_gene_src_cell                 ? 
_entity_src_gen.pdbx_gene_src_cellular_location    ? 
_entity_src_gen.host_org_common_name               ? 
_entity_src_gen.pdbx_host_org_scientific_name      'ESCHERICHIA COLI' 
_entity_src_gen.pdbx_host_org_ncbi_taxonomy_id     469008 
_entity_src_gen.host_org_genus                     ? 
_entity_src_gen.pdbx_host_org_gene                 ? 
_entity_src_gen.pdbx_host_org_organ                ? 
_entity_src_gen.host_org_species                   ? 
_entity_src_gen.pdbx_host_org_tissue               ? 
_entity_src_gen.pdbx_host_org_tissue_fraction      ? 
_entity_src_gen.pdbx_host_org_strain               'BL21(DE3)' 
_entity_src_gen.pdbx_host_org_variant              ? 
_entity_src_gen.pdbx_host_org_cell_line            ? 
_entity_src_gen.pdbx_host_org_atcc                 ? 
_entity_src_gen.pdbx_host_org_culture_collection   ? 
_entity_src_gen.pdbx_host_org_cell                 ? 
_entity_src_gen.pdbx_host_org_organelle            ? 
_entity_src_gen.pdbx_host_org_cellular_location    ? 
_entity_src_gen.pdbx_host_org_vector_type          ? 
_entity_src_gen.pdbx_host_org_vector               ? 
_entity_src_gen.host_org_details                   ? 
_entity_src_gen.expression_system_id               ? 
_entity_src_gen.plasmid_name                       PET24A+ 
_entity_src_gen.plasmid_details                    ? 
_entity_src_gen.pdbx_description                   ? 
# 
loop_
_chem_comp.id 
_chem_comp.type 
_chem_comp.mon_nstd_flag 
_chem_comp.name 
_chem_comp.pdbx_synonyms 
_chem_comp.formula 
_chem_comp.formula_weight 
ALA 'L-peptide linking' y ALANINE         ? 'C3 H7 N O2'     89.093  
ARG 'L-peptide linking' y ARGININE        ? 'C6 H15 N4 O2 1' 175.209 
ASN 'L-peptide linking' y ASPARAGINE      ? 'C4 H8 N2 O3'    132.118 
ASP 'L-peptide linking' y 'ASPARTIC ACID' ? 'C4 H7 N O4'     133.103 
CYS 'L-peptide linking' y CYSTEINE        ? 'C3 H7 N O2 S'   121.158 
GLN 'L-peptide linking' y GLUTAMINE       ? 'C5 H10 N2 O3'   146.144 
GLU 'L-peptide linking' y 'GLUTAMIC ACID' ? 'C5 H9 N O4'     147.129 
GLY 'peptide linking'   y GLYCINE         ? 'C2 H5 N O2'     75.067  
HIS 'L-peptide linking' y HISTIDINE       ? 'C6 H10 N3 O2 1' 156.162 
HOH non-polymer         . WATER           ? 'H2 O'           18.015  
ILE 'L-peptide linking' y ISOLEUCINE      ? 'C6 H13 N O2'    131.173 
LEU 'L-peptide linking' y LEUCINE         ? 'C6 H13 N O2'    131.173 
LYS 'L-peptide linking' y LYSINE          ? 'C6 H15 N2 O2 1' 147.195 
MET 'L-peptide linking' y METHIONINE      ? 'C5 H11 N O2 S'  149.211 
PHE 'L-peptide linking' y PHENYLALANINE   ? 'C9 H11 N O2'    165.189 
PRO 'L-peptide linking' y PROLINE         ? 'C5 H9 N O2'     115.130 
SER 'L-peptide linking' y SERINE          ? 'C3 H7 N O3'     105.093 
THR 'L-peptide linking' y THREONINE       ? 'C4 H9 N O3'     119.119 
TRP 'L-peptide linking' y TRYPTOPHAN      ? 'C11 H12 N2 O2'  204.225 
TYR 'L-peptide linking' y TYROSINE        ? 'C9 H11 N O3'    181.189 
VAL 'L-peptide linking' y VALINE          ? 'C5 H11 N O2'    117.146 
# 
loop_
_pdbx_poly_seq_scheme.asym_id 
_pdbx_poly_seq_scheme.entity_id 
_pdbx_poly_seq_scheme.seq_id 
_pdbx_poly_seq_scheme.mon_id 
_pdbx_poly_seq_scheme.ndb_seq_num 
_pdbx_poly_seq_scheme.pdb_seq_num 
_pdbx_poly_seq_scheme.auth_seq_num 
_pdbx_poly_seq_scheme.pdb_mon_id 
_pdbx_poly_seq_scheme.auth_mon_id 
_pdbx_poly_seq_scheme.pdb_strand_id 
_pdbx_poly_seq_scheme.pdb_ins_code 
_pdbx_poly_seq_scheme.hetero 
A 1 1  PRO 1  1  1  PRO PRO A . n 
A 1 2  HIS 2  2  2  HIS HIS A . n 
A 1 3  ILE 3  3  3  ILE ILE A . n 
A 1 4  ASP 4  4  4  ASP ASP A . n 
A 1 5  ILE 5  5  5  ILE ILE A . n 
A 1 6  LYS 6  6  6  LYS LYS A . n 
A 1 7  CYS 7  7  7  CYS CYS A . n 
A 1 8  PHE 8  8  8  PHE PHE A . n 
A 1 9  PRO 9  9  9  PRO PRO A . n 
A 1 10 ARG 10 10 10 ARG ARG A . n 
A 1 11 GLU 11 11 11 GLU GLU A . n 
A 1 12 LEU 12 12 12 LEU LEU A . n 
A 1 13 ASP 13 13 13 ASP ASP A . n 
A 1 14 GLU 14 14 14 GLU GLU A . n 
A 1 15 GLN 15 15 15 GLN GLN A . n 
A 1 16 GLN 16 16 16 GLN GLN A . n 
A 1 17 LYS 17 17 17 LYS LYS A . n 
A 1 18 ALA 18 18 18 ALA ALA A . n 
A 1 19 ALA 19 19 19 ALA ALA A . n 
A 1 20 LEU 20 20 20 LEU LEU A . n 
A 1 21 ALA 21 21 21 ALA ALA A . n 
A 1 22 ALA 22 22 22 ALA ALA A . n 
A 1 23 ASP 23 23 23 ASP ASP A . n 
A 1 24 ILE 24 24 24 ILE ILE A . n 
A 1 25 THR 25 25 25 THR THR A . n 
A 1 26 ASP 26 26 26 ASP ASP A . n 
A 1 27 VAL 27 27 27 VAL VAL A . n 
A 1 28 ILE 28 28 28 ILE ILE A . n 
A 1 29 ILE 29 29 29 ILE ILE A . n 
A 1 30 ARG 30 30 30 ARG ARG A . n 
A 1 31 HIS 31 31 31 HIS HIS A . n 
A 1 32 LEU 32 32 32 LEU LEU A . n 
A 1 33 ASN 33 33 33 ASN ASN A . n 
A 1 34 SER 34 34 34 SER SER A . n 
A 1 35 LYS 35 35 35 LYS LYS A . n 
A 1 36 ASP 36 36 36 ASP ASP A . n 
A 1 37 SER 37 37 37 SER SER A . n 
A 1 38 SER 38 38 38 SER SER A . n 
A 1 39 ILE 39 39 39 ILE ILE A . n 
A 1 40 SER 40 40 40 SER SER A . n 
A 1 41 ILE 41 41 41 ILE ILE A . n 
A 1 42 ALA 42 42 42 ALA ALA A . n 
A 1 43 LEU 43 43 43 LEU LEU A . n 
A 1 44 GLN 44 44 44 GLN GLN A . n 
A 1 45 GLN 45 45 45 GLN GLN A . n 
A 1 46 ILE 46 46 46 ILE ILE A . n 
A 1 47 GLN 47 47 47 GLN GLN A . n 
A 1 48 PRO 48 48 48 PRO PRO A . n 
A 1 49 GLU 49 49 49 GLU GLU A . n 
A 1 50 SER 50 50 50 SER SER A . n 
A 1 51 TRP 51 51 51 TRP TRP A . n 
A 1 52 GLN 52 52 52 GLN GLN A . n 
A 1 53 ALA 53 53 53 ALA ALA A . n 
A 1 54 ILE 54 54 54 ILE ILE A . n 
A 1 55 TRP 55 55 55 TRP TRP A . n 
A 1 56 ASP 56 56 56 ASP ASP A . n 
A 1 57 ALA 57 57 57 ALA ALA A . n 
A 1 58 GLU 58 58 58 GLU GLU A . n 
A 1 59 ILE 59 59 59 ILE ILE A . n 
A 1 60 ALA 60 60 60 ALA ALA A . n 
A 1 61 PRO 61 61 61 PRO PRO A . n 
A 1 62 GLN 62 62 62 GLN GLN A . n 
A 1 63 MET 63 63 63 MET MET A . n 
A 1 64 GLU 64 64 64 GLU GLU A . n 
A 1 65 ALA 65 65 65 ALA ALA A . n 
A 1 66 LEU 66 66 66 LEU LEU A . n 
A 1 67 ILE 67 67 67 ILE ILE A . n 
A 1 68 LYS 68 68 68 LYS LYS A . n 
A 1 69 LYS 69 69 69 LYS LYS A . n 
A 1 70 PRO 70 70 70 PRO PRO A . n 
A 1 71 GLY 71 71 71 GLY GLY A . n 
A 1 72 TYR 72 72 72 TYR TYR A . n 
A 1 73 SER 73 73 73 SER SER A . n 
A 1 74 MET 74 74 74 MET MET A . n 
A 1 75 ASN 75 75 75 ASN ASN A . n 
A 1 76 ALA 76 76 76 ALA ALA A . n 
B 1 1  PRO 1  1  1  PRO PRO B . n 
B 1 2  HIS 2  2  2  HIS HIS B . n 
B 1 3  ILE 3  3  3  ILE ILE B . n 
B 1 4  ASP 4  4  4  ASP ASP B . n 
B 1 5  ILE 5  5  5  ILE ILE B . n 
B 1 6  LYS 6  6  6  LYS LYS B . n 
B 1 7  CYS 7  7  7  CYS CYS B . n 
B 1 8  PHE 8  8  8  PHE PHE B . n 
B 1 9  PRO 9  9  9  PRO PRO B . n 
B 1 10 ARG 10 10 10 ARG ARG B . n 
B 1 11 GLU 11 11 11 GLU GLU B . n 
B 1 12 LEU 12 12 12 LEU LEU B . n 
B 1 13 ASP 13 13 13 ASP ASP B . n 
B 1 14 GLU 14 14 14 GLU GLU B . n 
B 1 15 GLN 15 15 15 GLN GLN B . n 
B 1 16 GLN 16 16 16 GLN GLN B . n 
B 1 17 LYS 17 17 17 LYS LYS B . n 
B 1 18 ALA 18 18 18 ALA ALA B . n 
B 1 19 ALA 19 19 19 ALA ALA B . n 
B 1 20 LEU 20 20 20 LEU LEU B . n 
B 1 21 ALA 21 21 21 ALA ALA B . n 
B 1 22 ALA 22 22 22 ALA ALA B . n 
B 1 23 ASP 23 23 23 ASP ASP B . n 
B 1 24 ILE 24 24 24 ILE ILE B . n 
B 1 25 THR 25 25 25 THR THR B . n 
B 1 26 ASP 26 26 26 ASP ASP B . n 
B 1 27 VAL 27 27 27 VAL VAL B . n 
B 1 28 ILE 28 28 28 ILE ILE B . n 
B 1 29 ILE 29 29 29 ILE ILE B . n 
B 1 30 ARG 30 30 30 ARG ARG B . n 
B 1 31 HIS 31 31 31 HIS HIS B . n 
B 1 32 LEU 32 32 32 LEU LEU B . n 
B 1 33 ASN 33 33 33 ASN ASN B . n 
B 1 34 SER 34 34 34 SER SER B . n 
B 1 35 LYS 35 35 35 LYS LYS B . n 
B 1 36 ASP 36 36 36 ASP ASP B . n 
B 1 37 SER 37 37 37 SER SER B . n 
B 1 38 SER 38 38 38 SER SER B . n 
B 1 39 ILE 39 39 39 ILE ILE B . n 
B 1 40 SER 40 40 40 SER SER B . n 
B 1 41 ILE 41 41 41 ILE ILE B . n 
B 1 42 ALA 42 42 42 ALA ALA B . n 
B 1 43 LEU 43 43 43 LEU LEU B . n 
B 1 44 GLN 44 44 44 GLN GLN B . n 
B 1 45 GLN 45 45 45 GLN GLN B . n 
B 1 46 ILE 46 46 46 ILE ILE B . n 
B 1 47 GLN 47 47 47 GLN GLN B . n 
B 1 48 PRO 48 48 48 PRO PRO B . n 
B 1 49 GLU 49 49 49 GLU GLU B . n 
B 1 50 SER 50 50 50 SER SER B . n 
B 1 51 TRP 51 51 51 TRP TRP B . n 
B 1 52 GLN 52 52 52 GLN GLN B . n 
B 1 53 ALA 53 53 53 ALA ALA B . n 
B 1 54 ILE 54 54 54 ILE ILE B . n 
B 1 55 TRP 55 55 55 TRP TRP B . n 
B 1 56 ASP 56 56 56 ASP ASP B . n 
B 1 57 ALA 57 57 57 ALA ALA B . n 
B 1 58 GLU 58 58 58 GLU GLU B . n 
B 1 59 ILE 59 59 59 ILE ILE B . n 
B 1 60 ALA 60 60 60 ALA ALA B . n 
B 1 61 PRO 61 61 61 PRO PRO B . n 
B 1 62 GLN 62 62 62 GLN GLN B . n 
B 1 63 MET 63 63 63 MET MET B . n 
B 1 64 GLU 64 64 64 GLU GLU B . n 
B 1 65 ALA 65 65 65 ALA ALA B . n 
B 1 66 LEU 66 66 66 LEU LEU B . n 
B 1 67 ILE 67 67 67 ILE ILE B . n 
B 1 68 LYS 68 68 68 LYS LYS B . n 
B 1 69 LYS 69 69 69 LYS LYS B . n 
B 1 70 PRO 70 70 70 PRO PRO B . n 
B 1 71 GLY 71 71 71 GLY GLY B . n 
B 1 72 TYR 72 72 72 TYR TYR B . n 
B 1 73 SER 73 73 73 SER SER B . n 
B 1 74 MET 74 74 74 MET MET B . n 
B 1 75 ASN 75 75 75 ASN ASN B . n 
B 1 76 ALA 76 76 76 ALA ALA B . n 
# 
loop_
_pdbx_nonpoly_scheme.asym_id 
_pdbx_nonpoly_scheme.entity_id 
_pdbx_nonpoly_scheme.mon_id 
_pdbx_nonpoly_scheme.ndb_seq_num 
_pdbx_nonpoly_scheme.pdb_seq_num 
_pdbx_nonpoly_scheme.auth_seq_num 
_pdbx_nonpoly_scheme.pdb_mon_id 
_pdbx_nonpoly_scheme.auth_mon_id 
_pdbx_nonpoly_scheme.pdb_strand_id 
_pdbx_nonpoly_scheme.pdb_ins_code 
C 2 HOH 1  2001 2001 HOH HOH A . 
C 2 HOH 2  2002 2002 HOH HOH A . 
C 2 HOH 3  2003 2003 HOH HOH A . 
C 2 HOH 4  2004 2004 HOH HOH A . 
C 2 HOH 5  2005 2005 HOH HOH A . 
C 2 HOH 6  2006 2006 HOH HOH A . 
C 2 HOH 7  2007 2007 HOH HOH A . 
C 2 HOH 8  2008 2008 HOH HOH A . 
C 2 HOH 9  2009 2009 HOH HOH A . 
C 2 HOH 10 2010 2010 HOH HOH A . 
C 2 HOH 11 2011 2011 HOH HOH A . 
C 2 HOH 12 2012 2012 HOH HOH A . 
C 2 HOH 13 2013 2013 HOH HOH A . 
C 2 HOH 14 2014 2014 HOH HOH A . 
C 2 HOH 15 2015 2015 HOH HOH A . 
C 2 HOH 16 2016 2016 HOH HOH A . 
C 2 HOH 17 2017 2017 HOH HOH A . 
C 2 HOH 18 2018 2018 HOH HOH A . 
C 2 HOH 19 2019 2019 HOH HOH A . 
C 2 HOH 20 2020 2020 HOH HOH A . 
C 2 HOH 21 2021 2021 HOH HOH A . 
C 2 HOH 22 2022 2022 HOH HOH A . 
C 2 HOH 23 2023 2023 HOH HOH A . 
C 2 HOH 24 2024 2024 HOH HOH A . 
C 2 HOH 25 2025 2025 HOH HOH A . 
C 2 HOH 26 2026 2026 HOH HOH A . 
C 2 HOH 27 2027 2027 HOH HOH A . 
C 2 HOH 28 2028 2028 HOH HOH A . 
C 2 HOH 29 2029 2029 HOH HOH A . 
C 2 HOH 30 2030 2030 HOH HOH A . 
C 2 HOH 31 2031 2031 HOH HOH A . 
C 2 HOH 32 2032 2032 HOH HOH A . 
C 2 HOH 33 2033 2033 HOH HOH A . 
C 2 HOH 34 2034 2034 HOH HOH A . 
C 2 HOH 35 2035 2035 HOH HOH A . 
C 2 HOH 36 2036 2036 HOH HOH A . 
C 2 HOH 37 2037 2037 HOH HOH A . 
C 2 HOH 38 2038 2038 HOH HOH A . 
C 2 HOH 39 2039 2039 HOH HOH A . 
C 2 HOH 40 2040 2040 HOH HOH A . 
C 2 HOH 41 2041 2041 HOH HOH A . 
C 2 HOH 42 2042 2042 HOH HOH A . 
C 2 HOH 43 2043 2043 HOH HOH A . 
C 2 HOH 44 2044 2044 HOH HOH A . 
C 2 HOH 45 2045 2045 HOH HOH A . 
C 2 HOH 46 2046 2046 HOH HOH A . 
C 2 HOH 47 2047 2047 HOH HOH A . 
C 2 HOH 48 2048 2048 HOH HOH A . 
C 2 HOH 49 2049 2049 HOH HOH A . 
C 2 HOH 50 2050 2050 HOH HOH A . 
C 2 HOH 51 2051 2051 HOH HOH A . 
C 2 HOH 52 2052 2052 HOH HOH A . 
C 2 HOH 53 2053 2053 HOH HOH A . 
C 2 HOH 54 2054 2054 HOH HOH A . 
C 2 HOH 55 2055 2055 HOH HOH A . 
C 2 HOH 56 2056 2056 HOH HOH A . 
C 2 HOH 57 2057 2057 HOH HOH A . 
C 2 HOH 58 2058 2058 HOH HOH A . 
C 2 HOH 59 2059 2059 HOH HOH A . 
C 2 HOH 60 2060 2060 HOH HOH A . 
C 2 HOH 61 2061 2061 HOH HOH A . 
C 2 HOH 62 2062 2062 HOH HOH A . 
C 2 HOH 63 2063 2063 HOH HOH A . 
C 2 HOH 64 2064 2064 HOH HOH A . 
C 2 HOH 65 2065 2065 HOH HOH A . 
C 2 HOH 66 2066 2066 HOH HOH A . 
C 2 HOH 67 2067 2067 HOH HOH A . 
C 2 HOH 68 2068 2068 HOH HOH A . 
C 2 HOH 69 2069 2069 HOH HOH A . 
C 2 HOH 70 2070 2070 HOH HOH A . 
C 2 HOH 71 2071 2071 HOH HOH A . 
C 2 HOH 72 2072 2072 HOH HOH A . 
C 2 HOH 73 2073 2073 HOH HOH A . 
C 2 HOH 74 2074 2074 HOH HOH A . 
C 2 HOH 75 2075 2075 HOH HOH A . 
C 2 HOH 76 2076 2076 HOH HOH A . 
C 2 HOH 77 2077 2077 HOH HOH A . 
C 2 HOH 78 2078 2078 HOH HOH A . 
D 2 HOH 1  2001 2001 HOH HOH B . 
D 2 HOH 2  2002 2002 HOH HOH B . 
D 2 HOH 3  2003 2003 HOH HOH B . 
D 2 HOH 4  2004 2004 HOH HOH B . 
D 2 HOH 5  2005 2005 HOH HOH B . 
D 2 HOH 6  2006 2006 HOH HOH B . 
D 2 HOH 7  2007 2007 HOH HOH B . 
D 2 HOH 8  2008 2008 HOH HOH B . 
D 2 HOH 9  2009 2009 HOH HOH B . 
D 2 HOH 10 2010 2010 HOH HOH B . 
D 2 HOH 11 2011 2011 HOH HOH B . 
D 2 HOH 12 2012 2012 HOH HOH B . 
D 2 HOH 13 2013 2013 HOH HOH B . 
D 2 HOH 14 2014 2014 HOH HOH B . 
D 2 HOH 15 2015 2015 HOH HOH B . 
D 2 HOH 16 2016 2016 HOH HOH B . 
D 2 HOH 17 2017 2017 HOH HOH B . 
D 2 HOH 18 2018 2018 HOH HOH B . 
D 2 HOH 19 2019 2019 HOH HOH B . 
D 2 HOH 20 2020 2020 HOH HOH B . 
D 2 HOH 21 2021 2021 HOH HOH B . 
D 2 HOH 22 2022 2022 HOH HOH B . 
D 2 HOH 23 2023 2023 HOH HOH B . 
D 2 HOH 24 2024 2024 HOH HOH B . 
D 2 HOH 25 2025 2025 HOH HOH B . 
D 2 HOH 26 2026 2026 HOH HOH B . 
D 2 HOH 27 2027 2027 HOH HOH B . 
D 2 HOH 28 2028 2028 HOH HOH B . 
D 2 HOH 29 2029 2029 HOH HOH B . 
D 2 HOH 30 2030 2030 HOH HOH B . 
D 2 HOH 31 2031 2031 HOH HOH B . 
D 2 HOH 32 2032 2032 HOH HOH B . 
D 2 HOH 33 2033 2033 HOH HOH B . 
D 2 HOH 34 2034 2034 HOH HOH B . 
D 2 HOH 35 2035 2035 HOH HOH B . 
D 2 HOH 36 2036 2036 HOH HOH B . 
D 2 HOH 37 2037 2037 HOH HOH B . 
D 2 HOH 38 2038 2038 HOH HOH B . 
D 2 HOH 39 2039 2039 HOH HOH B . 
D 2 HOH 40 2040 2040 HOH HOH B . 
D 2 HOH 41 2041 2041 HOH HOH B . 
D 2 HOH 42 2042 2042 HOH HOH B . 
D 2 HOH 43 2043 2043 HOH HOH B . 
D 2 HOH 44 2044 2044 HOH HOH B . 
D 2 HOH 45 2045 2045 HOH HOH B . 
D 2 HOH 46 2046 2046 HOH HOH B . 
D 2 HOH 47 2047 2047 HOH HOH B . 
D 2 HOH 48 2048 2048 HOH HOH B . 
D 2 HOH 49 2049 2049 HOH HOH B . 
D 2 HOH 50 2050 2050 HOH HOH B . 
D 2 HOH 51 2051 2051 HOH HOH B . 
D 2 HOH 52 2052 2052 HOH HOH B . 
D 2 HOH 53 2053 2053 HOH HOH B . 
D 2 HOH 54 2054 2054 HOH HOH B . 
D 2 HOH 55 2055 2055 HOH HOH B . 
D 2 HOH 56 2056 2056 HOH HOH B . 
D 2 HOH 57 2057 2057 HOH HOH B . 
D 2 HOH 58 2058 2058 HOH HOH B . 
D 2 HOH 59 2059 2059 HOH HOH B . 
D 2 HOH 60 2060 2060 HOH HOH B . 
D 2 HOH 61 2061 2061 HOH HOH B . 
D 2 HOH 62 2062 2062 HOH HOH B . 
D 2 HOH 63 2063 2063 HOH HOH B . 
D 2 HOH 64 2064 2064 HOH HOH B . 
D 2 HOH 65 2065 2065 HOH HOH B . 
D 2 HOH 66 2066 2066 HOH HOH B . 
D 2 HOH 67 2067 2067 HOH HOH B . 
D 2 HOH 68 2068 2068 HOH HOH B . 
D 2 HOH 69 2069 2069 HOH HOH B . 
D 2 HOH 70 2070 2070 HOH HOH B . 
D 2 HOH 71 2071 2071 HOH HOH B . 
D 2 HOH 72 2072 2072 HOH HOH B . 
D 2 HOH 73 2073 2073 HOH HOH B . 
# 
loop_
_software.name 
_software.classification 
_software.version 
_software.citation_id 
_software.pdbx_ordinal 
CNS       refinement       1.0 ? 1 
DENZO     'data reduction' .   ? 2 
SCALEPACK 'data scaling'   .   ? 3 
MOLREP    phasing          .   ? 4 
# 
_cell.entry_id           1GYJ 
_cell.length_a           37.250 
_cell.length_b           63.810 
_cell.length_c           71.340 
_cell.angle_alpha        90.00 
_cell.angle_beta         90.00 
_cell.angle_gamma        90.00 
_cell.Z_PDB              8 
_cell.pdbx_unique_axis   ? 
# 
_symmetry.entry_id                         1GYJ 
_symmetry.space_group_name_H-M             'P 21 21 21' 
_symmetry.pdbx_full_space_group_name_H-M   ? 
_symmetry.cell_setting                     ? 
_symmetry.Int_Tables_number                19 
# 
_exptl.entry_id          1GYJ 
_exptl.method            'X-RAY DIFFRACTION' 
_exptl.crystals_number   1 
# 
_exptl_crystal.id                    1 
_exptl_crystal.density_meas          ? 
_exptl_crystal.density_Matthews      2.5 
_exptl_crystal.density_percent_sol   51 
_exptl_crystal.description           ? 
# 
_exptl_crystal_grow.crystal_id      1 
_exptl_crystal_grow.method          ? 
_exptl_crystal_grow.temp            ? 
_exptl_crystal_grow.temp_details    ? 
_exptl_crystal_grow.pH              7.30 
_exptl_crystal_grow.pdbx_pH_range   ? 
_exptl_crystal_grow.pdbx_details    
;PROTEIN BUFFERED IN 50MM SODIUM PHOSPHATE, PH 7.3 PRECIPITANT: 40% SODIUM CITRATE PH 8.5 ITTING DROP: MIX 5UL PROT. WITH 5UL 40% SODIUM CITRATE
;
# 
_diffrn.id                     1 
_diffrn.ambient_temp           110.0 
_diffrn.ambient_temp_details   ? 
_diffrn.crystal_id             1 
# 
_diffrn_detector.diffrn_id              1 
_diffrn_detector.detector               'IMAGE PLATE' 
_diffrn_detector.type                   MARRESEARCH 
_diffrn_detector.pdbx_collection_date   2001-12-15 
_diffrn_detector.details                MIRRORS 
# 
_diffrn_radiation.diffrn_id                        1 
_diffrn_radiation.wavelength_id                    1 
_diffrn_radiation.pdbx_monochromatic_or_laue_m_l   M 
_diffrn_radiation.monochromator                    ? 
_diffrn_radiation.pdbx_diffrn_protocol             'SINGLE WAVELENGTH' 
_diffrn_radiation.pdbx_scattering_type             x-ray 
# 
_diffrn_radiation_wavelength.id           1 
_diffrn_radiation_wavelength.wavelength   1.5418 
_diffrn_radiation_wavelength.wt           1.0 
# 
_diffrn_source.diffrn_id                   1 
_diffrn_source.source                      'ROTATING ANODE' 
_diffrn_source.type                        'RIGAKU RU200' 
_diffrn_source.pdbx_synchrotron_site       ? 
_diffrn_source.pdbx_synchrotron_beamline   ? 
_diffrn_source.pdbx_wavelength             1.5418 
_diffrn_source.pdbx_wavelength_list        ? 
# 
_reflns.pdbx_diffrn_id               1 
_reflns.pdbx_ordinal                 1 
_reflns.entry_id                     1GYJ 
_reflns.observed_criterion_sigma_I   3.000 
_reflns.observed_criterion_sigma_F   ? 
_reflns.d_resolution_low             30.000 
_reflns.d_resolution_high            2.100 
_reflns.number_obs                   10344 
_reflns.number_all                   ? 
_reflns.percent_possible_obs         99.7 
_reflns.pdbx_Rmerge_I_obs            0.09200 
_reflns.pdbx_Rsym_value              ? 
_reflns.pdbx_netI_over_sigmaI        11.5000 
_reflns.B_iso_Wilson_estimate        27.1 
_reflns.pdbx_redundancy              16.000 
# 
_reflns_shell.pdbx_diffrn_id         1 
_reflns_shell.pdbx_ordinal           1 
_reflns_shell.d_res_high             2.10 
_reflns_shell.d_res_low              2.18 
_reflns_shell.percent_possible_all   99.1 
_reflns_shell.Rmerge_I_obs           0.40800 
_reflns_shell.pdbx_Rsym_value        ? 
_reflns_shell.meanI_over_sigI_obs    3.000 
_reflns_shell.pdbx_redundancy        10.00 
# 
_refine.pdbx_refine_id                           'X-RAY DIFFRACTION' 
_refine.entry_id                                 1GYJ 
_refine.pdbx_diffrn_id                           1 
_refine.pdbx_TLS_residual_ADP_flag               ? 
_refine.ls_number_reflns_obs                     10344 
_refine.ls_number_reflns_all                     ? 
_refine.pdbx_ls_sigma_I                          ? 
_refine.pdbx_ls_sigma_F                          2.0 
_refine.pdbx_data_cutoff_high_absF               ? 
_refine.pdbx_data_cutoff_low_absF                ? 
_refine.pdbx_data_cutoff_high_rms_absF           ? 
_refine.ls_d_res_low                             30.0 
_refine.ls_d_res_high                            2.1 
_refine.ls_percent_reflns_obs                    99.7 
_refine.ls_R_factor_obs                          0.225 
_refine.ls_R_factor_all                          ? 
_refine.ls_R_factor_R_work                       0.225 
_refine.ls_R_factor_R_free                       0.262 
_refine.ls_R_factor_R_free_error                 ? 
_refine.ls_R_factor_R_free_error_details         ? 
_refine.ls_percent_reflns_R_free                 4.7 
_refine.ls_number_reflns_R_free                  491 
_refine.ls_number_parameters                     ? 
_refine.ls_number_restraints                     ? 
_refine.occupancy_min                            ? 
_refine.occupancy_max                            ? 
_refine.correlation_coeff_Fo_to_Fc               ? 
_refine.correlation_coeff_Fo_to_Fc_free          ? 
_refine.B_iso_mean                               25.5 
_refine.aniso_B[1][1]                            -4.620 
_refine.aniso_B[2][2]                            -1.586 
_refine.aniso_B[3][3]                            6.206 
_refine.aniso_B[1][2]                            0.000 
_refine.aniso_B[1][3]                            0.000 
_refine.aniso_B[2][3]                            0.000 
_refine.solvent_model_details                    COMBINATION 
_refine.solvent_model_param_ksol                 ? 
_refine.solvent_model_param_bsol                 ? 
_refine.pdbx_solvent_vdw_probe_radii             ? 
_refine.pdbx_solvent_ion_probe_radii             ? 
_refine.pdbx_solvent_shrinkage_radii             ? 
_refine.pdbx_ls_cross_valid_method               THROUGHOUT 
_refine.details                                  ? 
_refine.pdbx_starting_model                      'UNPUBLISHED 1.35 ANG. RES. YDCE STRUCTURE DETERMINED BY MIR' 
_refine.pdbx_method_to_determine_struct          'MOLECULAR REPLACEMENT' 
_refine.pdbx_isotropic_thermal_model             ? 
_refine.pdbx_stereochemistry_target_values       ? 
_refine.pdbx_stereochem_target_val_spec_case     ? 
_refine.pdbx_R_Free_selection_details            RANDOM 
_refine.pdbx_overall_ESU_R                       ? 
_refine.pdbx_overall_ESU_R_Free                  ? 
_refine.overall_SU_ML                            ? 
_refine.pdbx_overall_phase_error                 ? 
_refine.overall_SU_B                             ? 
_refine.overall_SU_R_Cruickshank_DPI             ? 
_refine.pdbx_overall_SU_R_free_Cruickshank_DPI   ? 
_refine.pdbx_overall_SU_R_Blow_DPI               ? 
_refine.pdbx_overall_SU_R_free_Blow_DPI          ? 
# 
_refine_hist.pdbx_refine_id                   'X-RAY DIFFRACTION' 
_refine_hist.cycle_id                         LAST 
_refine_hist.pdbx_number_atoms_protein        1200 
_refine_hist.pdbx_number_atoms_nucleic_acid   0 
_refine_hist.pdbx_number_atoms_ligand         0 
_refine_hist.number_atoms_solvent             151 
_refine_hist.number_atoms_total               1351 
_refine_hist.d_res_high                       2.1 
_refine_hist.d_res_low                        30.0 
# 
loop_
_refine_ls_restr.type 
_refine_ls_restr.dev_ideal 
_refine_ls_restr.dev_ideal_target 
_refine_ls_restr.weight 
_refine_ls_restr.number 
_refine_ls_restr.pdbx_refine_id 
_refine_ls_restr.pdbx_restraint_function 
c_bond_d                0.007 ? ? ? 'X-RAY DIFFRACTION' ? 
c_bond_d_na             ?     ? ? ? 'X-RAY DIFFRACTION' ? 
c_bond_d_prot           ?     ? ? ? 'X-RAY DIFFRACTION' ? 
c_angle_d               ?     ? ? ? 'X-RAY DIFFRACTION' ? 
c_angle_d_na            ?     ? ? ? 'X-RAY DIFFRACTION' ? 
c_angle_d_prot          ?     ? ? ? 'X-RAY DIFFRACTION' ? 
c_angle_deg             1.42  ? ? ? 'X-RAY DIFFRACTION' ? 
c_angle_deg_na          ?     ? ? ? 'X-RAY DIFFRACTION' ? 
c_angle_deg_prot        ?     ? ? ? 'X-RAY DIFFRACTION' ? 
c_dihedral_angle_d      ?     ? ? ? 'X-RAY DIFFRACTION' ? 
c_dihedral_angle_d_na   ?     ? ? ? 'X-RAY DIFFRACTION' ? 
c_dihedral_angle_d_prot ?     ? ? ? 'X-RAY DIFFRACTION' ? 
c_improper_angle_d      ?     ? ? ? 'X-RAY DIFFRACTION' ? 
c_improper_angle_d_na   ?     ? ? ? 'X-RAY DIFFRACTION' ? 
c_improper_angle_d_prot ?     ? ? ? 'X-RAY DIFFRACTION' ? 
c_mcbond_it             ?     ? ? ? 'X-RAY DIFFRACTION' ? 
c_mcangle_it            ?     ? ? ? 'X-RAY DIFFRACTION' ? 
c_scbond_it             ?     ? ? ? 'X-RAY DIFFRACTION' ? 
c_scangle_it            ?     ? ? ? 'X-RAY DIFFRACTION' ? 
# 
_refine_ls_restr_ncs.pdbx_refine_id      'X-RAY DIFFRACTION' 
_refine_ls_restr_ncs.dom_id              1 
_refine_ls_restr_ncs.ncs_model_details   UNRESTRAINED 
_refine_ls_restr_ncs.rms_dev_position    ? 
_refine_ls_restr_ncs.weight_position     ? 
_refine_ls_restr_ncs.rms_dev_B_iso       ? 
_refine_ls_restr_ncs.weight_B_iso        ? 
_refine_ls_restr_ncs.pdbx_ordinal        1 
_refine_ls_restr_ncs.pdbx_type           . 
_refine_ls_restr_ncs.pdbx_auth_asym_id   . 
_refine_ls_restr_ncs.pdbx_ens_id         1 
_refine_ls_restr_ncs.pdbx_number         ? 
_refine_ls_restr_ncs.pdbx_asym_id        ? 
_refine_ls_restr_ncs.pdbx_rms            ? 
_refine_ls_restr_ncs.pdbx_weight         ? 
# 
_refine_ls_shell.pdbx_refine_id                   'X-RAY DIFFRACTION' 
_refine_ls_shell.pdbx_total_number_of_bins_used   9 
_refine_ls_shell.d_res_high                       2.1 
_refine_ls_shell.d_res_low                        2.18 
_refine_ls_shell.number_reflns_R_work             1017 
_refine_ls_shell.R_factor_R_work                  0.302 
_refine_ls_shell.percent_reflns_obs               99.1 
_refine_ls_shell.R_factor_R_free                  0.329 
_refine_ls_shell.R_factor_R_free_error            ? 
_refine_ls_shell.percent_reflns_R_free            4.7 
_refine_ls_shell.number_reflns_R_free             50 
_refine_ls_shell.number_reflns_all                ? 
_refine_ls_shell.R_factor_all                     ? 
# 
_struct_ncs_oper.id             1 
_struct_ncs_oper.code           given 
_struct_ncs_oper.details        ? 
_struct_ncs_oper.matrix[1][1]   -0.28642974 
_struct_ncs_oper.matrix[1][2]   0.48351633 
_struct_ncs_oper.matrix[1][3]   0.82714522 
_struct_ncs_oper.matrix[2][1]   0.47479476 
_struct_ncs_oper.matrix[2][2]   -0.67822300 
_struct_ncs_oper.matrix[2][3]   0.56087809 
_struct_ncs_oper.matrix[3][1]   0.83218250 
_struct_ncs_oper.matrix[3][2]   0.55337631 
_struct_ncs_oper.matrix[3][3]   -0.03530826 
_struct_ncs_oper.vector[1]      -0.16046 
_struct_ncs_oper.vector[2]      0.00585 
_struct_ncs_oper.vector[3]      0.17486 
# 
_struct_ncs_dom.id            1 
_struct_ncs_dom.details       ? 
_struct_ncs_dom.pdbx_ens_id   1 
# 
_struct_ncs_ens.id        1 
_struct_ncs_ens.details   ? 
# 
_struct.entry_id                  1GYJ 
_struct.title                     
;The Crystal Structure of YdcE, a 4-Oxalocrotonate Tautomerase Homologue from Escherichia coli, Confirms the Structural Basis for Oligomer Diversity
;
_struct.pdbx_model_details        ? 
_struct.pdbx_CASP_flag            ? 
_struct.pdbx_model_type_details   ? 
# 
_struct_keywords.entry_id        1GYJ 
_struct_keywords.pdbx_keywords   ISOMERASE 
_struct_keywords.text            'TAUTOMERASE, ISOMERASE, HYPOTHETICAL PROTEIN' 
# 
loop_
_struct_asym.id 
_struct_asym.pdbx_blank_PDB_chainid_flag 
_struct_asym.pdbx_modified 
_struct_asym.entity_id 
_struct_asym.details 
A N N 1 ? 
B N N 1 ? 
C N N 2 ? 
D N N 2 ? 
# 
_struct_ref.id                         1 
_struct_ref.db_name                    UNP 
_struct_ref.db_code                    YDCE_ECOLI 
_struct_ref.entity_id                  1 
_struct_ref.pdbx_seq_one_letter_code   ? 
_struct_ref.pdbx_align_begin           ? 
_struct_ref.pdbx_db_accession          P31992 
_struct_ref.pdbx_db_isoform            ? 
# 
loop_
_struct_ref_seq.align_id 
_struct_ref_seq.ref_id 
_struct_ref_seq.pdbx_PDB_id_code 
_struct_ref_seq.pdbx_strand_id 
_struct_ref_seq.seq_align_beg 
_struct_ref_seq.pdbx_seq_align_beg_ins_code 
_struct_ref_seq.seq_align_end 
_struct_ref_seq.pdbx_seq_align_end_ins_code 
_struct_ref_seq.pdbx_db_accession 
_struct_ref_seq.db_align_beg 
_struct_ref_seq.pdbx_db_align_beg_ins_code 
_struct_ref_seq.db_align_end 
_struct_ref_seq.pdbx_db_align_end_ins_code 
_struct_ref_seq.pdbx_auth_seq_align_beg 
_struct_ref_seq.pdbx_auth_seq_align_end 
1 1 1GYJ A 1 ? 76 ? P31992 2 ? 77 ? 1 76 
2 1 1GYJ B 1 ? 76 ? P31992 2 ? 77 ? 1 76 
# 
_pdbx_struct_assembly.id                   1 
_pdbx_struct_assembly.details              author_and_software_defined_assembly 
_pdbx_struct_assembly.method_details       PQS 
_pdbx_struct_assembly.oligomeric_details   dimeric 
_pdbx_struct_assembly.oligomeric_count     2 
# 
_pdbx_struct_assembly_gen.assembly_id       1 
_pdbx_struct_assembly_gen.oper_expression   1 
_pdbx_struct_assembly_gen.asym_id_list      A,B,C,D 
# 
_pdbx_struct_oper_list.id                   1 
_pdbx_struct_oper_list.type                 'identity operation' 
_pdbx_struct_oper_list.name                 1_555 
_pdbx_struct_oper_list.symmetry_operation   x,y,z 
_pdbx_struct_oper_list.matrix[1][1]         1.0000000000 
_pdbx_struct_oper_list.matrix[1][2]         0.0000000000 
_pdbx_struct_oper_list.matrix[1][3]         0.0000000000 
_pdbx_struct_oper_list.vector[1]            0.0000000000 
_pdbx_struct_oper_list.matrix[2][1]         0.0000000000 
_pdbx_struct_oper_list.matrix[2][2]         1.0000000000 
_pdbx_struct_oper_list.matrix[2][3]         0.0000000000 
_pdbx_struct_oper_list.vector[2]            0.0000000000 
_pdbx_struct_oper_list.matrix[3][1]         0.0000000000 
_pdbx_struct_oper_list.matrix[3][2]         0.0000000000 
_pdbx_struct_oper_list.matrix[3][3]         1.0000000000 
_pdbx_struct_oper_list.vector[3]            0.0000000000 
# 
_struct_biol.id   1 
# 
loop_
_struct_conf.conf_type_id 
_struct_conf.id 
_struct_conf.pdbx_PDB_helix_id 
_struct_conf.beg_label_comp_id 
_struct_conf.beg_label_asym_id 
_struct_conf.beg_label_seq_id 
_struct_conf.pdbx_beg_PDB_ins_code 
_struct_conf.end_label_comp_id 
_struct_conf.end_label_asym_id 
_struct_conf.end_label_seq_id 
_struct_conf.pdbx_end_PDB_ins_code 
_struct_conf.beg_auth_comp_id 
_struct_conf.beg_auth_asym_id 
_struct_conf.beg_auth_seq_id 
_struct_conf.end_auth_comp_id 
_struct_conf.end_auth_asym_id 
_struct_conf.end_auth_seq_id 
_struct_conf.pdbx_PDB_helix_class 
_struct_conf.details 
_struct_conf.pdbx_PDB_helix_length 
HELX_P HELX_P1 1 ASP A 13 ? ASN A 33 ? ASP A 13 ASN A 33 1 ? 21 
HELX_P HELX_P2 2 LYS A 35 ? ILE A 39 ? LYS A 35 ILE A 39 5 ? 5  
HELX_P HELX_P3 3 SER A 50 ? GLU A 58 ? SER A 50 GLU A 58 1 ? 9  
HELX_P HELX_P4 4 ILE A 59 ? MET A 63 ? ILE A 59 MET A 63 5 ? 5  
HELX_P HELX_P5 5 ASP B 13 ? ASN B 33 ? ASP B 13 ASN B 33 1 ? 21 
HELX_P HELX_P6 6 GLN B 47 ? GLU B 58 ? GLN B 47 GLU B 58 1 ? 12 
HELX_P HELX_P7 7 ILE B 59 ? LEU B 66 ? ILE B 59 LEU B 66 5 ? 8  
# 
_struct_conf_type.id          HELX_P 
_struct_conf_type.criteria    ? 
_struct_conf_type.reference   ? 
# 
_struct_sheet.id               AA 
_struct_sheet.type             ? 
_struct_sheet.number_strands   4 
_struct_sheet.details          ? 
# 
loop_
_struct_sheet_order.sheet_id 
_struct_sheet_order.range_id_1 
_struct_sheet_order.range_id_2 
_struct_sheet_order.offset 
_struct_sheet_order.sense 
AA 1 2 ? parallel      
AA 2 3 ? anti-parallel 
AA 3 4 ? parallel      
# 
loop_
_struct_sheet_range.sheet_id 
_struct_sheet_range.id 
_struct_sheet_range.beg_label_comp_id 
_struct_sheet_range.beg_label_asym_id 
_struct_sheet_range.beg_label_seq_id 
_struct_sheet_range.pdbx_beg_PDB_ins_code 
_struct_sheet_range.end_label_comp_id 
_struct_sheet_range.end_label_asym_id 
_struct_sheet_range.end_label_seq_id 
_struct_sheet_range.pdbx_end_PDB_ins_code 
_struct_sheet_range.beg_auth_comp_id 
_struct_sheet_range.beg_auth_asym_id 
_struct_sheet_range.beg_auth_seq_id 
_struct_sheet_range.end_auth_comp_id 
_struct_sheet_range.end_auth_asym_id 
_struct_sheet_range.end_auth_seq_id 
AA 1 SER A 40 ? GLN A 45 ? SER A 40 GLN A 45 
AA 2 HIS A 2  ? CYS A 7  ? HIS A 2  CYS A 7  
AA 3 HIS B 2  ? CYS B 7  ? HIS B 2  CYS B 7  
AA 4 SER B 40 ? GLN B 45 ? SER B 40 GLN B 45 
# 
loop_
_pdbx_struct_sheet_hbond.sheet_id 
_pdbx_struct_sheet_hbond.range_id_1 
_pdbx_struct_sheet_hbond.range_id_2 
_pdbx_struct_sheet_hbond.range_1_label_atom_id 
_pdbx_struct_sheet_hbond.range_1_label_comp_id 
_pdbx_struct_sheet_hbond.range_1_label_asym_id 
_pdbx_struct_sheet_hbond.range_1_label_seq_id 
_pdbx_struct_sheet_hbond.range_1_PDB_ins_code 
_pdbx_struct_sheet_hbond.range_1_auth_atom_id 
_pdbx_struct_sheet_hbond.range_1_auth_comp_id 
_pdbx_struct_sheet_hbond.range_1_auth_asym_id 
_pdbx_struct_sheet_hbond.range_1_auth_seq_id 
_pdbx_struct_sheet_hbond.range_2_label_atom_id 
_pdbx_struct_sheet_hbond.range_2_label_comp_id 
_pdbx_struct_sheet_hbond.range_2_label_asym_id 
_pdbx_struct_sheet_hbond.range_2_label_seq_id 
_pdbx_struct_sheet_hbond.range_2_PDB_ins_code 
_pdbx_struct_sheet_hbond.range_2_auth_atom_id 
_pdbx_struct_sheet_hbond.range_2_auth_comp_id 
_pdbx_struct_sheet_hbond.range_2_auth_asym_id 
_pdbx_struct_sheet_hbond.range_2_auth_seq_id 
AA 1 2 N ALA A 42 ? N ALA A 42 O ILE A 3  ? O ILE A 3  
AA 2 3 N LYS A 6  ? N LYS A 6  O HIS B 2  ? O HIS B 2  
AA 3 4 N ILE B 3  ? N ILE B 3  O SER B 40 ? O SER B 40 
# 
loop_
_pdbx_validate_torsion.id 
_pdbx_validate_torsion.PDB_model_num 
_pdbx_validate_torsion.auth_comp_id 
_pdbx_validate_torsion.auth_asym_id 
_pdbx_validate_torsion.auth_seq_id 
_pdbx_validate_torsion.PDB_ins_code 
_pdbx_validate_torsion.label_alt_id 
_pdbx_validate_torsion.phi 
_pdbx_validate_torsion.psi 
1 1 TYR A 72 ? ? -58.58  -175.44 
2 1 GLU B 58 ? ? -132.61 -46.75  
# 
loop_
_chem_comp_atom.comp_id 
_chem_comp_atom.atom_id 
_chem_comp_atom.type_symbol 
_chem_comp_atom.pdbx_aromatic_flag 
_chem_comp_atom.pdbx_stereo_config 
_chem_comp_atom.pdbx_ordinal 
ALA N    N N N 1   
ALA CA   C N S 2   
ALA C    C N N 3   
ALA O    O N N 4   
ALA CB   C N N 5   
ALA OXT  O N N 6   
ALA H    H N N 7   
ALA H2   H N N 8   
ALA HA   H N N 9   
ALA HB1  H N N 10  
ALA HB2  H N N 11  
ALA HB3  H N N 12  
ALA HXT  H N N 13  
ARG N    N N N 14  
ARG CA   C N S 15  
ARG C    C N N 16  
ARG O    O N N 17  
ARG CB   C N N 18  
ARG CG   C N N 19  
ARG CD   C N N 20  
ARG NE   N N N 21  
ARG CZ   C N N 22  
ARG NH1  N N N 23  
ARG NH2  N N N 24  
ARG OXT  O N N 25  
ARG H    H N N 26  
ARG H2   H N N 27  
ARG HA   H N N 28  
ARG HB2  H N N 29  
ARG HB3  H N N 30  
ARG HG2  H N N 31  
ARG HG3  H N N 32  
ARG HD2  H N N 33  
ARG HD3  H N N 34  
ARG HE   H N N 35  
ARG HH11 H N N 36  
ARG HH12 H N N 37  
ARG HH21 H N N 38  
ARG HH22 H N N 39  
ARG HXT  H N N 40  
ASN N    N N N 41  
ASN CA   C N S 42  
ASN C    C N N 43  
ASN O    O N N 44  
ASN CB   C N N 45  
ASN CG   C N N 46  
ASN OD1  O N N 47  
ASN ND2  N N N 48  
ASN OXT  O N N 49  
ASN H    H N N 50  
ASN H2   H N N 51  
ASN HA   H N N 52  
ASN HB2  H N N 53  
ASN HB3  H N N 54  
ASN HD21 H N N 55  
ASN HD22 H N N 56  
ASN HXT  H N N 57  
ASP N    N N N 58  
ASP CA   C N S 59  
ASP C    C N N 60  
ASP O    O N N 61  
ASP CB   C N N 62  
ASP CG   C N N 63  
ASP OD1  O N N 64  
ASP OD2  O N N 65  
ASP OXT  O N N 66  
ASP H    H N N 67  
ASP H2   H N N 68  
ASP HA   H N N 69  
ASP HB2  H N N 70  
ASP HB3  H N N 71  
ASP HD2  H N N 72  
ASP HXT  H N N 73  
CYS N    N N N 74  
CYS CA   C N R 75  
CYS C    C N N 76  
CYS O    O N N 77  
CYS CB   C N N 78  
CYS SG   S N N 79  
CYS OXT  O N N 80  
CYS H    H N N 81  
CYS H2   H N N 82  
CYS HA   H N N 83  
CYS HB2  H N N 84  
CYS HB3  H N N 85  
CYS HG   H N N 86  
CYS HXT  H N N 87  
GLN N    N N N 88  
GLN CA   C N S 89  
GLN C    C N N 90  
GLN O    O N N 91  
GLN CB   C N N 92  
GLN CG   C N N 93  
GLN CD   C N N 94  
GLN OE1  O N N 95  
GLN NE2  N N N 96  
GLN OXT  O N N 97  
GLN H    H N N 98  
GLN H2   H N N 99  
GLN HA   H N N 100 
GLN HB2  H N N 101 
GLN HB3  H N N 102 
GLN HG2  H N N 103 
GLN HG3  H N N 104 
GLN HE21 H N N 105 
GLN HE22 H N N 106 
GLN HXT  H N N 107 
GLU N    N N N 108 
GLU CA   C N S 109 
GLU C    C N N 110 
GLU O    O N N 111 
GLU CB   C N N 112 
GLU CG   C N N 113 
GLU CD   C N N 114 
GLU OE1  O N N 115 
GLU OE2  O N N 116 
GLU OXT  O N N 117 
GLU H    H N N 118 
GLU H2   H N N 119 
GLU HA   H N N 120 
GLU HB2  H N N 121 
GLU HB3  H N N 122 
GLU HG2  H N N 123 
GLU HG3  H N N 124 
GLU HE2  H N N 125 
GLU HXT  H N N 126 
GLY N    N N N 127 
GLY CA   C N N 128 
GLY C    C N N 129 
GLY O    O N N 130 
GLY OXT  O N N 131 
GLY H    H N N 132 
GLY H2   H N N 133 
GLY HA2  H N N 134 
GLY HA3  H N N 135 
GLY HXT  H N N 136 
HIS N    N N N 137 
HIS CA   C N S 138 
HIS C    C N N 139 
HIS O    O N N 140 
HIS CB   C N N 141 
HIS CG   C Y N 142 
HIS ND1  N Y N 143 
HIS CD2  C Y N 144 
HIS CE1  C Y N 145 
HIS NE2  N Y N 146 
HIS OXT  O N N 147 
HIS H    H N N 148 
HIS H2   H N N 149 
HIS HA   H N N 150 
HIS HB2  H N N 151 
HIS HB3  H N N 152 
HIS HD1  H N N 153 
HIS HD2  H N N 154 
HIS HE1  H N N 155 
HIS HE2  H N N 156 
HIS HXT  H N N 157 
HOH O    O N N 158 
HOH H1   H N N 159 
HOH H2   H N N 160 
ILE N    N N N 161 
ILE CA   C N S 162 
ILE C    C N N 163 
ILE O    O N N 164 
ILE CB   C N S 165 
ILE CG1  C N N 166 
ILE CG2  C N N 167 
ILE CD1  C N N 168 
ILE OXT  O N N 169 
ILE H    H N N 170 
ILE H2   H N N 171 
ILE HA   H N N 172 
ILE HB   H N N 173 
ILE HG12 H N N 174 
ILE HG13 H N N 175 
ILE HG21 H N N 176 
ILE HG22 H N N 177 
ILE HG23 H N N 178 
ILE HD11 H N N 179 
ILE HD12 H N N 180 
ILE HD13 H N N 181 
ILE HXT  H N N 182 
LEU N    N N N 183 
LEU CA   C N S 184 
LEU C    C N N 185 
LEU O    O N N 186 
LEU CB   C N N 187 
LEU CG   C N N 188 
LEU CD1  C N N 189 
LEU CD2  C N N 190 
LEU OXT  O N N 191 
LEU H    H N N 192 
LEU H2   H N N 193 
LEU HA   H N N 194 
LEU HB2  H N N 195 
LEU HB3  H N N 196 
LEU HG   H N N 197 
LEU HD11 H N N 198 
LEU HD12 H N N 199 
LEU HD13 H N N 200 
LEU HD21 H N N 201 
LEU HD22 H N N 202 
LEU HD23 H N N 203 
LEU HXT  H N N 204 
LYS N    N N N 205 
LYS CA   C N S 206 
LYS C    C N N 207 
LYS O    O N N 208 
LYS CB   C N N 209 
LYS CG   C N N 210 
LYS CD   C N N 211 
LYS CE   C N N 212 
LYS NZ   N N N 213 
LYS OXT  O N N 214 
LYS H    H N N 215 
LYS H2   H N N 216 
LYS HA   H N N 217 
LYS HB2  H N N 218 
LYS HB3  H N N 219 
LYS HG2  H N N 220 
LYS HG3  H N N 221 
LYS HD2  H N N 222 
LYS HD3  H N N 223 
LYS HE2  H N N 224 
LYS HE3  H N N 225 
LYS HZ1  H N N 226 
LYS HZ2  H N N 227 
LYS HZ3  H N N 228 
LYS HXT  H N N 229 
MET N    N N N 230 
MET CA   C N S 231 
MET C    C N N 232 
MET O    O N N 233 
MET CB   C N N 234 
MET CG   C N N 235 
MET SD   S N N 236 
MET CE   C N N 237 
MET OXT  O N N 238 
MET H    H N N 239 
MET H2   H N N 240 
MET HA   H N N 241 
MET HB2  H N N 242 
MET HB3  H N N 243 
MET HG2  H N N 244 
MET HG3  H N N 245 
MET HE1  H N N 246 
MET HE2  H N N 247 
MET HE3  H N N 248 
MET HXT  H N N 249 
PHE N    N N N 250 
PHE CA   C N S 251 
PHE C    C N N 252 
PHE O    O N N 253 
PHE CB   C N N 254 
PHE CG   C Y N 255 
PHE CD1  C Y N 256 
PHE CD2  C Y N 257 
PHE CE1  C Y N 258 
PHE CE2  C Y N 259 
PHE CZ   C Y N 260 
PHE OXT  O N N 261 
PHE H    H N N 262 
PHE H2   H N N 263 
PHE HA   H N N 264 
PHE HB2  H N N 265 
PHE HB3  H N N 266 
PHE HD1  H N N 267 
PHE HD2  H N N 268 
PHE HE1  H N N 269 
PHE HE2  H N N 270 
PHE HZ   H N N 271 
PHE HXT  H N N 272 
PRO N    N N N 273 
PRO CA   C N S 274 
PRO C    C N N 275 
PRO O    O N N 276 
PRO CB   C N N 277 
PRO CG   C N N 278 
PRO CD   C N N 279 
PRO OXT  O N N 280 
PRO H    H N N 281 
PRO HA   H N N 282 
PRO HB2  H N N 283 
PRO HB3  H N N 284 
PRO HG2  H N N 285 
PRO HG3  H N N 286 
PRO HD2  H N N 287 
PRO HD3  H N N 288 
PRO HXT  H N N 289 
SER N    N N N 290 
SER CA   C N S 291 
SER C    C N N 292 
SER O    O N N 293 
SER CB   C N N 294 
SER OG   O N N 295 
SER OXT  O N N 296 
SER H    H N N 297 
SER H2   H N N 298 
SER HA   H N N 299 
SER HB2  H N N 300 
SER HB3  H N N 301 
SER HG   H N N 302 
SER HXT  H N N 303 
THR N    N N N 304 
THR CA   C N S 305 
THR C    C N N 306 
THR O    O N N 307 
THR CB   C N R 308 
THR OG1  O N N 309 
THR CG2  C N N 310 
THR OXT  O N N 311 
THR H    H N N 312 
THR H2   H N N 313 
THR HA   H N N 314 
THR HB   H N N 315 
THR HG1  H N N 316 
THR HG21 H N N 317 
THR HG22 H N N 318 
THR HG23 H N N 319 
THR HXT  H N N 320 
TRP N    N N N 321 
TRP CA   C N S 322 
TRP C    C N N 323 
TRP O    O N N 324 
TRP CB   C N N 325 
TRP CG   C Y N 326 
TRP CD1  C Y N 327 
TRP CD2  C Y N 328 
TRP NE1  N Y N 329 
TRP CE2  C Y N 330 
TRP CE3  C Y N 331 
TRP CZ2  C Y N 332 
TRP CZ3  C Y N 333 
TRP CH2  C Y N 334 
TRP OXT  O N N 335 
TRP H    H N N 336 
TRP H2   H N N 337 
TRP HA   H N N 338 
TRP HB2  H N N 339 
TRP HB3  H N N 340 
TRP HD1  H N N 341 
TRP HE1  H N N 342 
TRP HE3  H N N 343 
TRP HZ2  H N N 344 
TRP HZ3  H N N 345 
TRP HH2  H N N 346 
TRP HXT  H N N 347 
TYR N    N N N 348 
TYR CA   C N S 349 
TYR C    C N N 350 
TYR O    O N N 351 
TYR CB   C N N 352 
TYR CG   C Y N 353 
TYR CD1  C Y N 354 
TYR CD2  C Y N 355 
TYR CE1  C Y N 356 
TYR CE2  C Y N 357 
TYR CZ   C Y N 358 
TYR OH   O N N 359 
TYR OXT  O N N 360 
TYR H    H N N 361 
TYR H2   H N N 362 
TYR HA   H N N 363 
TYR HB2  H N N 364 
TYR HB3  H N N 365 
TYR HD1  H N N 366 
TYR HD2  H N N 367 
TYR HE1  H N N 368 
TYR HE2  H N N 369 
TYR HH   H N N 370 
TYR HXT  H N N 371 
VAL N    N N N 372 
VAL CA   C N S 373 
VAL C    C N N 374 
VAL O    O N N 375 
VAL CB   C N N 376 
VAL CG1  C N N 377 
VAL CG2  C N N 378 
VAL OXT  O N N 379 
VAL H    H N N 380 
VAL H2   H N N 381 
VAL HA   H N N 382 
VAL HB   H N N 383 
VAL HG11 H N N 384 
VAL HG12 H N N 385 
VAL HG13 H N N 386 
VAL HG21 H N N 387 
VAL HG22 H N N 388 
VAL HG23 H N N 389 
VAL HXT  H N N 390 
# 
loop_
_chem_comp_bond.comp_id 
_chem_comp_bond.atom_id_1 
_chem_comp_bond.atom_id_2 
_chem_comp_bond.value_order 
_chem_comp_bond.pdbx_aromatic_flag 
_chem_comp_bond.pdbx_stereo_config 
_chem_comp_bond.pdbx_ordinal 
ALA N   CA   sing N N 1   
ALA N   H    sing N N 2   
ALA N   H2   sing N N 3   
ALA CA  C    sing N N 4   
ALA CA  CB   sing N N 5   
ALA CA  HA   sing N N 6   
ALA C   O    doub N N 7   
ALA C   OXT  sing N N 8   
ALA CB  HB1  sing N N 9   
ALA CB  HB2  sing N N 10  
ALA CB  HB3  sing N N 11  
ALA OXT HXT  sing N N 12  
ARG N   CA   sing N N 13  
ARG N   H    sing N N 14  
ARG N   H2   sing N N 15  
ARG CA  C    sing N N 16  
ARG CA  CB   sing N N 17  
ARG CA  HA   sing N N 18  
ARG C   O    doub N N 19  
ARG C   OXT  sing N N 20  
ARG CB  CG   sing N N 21  
ARG CB  HB2  sing N N 22  
ARG CB  HB3  sing N N 23  
ARG CG  CD   sing N N 24  
ARG CG  HG2  sing N N 25  
ARG CG  HG3  sing N N 26  
ARG CD  NE   sing N N 27  
ARG CD  HD2  sing N N 28  
ARG CD  HD3  sing N N 29  
ARG NE  CZ   sing N N 30  
ARG NE  HE   sing N N 31  
ARG CZ  NH1  sing N N 32  
ARG CZ  NH2  doub N N 33  
ARG NH1 HH11 sing N N 34  
ARG NH1 HH12 sing N N 35  
ARG NH2 HH21 sing N N 36  
ARG NH2 HH22 sing N N 37  
ARG OXT HXT  sing N N 38  
ASN N   CA   sing N N 39  
ASN N   H    sing N N 40  
ASN N   H2   sing N N 41  
ASN CA  C    sing N N 42  
ASN CA  CB   sing N N 43  
ASN CA  HA   sing N N 44  
ASN C   O    doub N N 45  
ASN C   OXT  sing N N 46  
ASN CB  CG   sing N N 47  
ASN CB  HB2  sing N N 48  
ASN CB  HB3  sing N N 49  
ASN CG  OD1  doub N N 50  
ASN CG  ND2  sing N N 51  
ASN ND2 HD21 sing N N 52  
ASN ND2 HD22 sing N N 53  
ASN OXT HXT  sing N N 54  
ASP N   CA   sing N N 55  
ASP N   H    sing N N 56  
ASP N   H2   sing N N 57  
ASP CA  C    sing N N 58  
ASP CA  CB   sing N N 59  
ASP CA  HA   sing N N 60  
ASP C   O    doub N N 61  
ASP C   OXT  sing N N 62  
ASP CB  CG   sing N N 63  
ASP CB  HB2  sing N N 64  
ASP CB  HB3  sing N N 65  
ASP CG  OD1  doub N N 66  
ASP CG  OD2  sing N N 67  
ASP OD2 HD2  sing N N 68  
ASP OXT HXT  sing N N 69  
CYS N   CA   sing N N 70  
CYS N   H    sing N N 71  
CYS N   H2   sing N N 72  
CYS CA  C    sing N N 73  
CYS CA  CB   sing N N 74  
CYS CA  HA   sing N N 75  
CYS C   O    doub N N 76  
CYS C   OXT  sing N N 77  
CYS CB  SG   sing N N 78  
CYS CB  HB2  sing N N 79  
CYS CB  HB3  sing N N 80  
CYS SG  HG   sing N N 81  
CYS OXT HXT  sing N N 82  
GLN N   CA   sing N N 83  
GLN N   H    sing N N 84  
GLN N   H2   sing N N 85  
GLN CA  C    sing N N 86  
GLN CA  CB   sing N N 87  
GLN CA  HA   sing N N 88  
GLN C   O    doub N N 89  
GLN C   OXT  sing N N 90  
GLN CB  CG   sing N N 91  
GLN CB  HB2  sing N N 92  
GLN CB  HB3  sing N N 93  
GLN CG  CD   sing N N 94  
GLN CG  HG2  sing N N 95  
GLN CG  HG3  sing N N 96  
GLN CD  OE1  doub N N 97  
GLN CD  NE2  sing N N 98  
GLN NE2 HE21 sing N N 99  
GLN NE2 HE22 sing N N 100 
GLN OXT HXT  sing N N 101 
GLU N   CA   sing N N 102 
GLU N   H    sing N N 103 
GLU N   H2   sing N N 104 
GLU CA  C    sing N N 105 
GLU CA  CB   sing N N 106 
GLU CA  HA   sing N N 107 
GLU C   O    doub N N 108 
GLU C   OXT  sing N N 109 
GLU CB  CG   sing N N 110 
GLU CB  HB2  sing N N 111 
GLU CB  HB3  sing N N 112 
GLU CG  CD   sing N N 113 
GLU CG  HG2  sing N N 114 
GLU CG  HG3  sing N N 115 
GLU CD  OE1  doub N N 116 
GLU CD  OE2  sing N N 117 
GLU OE2 HE2  sing N N 118 
GLU OXT HXT  sing N N 119 
GLY N   CA   sing N N 120 
GLY N   H    sing N N 121 
GLY N   H2   sing N N 122 
GLY CA  C    sing N N 123 
GLY CA  HA2  sing N N 124 
GLY CA  HA3  sing N N 125 
GLY C   O    doub N N 126 
GLY C   OXT  sing N N 127 
GLY OXT HXT  sing N N 128 
HIS N   CA   sing N N 129 
HIS N   H    sing N N 130 
HIS N   H2   sing N N 131 
HIS CA  C    sing N N 132 
HIS CA  CB   sing N N 133 
HIS CA  HA   sing N N 134 
HIS C   O    doub N N 135 
HIS C   OXT  sing N N 136 
HIS CB  CG   sing N N 137 
HIS CB  HB2  sing N N 138 
HIS CB  HB3  sing N N 139 
HIS CG  ND1  sing Y N 140 
HIS CG  CD2  doub Y N 141 
HIS ND1 CE1  doub Y N 142 
HIS ND1 HD1  sing N N 143 
HIS CD2 NE2  sing Y N 144 
HIS CD2 HD2  sing N N 145 
HIS CE1 NE2  sing Y N 146 
HIS CE1 HE1  sing N N 147 
HIS NE2 HE2  sing N N 148 
HIS OXT HXT  sing N N 149 
HOH O   H1   sing N N 150 
HOH O   H2   sing N N 151 
ILE N   CA   sing N N 152 
ILE N   H    sing N N 153 
ILE N   H2   sing N N 154 
ILE CA  C    sing N N 155 
ILE CA  CB   sing N N 156 
ILE CA  HA   sing N N 157 
ILE C   O    doub N N 158 
ILE C   OXT  sing N N 159 
ILE CB  CG1  sing N N 160 
ILE CB  CG2  sing N N 161 
ILE CB  HB   sing N N 162 
ILE CG1 CD1  sing N N 163 
ILE CG1 HG12 sing N N 164 
ILE CG1 HG13 sing N N 165 
ILE CG2 HG21 sing N N 166 
ILE CG2 HG22 sing N N 167 
ILE CG2 HG23 sing N N 168 
ILE CD1 HD11 sing N N 169 
ILE CD1 HD12 sing N N 170 
ILE CD1 HD13 sing N N 171 
ILE OXT HXT  sing N N 172 
LEU N   CA   sing N N 173 
LEU N   H    sing N N 174 
LEU N   H2   sing N N 175 
LEU CA  C    sing N N 176 
LEU CA  CB   sing N N 177 
LEU CA  HA   sing N N 178 
LEU C   O    doub N N 179 
LEU C   OXT  sing N N 180 
LEU CB  CG   sing N N 181 
LEU CB  HB2  sing N N 182 
LEU CB  HB3  sing N N 183 
LEU CG  CD1  sing N N 184 
LEU CG  CD2  sing N N 185 
LEU CG  HG   sing N N 186 
LEU CD1 HD11 sing N N 187 
LEU CD1 HD12 sing N N 188 
LEU CD1 HD13 sing N N 189 
LEU CD2 HD21 sing N N 190 
LEU CD2 HD22 sing N N 191 
LEU CD2 HD23 sing N N 192 
LEU OXT HXT  sing N N 193 
LYS N   CA   sing N N 194 
LYS N   H    sing N N 195 
LYS N   H2   sing N N 196 
LYS CA  C    sing N N 197 
LYS CA  CB   sing N N 198 
LYS CA  HA   sing N N 199 
LYS C   O    doub N N 200 
LYS C   OXT  sing N N 201 
LYS CB  CG   sing N N 202 
LYS CB  HB2  sing N N 203 
LYS CB  HB3  sing N N 204 
LYS CG  CD   sing N N 205 
LYS CG  HG2  sing N N 206 
LYS CG  HG3  sing N N 207 
LYS CD  CE   sing N N 208 
LYS CD  HD2  sing N N 209 
LYS CD  HD3  sing N N 210 
LYS CE  NZ   sing N N 211 
LYS CE  HE2  sing N N 212 
LYS CE  HE3  sing N N 213 
LYS NZ  HZ1  sing N N 214 
LYS NZ  HZ2  sing N N 215 
LYS NZ  HZ3  sing N N 216 
LYS OXT HXT  sing N N 217 
MET N   CA   sing N N 218 
MET N   H    sing N N 219 
MET N   H2   sing N N 220 
MET CA  C    sing N N 221 
MET CA  CB   sing N N 222 
MET CA  HA   sing N N 223 
MET C   O    doub N N 224 
MET C   OXT  sing N N 225 
MET CB  CG   sing N N 226 
MET CB  HB2  sing N N 227 
MET CB  HB3  sing N N 228 
MET CG  SD   sing N N 229 
MET CG  HG2  sing N N 230 
MET CG  HG3  sing N N 231 
MET SD  CE   sing N N 232 
MET CE  HE1  sing N N 233 
MET CE  HE2  sing N N 234 
MET CE  HE3  sing N N 235 
MET OXT HXT  sing N N 236 
PHE N   CA   sing N N 237 
PHE N   H    sing N N 238 
PHE N   H2   sing N N 239 
PHE CA  C    sing N N 240 
PHE CA  CB   sing N N 241 
PHE CA  HA   sing N N 242 
PHE C   O    doub N N 243 
PHE C   OXT  sing N N 244 
PHE CB  CG   sing N N 245 
PHE CB  HB2  sing N N 246 
PHE CB  HB3  sing N N 247 
PHE CG  CD1  doub Y N 248 
PHE CG  CD2  sing Y N 249 
PHE CD1 CE1  sing Y N 250 
PHE CD1 HD1  sing N N 251 
PHE CD2 CE2  doub Y N 252 
PHE CD2 HD2  sing N N 253 
PHE CE1 CZ   doub Y N 254 
PHE CE1 HE1  sing N N 255 
PHE CE2 CZ   sing Y N 256 
PHE CE2 HE2  sing N N 257 
PHE CZ  HZ   sing N N 258 
PHE OXT HXT  sing N N 259 
PRO N   CA   sing N N 260 
PRO N   CD   sing N N 261 
PRO N   H    sing N N 262 
PRO CA  C    sing N N 263 
PRO CA  CB   sing N N 264 
PRO CA  HA   sing N N 265 
PRO C   O    doub N N 266 
PRO C   OXT  sing N N 267 
PRO CB  CG   sing N N 268 
PRO CB  HB2  sing N N 269 
PRO CB  HB3  sing N N 270 
PRO CG  CD   sing N N 271 
PRO CG  HG2  sing N N 272 
PRO CG  HG3  sing N N 273 
PRO CD  HD2  sing N N 274 
PRO CD  HD3  sing N N 275 
PRO OXT HXT  sing N N 276 
SER N   CA   sing N N 277 
SER N   H    sing N N 278 
SER N   H2   sing N N 279 
SER CA  C    sing N N 280 
SER CA  CB   sing N N 281 
SER CA  HA   sing N N 282 
SER C   O    doub N N 283 
SER C   OXT  sing N N 284 
SER CB  OG   sing N N 285 
SER CB  HB2  sing N N 286 
SER CB  HB3  sing N N 287 
SER OG  HG   sing N N 288 
SER OXT HXT  sing N N 289 
THR N   CA   sing N N 290 
THR N   H    sing N N 291 
THR N   H2   sing N N 292 
THR CA  C    sing N N 293 
THR CA  CB   sing N N 294 
THR CA  HA   sing N N 295 
THR C   O    doub N N 296 
THR C   OXT  sing N N 297 
THR CB  OG1  sing N N 298 
THR CB  CG2  sing N N 299 
THR CB  HB   sing N N 300 
THR OG1 HG1  sing N N 301 
THR CG2 HG21 sing N N 302 
THR CG2 HG22 sing N N 303 
THR CG2 HG23 sing N N 304 
THR OXT HXT  sing N N 305 
TRP N   CA   sing N N 306 
TRP N   H    sing N N 307 
TRP N   H2   sing N N 308 
TRP CA  C    sing N N 309 
TRP CA  CB   sing N N 310 
TRP CA  HA   sing N N 311 
TRP C   O    doub N N 312 
TRP C   OXT  sing N N 313 
TRP CB  CG   sing N N 314 
TRP CB  HB2  sing N N 315 
TRP CB  HB3  sing N N 316 
TRP CG  CD1  doub Y N 317 
TRP CG  CD2  sing Y N 318 
TRP CD1 NE1  sing Y N 319 
TRP CD1 HD1  sing N N 320 
TRP CD2 CE2  doub Y N 321 
TRP CD2 CE3  sing Y N 322 
TRP NE1 CE2  sing Y N 323 
TRP NE1 HE1  sing N N 324 
TRP CE2 CZ2  sing Y N 325 
TRP CE3 CZ3  doub Y N 326 
TRP CE3 HE3  sing N N 327 
TRP CZ2 CH2  doub Y N 328 
TRP CZ2 HZ2  sing N N 329 
TRP CZ3 CH2  sing Y N 330 
TRP CZ3 HZ3  sing N N 331 
TRP CH2 HH2  sing N N 332 
TRP OXT HXT  sing N N 333 
TYR N   CA   sing N N 334 
TYR N   H    sing N N 335 
TYR N   H2   sing N N 336 
TYR CA  C    sing N N 337 
TYR CA  CB   sing N N 338 
TYR CA  HA   sing N N 339 
TYR C   O    doub N N 340 
TYR C   OXT  sing N N 341 
TYR CB  CG   sing N N 342 
TYR CB  HB2  sing N N 343 
TYR CB  HB3  sing N N 344 
TYR CG  CD1  doub Y N 345 
TYR CG  CD2  sing Y N 346 
TYR CD1 CE1  sing Y N 347 
TYR CD1 HD1  sing N N 348 
TYR CD2 CE2  doub Y N 349 
TYR CD2 HD2  sing N N 350 
TYR CE1 CZ   doub Y N 351 
TYR CE1 HE1  sing N N 352 
TYR CE2 CZ   sing Y N 353 
TYR CE2 HE2  sing N N 354 
TYR CZ  OH   sing N N 355 
TYR OH  HH   sing N N 356 
TYR OXT HXT  sing N N 357 
VAL N   CA   sing N N 358 
VAL N   H    sing N N 359 
VAL N   H2   sing N N 360 
VAL CA  C    sing N N 361 
VAL CA  CB   sing N N 362 
VAL CA  HA   sing N N 363 
VAL C   O    doub N N 364 
VAL C   OXT  sing N N 365 
VAL CB  CG1  sing N N 366 
VAL CB  CG2  sing N N 367 
VAL CB  HB   sing N N 368 
VAL CG1 HG11 sing N N 369 
VAL CG1 HG12 sing N N 370 
VAL CG1 HG13 sing N N 371 
VAL CG2 HG21 sing N N 372 
VAL CG2 HG22 sing N N 373 
VAL CG2 HG23 sing N N 374 
VAL OXT HXT  sing N N 375 
# 
_pdbx_initial_refinement_model.accession_code   ? 
_pdbx_initial_refinement_model.id               1 
_pdbx_initial_refinement_model.entity_id_list   ? 
_pdbx_initial_refinement_model.type             'experimental model' 
_pdbx_initial_refinement_model.source_name      Other 
_pdbx_initial_refinement_model.details          'UNPUBLISHED 1.35 ANG. RES. YDCE STRUCTURE DETERMINED BY MIR' 
# 
_atom_sites.entry_id                    1GYJ 
_atom_sites.fract_transf_matrix[1][1]   0.00029871 
_atom_sites.fract_transf_matrix[1][2]   -0.00623527 
_atom_sites.fract_transf_matrix[1][3]   -0.02611015 
_atom_sites.fract_transf_matrix[2][1]   0.01551950 
_atom_sites.fract_transf_matrix[2][2]   0.00214778 
_atom_sites.fract_transf_matrix[2][3]   -0.00033536 
_atom_sites.fract_transf_matrix[3][1]   0.00193811 
_atom_sites.fract_transf_matrix[3][2]   -0.01349766 
_atom_sites.fract_transf_matrix[3][3]   0.00324550 
_atom_sites.fract_transf_vector[1]      0.295764 
_atom_sites.fract_transf_vector[2]      -0.107829 
_atom_sites.fract_transf_vector[3]      0.317617 
# 
loop_
_atom_type.symbol 
C 
N 
O 
S 
# 
loop_
_atom_site.group_PDB 
_atom_site.id 
_atom_site.type_symbol 
_atom_site.label_atom_id 
_atom_site.label_alt_id 
_atom_site.label_comp_id 
_atom_site.label_asym_id 
_atom_site.label_entity_id 
_atom_site.label_seq_id 
_atom_site.pdbx_PDB_ins_code 
_atom_site.Cartn_x 
_atom_site.Cartn_y 
_atom_site.Cartn_z 
_atom_site.occupancy 
_atom_site.B_iso_or_equiv 
_atom_site.pdbx_formal_charge 
_atom_site.auth_seq_id 
_atom_site.auth_comp_id 
_atom_site.auth_asym_id 
_atom_site.auth_atom_id 
_atom_site.pdbx_PDB_model_num 
ATOM   1    N N   . PRO A 1 1  ? -1.942  9.277   -5.054  1.00 14.94 ? 1    PRO A N   1 
ATOM   2    C CA  . PRO A 1 1  ? -1.804  8.456   -3.832  1.00 15.15 ? 1    PRO A CA  1 
ATOM   3    C C   . PRO A 1 1  ? -0.502  7.666   -3.839  1.00 14.93 ? 1    PRO A C   1 
ATOM   4    O O   . PRO A 1 1  ? 0.062   7.413   -4.897  1.00 16.49 ? 1    PRO A O   1 
ATOM   5    C CB  . PRO A 1 1  ? -2.998  7.517   -3.810  1.00 14.27 ? 1    PRO A CB  1 
ATOM   6    C CG  . PRO A 1 1  ? -4.042  8.370   -4.494  1.00 15.26 ? 1    PRO A CG  1 
ATOM   7    C CD  . PRO A 1 1  ? -3.282  9.079   -5.637  1.00 15.08 ? 1    PRO A CD  1 
ATOM   8    N N   . HIS A 1 2  ? -0.006  7.302   -2.663  1.00 14.82 ? 2    HIS A N   1 
ATOM   9    C CA  . HIS A 1 2  ? 1.220   6.504   -2.589  1.00 14.09 ? 2    HIS A CA  1 
ATOM   10   C C   . HIS A 1 2  ? 0.889   5.211   -1.869  1.00 14.85 ? 2    HIS A C   1 
ATOM   11   O O   . HIS A 1 2  ? 0.434   5.227   -0.739  1.00 14.41 ? 2    HIS A O   1 
ATOM   12   C CB  . HIS A 1 2  ? 2.329   7.238   -1.838  1.00 14.70 ? 2    HIS A CB  1 
ATOM   13   C CG  . HIS A 1 2  ? 3.562   6.410   -1.639  1.00 15.85 ? 2    HIS A CG  1 
ATOM   14   N ND1 . HIS A 1 2  ? 4.310   5.931   -2.692  1.00 15.53 ? 2    HIS A ND1 1 
ATOM   15   C CD2 . HIS A 1 2  ? 4.124   5.903   -0.514  1.00 13.40 ? 2    HIS A CD2 1 
ATOM   16   C CE1 . HIS A 1 2  ? 5.277   5.158   -2.226  1.00 15.93 ? 2    HIS A CE1 1 
ATOM   17   N NE2 . HIS A 1 2  ? 5.184   5.124   -0.909  1.00 14.61 ? 2    HIS A NE2 1 
ATOM   18   N N   . ILE A 1 3  ? 1.106   4.087   -2.543  1.00 14.84 ? 3    ILE A N   1 
ATOM   19   C CA  . ILE A 1 3  ? 0.805   2.781   -1.974  1.00 15.67 ? 3    ILE A CA  1 
ATOM   20   C C   . ILE A 1 3  ? 2.087   2.050   -1.587  1.00 16.00 ? 3    ILE A C   1 
ATOM   21   O O   . ILE A 1 3  ? 3.038   2.005   -2.360  1.00 18.31 ? 3    ILE A O   1 
ATOM   22   C CB  . ILE A 1 3  ? -0.005  1.892   -2.987  1.00 13.85 ? 3    ILE A CB  1 
ATOM   23   C CG1 . ILE A 1 3  ? -1.365  2.531   -3.288  1.00 11.35 ? 3    ILE A CG1 1 
ATOM   24   C CG2 . ILE A 1 3  ? -0.258  0.504   -2.398  1.00 12.60 ? 3    ILE A CG2 1 
ATOM   25   C CD1 . ILE A 1 3  ? -1.305  3.775   -4.145  1.00 15.25 ? 3    ILE A CD1 1 
ATOM   26   N N   . ASP A 1 4  ? 2.109   1.488   -0.384  1.00 16.22 ? 4    ASP A N   1 
ATOM   27   C CA  . ASP A 1 4  ? 3.265   0.740   0.090   1.00 18.65 ? 4    ASP A CA  1 
ATOM   28   C C   . ASP A 1 4  ? 2.834   -0.686  0.413   1.00 18.97 ? 4    ASP A C   1 
ATOM   29   O O   . ASP A 1 4  ? 1.931   -0.896  1.216   1.00 18.78 ? 4    ASP A O   1 
ATOM   30   C CB  . ASP A 1 4  ? 3.868   1.394   1.339   1.00 18.87 ? 4    ASP A CB  1 
ATOM   31   C CG  . ASP A 1 4  ? 5.102   0.668   1.841   1.00 19.03 ? 4    ASP A CG  1 
ATOM   32   O OD1 . ASP A 1 4  ? 4.969   -0.331  2.581   1.00 21.74 ? 4    ASP A OD1 1 
ATOM   33   O OD2 . ASP A 1 4  ? 6.216   1.099   1.486   1.00 20.08 ? 4    ASP A OD2 1 
ATOM   34   N N   . ILE A 1 5  ? 3.494   -1.649  -0.230  1.00 18.52 ? 5    ILE A N   1 
ATOM   35   C CA  . ILE A 1 5  ? 3.240   -3.077  -0.049  1.00 18.41 ? 5    ILE A CA  1 
ATOM   36   C C   . ILE A 1 5  ? 4.439   -3.728  0.631   1.00 18.64 ? 5    ILE A C   1 
ATOM   37   O O   . ILE A 1 5  ? 5.538   -3.756  0.080   1.00 19.84 ? 5    ILE A O   1 
ATOM   38   C CB  . ILE A 1 5  ? 3.030   -3.804  -1.410  1.00 18.14 ? 5    ILE A CB  1 
ATOM   39   C CG1 . ILE A 1 5  ? 1.887   -3.153  -2.187  1.00 16.58 ? 5    ILE A CG1 1 
ATOM   40   C CG2 . ILE A 1 5  ? 2.719   -5.284  -1.178  1.00 19.55 ? 5    ILE A CG2 1 
ATOM   41   C CD1 . ILE A 1 5  ? 1.792   -3.581  -3.640  1.00 14.27 ? 5    ILE A CD1 1 
ATOM   42   N N   . LYS A 1 6  ? 4.233   -4.236  1.838   1.00 20.35 ? 6    LYS A N   1 
ATOM   43   C CA  . LYS A 1 6  ? 5.295   -4.921  2.563   1.00 19.96 ? 6    LYS A CA  1 
ATOM   44   C C   . LYS A 1 6  ? 4.961   -6.405  2.531   1.00 19.75 ? 6    LYS A C   1 
ATOM   45   O O   . LYS A 1 6  ? 3.830   -6.798  2.818   1.00 18.52 ? 6    LYS A O   1 
ATOM   46   C CB  . LYS A 1 6  ? 5.381   -4.430  4.011   1.00 20.97 ? 6    LYS A CB  1 
ATOM   47   C CG  . LYS A 1 6  ? 6.029   -3.069  4.155   1.00 22.58 ? 6    LYS A CG  1 
ATOM   48   C CD  . LYS A 1 6  ? 6.173   -2.696  5.611   1.00 24.33 ? 6    LYS A CD  1 
ATOM   49   C CE  . LYS A 1 6  ? 6.850   -1.342  5.768   1.00 23.34 ? 6    LYS A CE  1 
ATOM   50   N NZ  . LYS A 1 6  ? 6.088   -0.235  5.130   1.00 22.87 ? 6    LYS A NZ  1 
ATOM   51   N N   . CYS A 1 7  ? 5.937   -7.219  2.148   1.00 18.75 ? 7    CYS A N   1 
ATOM   52   C CA  . CYS A 1 7  ? 5.735   -8.660  2.061   1.00 19.58 ? 7    CYS A CA  1 
ATOM   53   C C   . CYS A 1 7  ? 7.023   -9.415  2.332   1.00 20.73 ? 7    CYS A C   1 
ATOM   54   O O   . CYS A 1 7  ? 8.101   -8.820  2.393   1.00 18.62 ? 7    CYS A O   1 
ATOM   55   C CB  . CYS A 1 7  ? 5.233   -9.040  0.666   1.00 20.16 ? 7    CYS A CB  1 
ATOM   56   S SG  . CYS A 1 7  ? 6.332   -8.558  -0.691  1.00 21.94 ? 7    CYS A SG  1 
ATOM   57   N N   . PHE A 1 8  ? 6.905   -10.728 2.502   1.00 20.48 ? 8    PHE A N   1 
ATOM   58   C CA  . PHE A 1 8  ? 8.080   -11.544 2.724   1.00 21.33 ? 8    PHE A CA  1 
ATOM   59   C C   . PHE A 1 8  ? 8.775   -11.657 1.370   1.00 23.47 ? 8    PHE A C   1 
ATOM   60   O O   . PHE A 1 8  ? 8.130   -11.521 0.327   1.00 23.54 ? 8    PHE A O   1 
ATOM   61   C CB  . PHE A 1 8  ? 7.670   -12.918 3.257   1.00 19.87 ? 8    PHE A CB  1 
ATOM   62   C CG  . PHE A 1 8  ? 7.271   -12.908 4.708   1.00 18.37 ? 8    PHE A CG  1 
ATOM   63   C CD1 . PHE A 1 8  ? 6.071   -13.484 5.121   1.00 16.95 ? 8    PHE A CD1 1 
ATOM   64   C CD2 . PHE A 1 8  ? 8.113   -12.347 5.674   1.00 18.68 ? 8    PHE A CD2 1 
ATOM   65   C CE1 . PHE A 1 8  ? 5.718   -13.500 6.481   1.00 18.05 ? 8    PHE A CE1 1 
ATOM   66   C CE2 . PHE A 1 8  ? 7.766   -12.361 7.026   1.00 14.93 ? 8    PHE A CE2 1 
ATOM   67   C CZ  . PHE A 1 8  ? 6.569   -12.939 7.427   1.00 16.60 ? 8    PHE A CZ  1 
ATOM   68   N N   . PRO A 1 9  ? 10.100  -11.902 1.367   1.00 25.39 ? 9    PRO A N   1 
ATOM   69   C CA  . PRO A 1 9  ? 10.875  -12.024 0.128   1.00 27.22 ? 9    PRO A CA  1 
ATOM   70   C C   . PRO A 1 9  ? 10.244  -12.906 -0.938  1.00 29.24 ? 9    PRO A C   1 
ATOM   71   O O   . PRO A 1 9  ? 9.849   -14.044 -0.692  1.00 27.27 ? 9    PRO A O   1 
ATOM   72   C CB  . PRO A 1 9  ? 12.243  -12.524 0.611   1.00 28.76 ? 9    PRO A CB  1 
ATOM   73   C CG  . PRO A 1 9  ? 11.954  -13.142 1.950   1.00 27.65 ? 9    PRO A CG  1 
ATOM   74   C CD  . PRO A 1 9  ? 10.934  -12.219 2.535   1.00 24.63 ? 9    PRO A CD  1 
ATOM   75   N N   . ARG A 1 10 ? 10.152  -12.332 -2.131  1.00 34.06 ? 10   ARG A N   1 
ATOM   76   C CA  . ARG A 1 10 ? 9.552   -12.969 -3.290  1.00 37.69 ? 10   ARG A CA  1 
ATOM   77   C C   . ARG A 1 10 ? 10.510  -12.920 -4.456  1.00 38.93 ? 10   ARG A C   1 
ATOM   78   O O   . ARG A 1 10 ? 11.475  -12.164 -4.461  1.00 39.55 ? 10   ARG A O   1 
ATOM   79   C CB  . ARG A 1 10 ? 8.295   -12.208 -3.725  1.00 39.99 ? 10   ARG A CB  1 
ATOM   80   C CG  . ARG A 1 10 ? 6.974   -12.896 -3.490  1.00 44.88 ? 10   ARG A CG  1 
ATOM   81   C CD  . ARG A 1 10 ? 6.499   -12.677 -2.072  1.00 48.77 ? 10   ARG A CD  1 
ATOM   82   N NE  . ARG A 1 10 ? 5.135   -13.150 -1.857  1.00 51.43 ? 10   ARG A NE  1 
ATOM   83   C CZ  . ARG A 1 10 ? 4.479   -13.008 -0.710  1.00 53.79 ? 10   ARG A CZ  1 
ATOM   84   N NH1 . ARG A 1 10 ? 3.236   -13.461 -0.585  1.00 54.77 ? 10   ARG A NH1 1 
ATOM   85   N NH2 . ARG A 1 10 ? 5.068   -12.407 0.316   1.00 54.59 ? 10   ARG A NH2 1 
ATOM   86   N N   . GLU A 1 11 ? 10.213  -13.729 -5.458  1.00 40.94 ? 11   GLU A N   1 
ATOM   87   C CA  . GLU A 1 11 ? 10.997  -13.738 -6.670  1.00 42.31 ? 11   GLU A CA  1 
ATOM   88   C C   . GLU A 1 11 ? 10.081  -12.996 -7.639  1.00 41.74 ? 11   GLU A C   1 
ATOM   89   O O   . GLU A 1 11 ? 8.988   -13.468 -7.956  1.00 42.50 ? 11   GLU A O   1 
ATOM   90   C CB  . GLU A 1 11 ? 11.240  -15.173 -7.148  1.00 45.67 ? 11   GLU A CB  1 
ATOM   91   C CG  . GLU A 1 11 ? 12.627  -15.387 -7.726  1.00 49.21 ? 11   GLU A CG  1 
ATOM   92   C CD  . GLU A 1 11 ? 13.722  -15.123 -6.701  1.00 52.56 ? 11   GLU A CD  1 
ATOM   93   O OE1 . GLU A 1 11 ? 13.795  -15.876 -5.704  1.00 52.82 ? 11   GLU A OE1 1 
ATOM   94   O OE2 . GLU A 1 11 ? 14.504  -14.164 -6.889  1.00 54.16 ? 11   GLU A OE2 1 
ATOM   95   N N   . LEU A 1 12 ? 10.501  -11.812 -8.066  1.00 40.53 ? 12   LEU A N   1 
ATOM   96   C CA  . LEU A 1 12 ? 9.707   -11.023 -8.995  1.00 39.14 ? 12   LEU A CA  1 
ATOM   97   C C   . LEU A 1 12 ? 10.591  -10.333 -10.014 1.00 38.17 ? 12   LEU A C   1 
ATOM   98   O O   . LEU A 1 12 ? 11.354  -9.432  -9.662  1.00 38.34 ? 12   LEU A O   1 
ATOM   99   C CB  . LEU A 1 12 ? 8.897   -9.947  -8.262  1.00 38.08 ? 12   LEU A CB  1 
ATOM   100  C CG  . LEU A 1 12 ? 7.819   -10.278 -7.232  1.00 36.48 ? 12   LEU A CG  1 
ATOM   101  C CD1 . LEU A 1 12 ? 7.089   -8.983  -6.905  1.00 35.60 ? 12   LEU A CD1 1 
ATOM   102  C CD2 . LEU A 1 12 ? 6.839   -11.315 -7.761  1.00 36.04 ? 12   LEU A CD2 1 
ATOM   103  N N   . ASP A 1 13 ? 10.500  -10.747 -11.272 1.00 36.34 ? 13   ASP A N   1 
ATOM   104  C CA  . ASP A 1 13 ? 11.288  -10.098 -12.308 1.00 35.77 ? 13   ASP A CA  1 
ATOM   105  C C   . ASP A 1 13 ? 10.618  -8.756  -12.596 1.00 34.63 ? 13   ASP A C   1 
ATOM   106  O O   . ASP A 1 13 ? 9.607   -8.420  -11.987 1.00 34.05 ? 13   ASP A O   1 
ATOM   107  C CB  . ASP A 1 13 ? 11.335  -10.952 -13.578 1.00 36.64 ? 13   ASP A CB  1 
ATOM   108  C CG  . ASP A 1 13 ? 9.961   -11.391 -14.038 1.00 37.27 ? 13   ASP A CG  1 
ATOM   109  O OD1 . ASP A 1 13 ? 9.076   -10.525 -14.209 1.00 36.40 ? 13   ASP A OD1 1 
ATOM   110  O OD2 . ASP A 1 13 ? 9.770   -12.608 -14.241 1.00 38.19 ? 13   ASP A OD2 1 
ATOM   111  N N   . GLU A 1 14 ? 11.182  -8.000  -13.529 1.00 33.85 ? 14   GLU A N   1 
ATOM   112  C CA  . GLU A 1 14 ? 10.653  -6.685  -13.881 1.00 34.05 ? 14   GLU A CA  1 
ATOM   113  C C   . GLU A 1 14 ? 9.244   -6.685  -14.467 1.00 32.44 ? 14   GLU A C   1 
ATOM   114  O O   . GLU A 1 14 ? 8.540   -5.667  -14.407 1.00 33.04 ? 14   GLU A O   1 
ATOM   115  C CB  . GLU A 1 14 ? 11.621  -5.995  -14.834 1.00 36.40 ? 14   GLU A CB  1 
ATOM   116  C CG  . GLU A 1 14 ? 12.893  -5.543  -14.146 1.00 38.96 ? 14   GLU A CG  1 
ATOM   117  C CD  . GLU A 1 14 ? 12.602  -4.555  -13.030 1.00 40.43 ? 14   GLU A CD  1 
ATOM   118  O OE1 . GLU A 1 14 ? 12.141  -3.439  -13.342 1.00 41.40 ? 14   GLU A OE1 1 
ATOM   119  O OE2 . GLU A 1 14 ? 12.821  -4.888  -11.845 1.00 41.80 ? 14   GLU A OE2 1 
ATOM   120  N N   . GLN A 1 15 ? 8.848   -7.807  -15.060 1.00 30.92 ? 15   GLN A N   1 
ATOM   121  C CA  . GLN A 1 15 ? 7.522   -7.931  -15.644 1.00 30.33 ? 15   GLN A CA  1 
ATOM   122  C C   . GLN A 1 15 ? 6.491   -8.208  -14.571 1.00 27.16 ? 15   GLN A C   1 
ATOM   123  O O   . GLN A 1 15 ? 5.362   -7.755  -14.666 1.00 28.52 ? 15   GLN A O   1 
ATOM   124  C CB  . GLN A 1 15 ? 7.487   -9.057  -16.659 1.00 31.98 ? 15   GLN A CB  1 
ATOM   125  C CG  . GLN A 1 15 ? 8.431   -8.832  -17.805 1.00 36.80 ? 15   GLN A CG  1 
ATOM   126  C CD  . GLN A 1 15 ? 7.905   -7.837  -18.809 1.00 41.26 ? 15   GLN A CD  1 
ATOM   127  O OE1 . GLN A 1 15 ? 7.197   -6.867  -18.469 1.00 41.96 ? 15   GLN A OE1 1 
ATOM   128  N NE2 . GLN A 1 15 ? 8.263   -8.057  -20.074 1.00 41.51 ? 15   GLN A NE2 1 
ATOM   129  N N   . GLN A 1 16 ? 6.875   -8.966  -13.553 1.00 26.68 ? 16   GLN A N   1 
ATOM   130  C CA  . GLN A 1 16 ? 5.975   -9.296  -12.461 1.00 25.93 ? 16   GLN A CA  1 
ATOM   131  C C   . GLN A 1 16 ? 5.738   -8.017  -11.682 1.00 23.91 ? 16   GLN A C   1 
ATOM   132  O O   . GLN A 1 16 ? 4.633   -7.757  -11.210 1.00 24.04 ? 16   GLN A O   1 
ATOM   133  C CB  . GLN A 1 16 ? 6.610   -10.346 -11.544 1.00 24.86 ? 16   GLN A CB  1 
ATOM   134  C CG  . GLN A 1 16 ? 6.642   -11.739 -12.155 1.00 26.91 ? 16   GLN A CG  1 
ATOM   135  C CD  . GLN A 1 16 ? 7.487   -12.729 -11.355 1.00 26.44 ? 16   GLN A CD  1 
ATOM   136  O OE1 . GLN A 1 16 ? 8.715   -12.649 -11.337 1.00 28.96 ? 16   GLN A OE1 1 
ATOM   137  N NE2 . GLN A 1 16 ? 6.825   -13.668 -10.691 1.00 30.82 ? 16   GLN A NE2 1 
ATOM   138  N N   . LYS A 1 17 ? 6.792   -7.221  -11.549 1.00 21.94 ? 17   LYS A N   1 
ATOM   139  C CA  . LYS A 1 17 ? 6.709   -5.951  -10.840 1.00 23.89 ? 17   LYS A CA  1 
ATOM   140  C C   . LYS A 1 17 ? 5.768   -5.009  -11.573 1.00 22.23 ? 17   LYS A C   1 
ATOM   141  O O   . LYS A 1 17 ? 4.920   -4.361  -10.954 1.00 22.03 ? 17   LYS A O   1 
ATOM   142  C CB  . LYS A 1 17 ? 8.108   -5.323  -10.704 1.00 23.86 ? 17   LYS A CB  1 
ATOM   143  C CG  . LYS A 1 17 ? 8.932   -5.982  -9.618  1.00 26.61 ? 17   LYS A CG  1 
ATOM   144  C CD  . LYS A 1 17 ? 10.323  -5.402  -9.512  1.00 27.77 ? 17   LYS A CD  1 
ATOM   145  C CE  . LYS A 1 17 ? 11.114  -6.157  -8.456  1.00 30.40 ? 17   LYS A CE  1 
ATOM   146  N NZ  . LYS A 1 17 ? 12.518  -5.678  -8.344  1.00 33.55 ? 17   LYS A NZ  1 
ATOM   147  N N   . ALA A 1 18 ? 5.903   -4.942  -12.897 1.00 21.88 ? 18   ALA A N   1 
ATOM   148  C CA  . ALA A 1 18 ? 5.046   -4.071  -13.688 1.00 21.36 ? 18   ALA A CA  1 
ATOM   149  C C   . ALA A 1 18 ? 3.591   -4.548  -13.651 1.00 21.29 ? 18   ALA A C   1 
ATOM   150  O O   . ALA A 1 18 ? 2.655   -3.735  -13.618 1.00 22.61 ? 18   ALA A O   1 
ATOM   151  C CB  . ALA A 1 18 ? 5.538   -4.018  -15.142 1.00 22.43 ? 18   ALA A CB  1 
ATOM   152  N N   . ALA A 1 19 ? 3.405   -5.866  -13.663 1.00 18.65 ? 19   ALA A N   1 
ATOM   153  C CA  . ALA A 1 19 ? 2.071   -6.449  -13.654 1.00 17.98 ? 19   ALA A CA  1 
ATOM   154  C C   . ALA A 1 19 ? 1.392   -6.124  -12.338 1.00 19.38 ? 19   ALA A C   1 
ATOM   155  O O   . ALA A 1 19 ? 0.239   -5.695  -12.308 1.00 18.96 ? 19   ALA A O   1 
ATOM   156  C CB  . ALA A 1 19 ? 2.162   -7.958  -13.852 1.00 17.95 ? 19   ALA A CB  1 
ATOM   157  N N   . LEU A 1 20 ? 2.112   -6.332  -11.245 1.00 18.48 ? 20   LEU A N   1 
ATOM   158  C CA  . LEU A 1 20 ? 1.569   -6.039  -9.939  1.00 20.66 ? 20   LEU A CA  1 
ATOM   159  C C   . LEU A 1 20 ? 1.183   -4.560  -9.893  1.00 19.95 ? 20   LEU A C   1 
ATOM   160  O O   . LEU A 1 20 ? 0.083   -4.206  -9.463  1.00 20.02 ? 20   LEU A O   1 
ATOM   161  C CB  . LEU A 1 20 ? 2.608   -6.360  -8.860  1.00 21.77 ? 20   LEU A CB  1 
ATOM   162  C CG  . LEU A 1 20 ? 2.276   -5.924  -7.429  1.00 21.72 ? 20   LEU A CG  1 
ATOM   163  C CD1 . LEU A 1 20 ? 0.928   -6.502  -7.020  1.00 20.07 ? 20   LEU A CD1 1 
ATOM   164  C CD2 . LEU A 1 20 ? 3.384   -6.376  -6.482  1.00 18.44 ? 20   LEU A CD2 1 
ATOM   165  N N   . ALA A 1 21 ? 2.095   -3.710  -10.362 1.00 18.52 ? 21   ALA A N   1 
ATOM   166  C CA  . ALA A 1 21 ? 1.898   -2.262  -10.376 1.00 17.64 ? 21   ALA A CA  1 
ATOM   167  C C   . ALA A 1 21 ? 0.653   -1.833  -11.131 1.00 17.94 ? 21   ALA A C   1 
ATOM   168  O O   . ALA A 1 21 ? -0.078  -0.949  -10.683 1.00 13.68 ? 21   ALA A O   1 
ATOM   169  C CB  . ALA A 1 21 ? 3.108   -1.586  -10.979 1.00 18.36 ? 21   ALA A CB  1 
ATOM   170  N N   . ALA A 1 22 ? 0.427   -2.453  -12.284 1.00 18.24 ? 22   ALA A N   1 
ATOM   171  C CA  . ALA A 1 22 ? -0.723  -2.126  -13.112 1.00 17.01 ? 22   ALA A CA  1 
ATOM   172  C C   . ALA A 1 22 ? -2.058  -2.511  -12.483 1.00 15.14 ? 22   ALA A C   1 
ATOM   173  O O   . ALA A 1 22 ? -3.046  -1.816  -12.683 1.00 14.41 ? 22   ALA A O   1 
ATOM   174  C CB  . ALA A 1 22 ? -0.580  -2.782  -14.496 1.00 18.87 ? 22   ALA A CB  1 
ATOM   175  N N   . ASP A 1 23 ? -2.102  -3.611  -11.731 1.00 16.18 ? 23   ASP A N   1 
ATOM   176  C CA  . ASP A 1 23 ? -3.356  -4.035  -11.097 1.00 16.22 ? 23   ASP A CA  1 
ATOM   177  C C   . ASP A 1 23 ? -3.675  -3.179  -9.870  1.00 16.14 ? 23   ASP A C   1 
ATOM   178  O O   . ASP A 1 23 ? -4.836  -2.906  -9.579  1.00 15.68 ? 23   ASP A O   1 
ATOM   179  C CB  . ASP A 1 23 ? -3.303  -5.513  -10.724 1.00 15.90 ? 23   ASP A CB  1 
ATOM   180  C CG  . ASP A 1 23 ? -3.434  -6.424  -11.939 1.00 19.52 ? 23   ASP A CG  1 
ATOM   181  O OD1 . ASP A 1 23 ? -3.699  -5.923  -13.059 1.00 20.80 ? 23   ASP A OD1 1 
ATOM   182  O OD2 . ASP A 1 23 ? -3.282  -7.651  -11.771 1.00 21.53 ? 23   ASP A OD2 1 
ATOM   183  N N   . ILE A 1 24 ? -2.654  -2.756  -9.144  1.00 14.71 ? 24   ILE A N   1 
ATOM   184  C CA  . ILE A 1 24 ? -2.892  -1.892  -7.999  1.00 18.05 ? 24   ILE A CA  1 
ATOM   185  C C   . ILE A 1 24 ? -3.392  -0.549  -8.561  1.00 17.38 ? 24   ILE A C   1 
ATOM   186  O O   . ILE A 1 24 ? -4.443  -0.067  -8.175  1.00 19.69 ? 24   ILE A O   1 
ATOM   187  C CB  . ILE A 1 24 ? -1.602  -1.676  -7.182  1.00 17.24 ? 24   ILE A CB  1 
ATOM   188  C CG1 . ILE A 1 24 ? -1.146  -3.014  -6.597  1.00 17.43 ? 24   ILE A CG1 1 
ATOM   189  C CG2 . ILE A 1 24 ? -1.849  -0.671  -6.057  1.00 19.66 ? 24   ILE A CG2 1 
ATOM   190  C CD1 . ILE A 1 24 ? -2.177  -3.649  -5.706  1.00 13.79 ? 24   ILE A CD1 1 
ATOM   191  N N   . THR A 1 25 ? -2.652  0.026   -9.503  1.00 18.56 ? 25   THR A N   1 
ATOM   192  C CA  . THR A 1 25 ? -3.019  1.308   -10.117 1.00 18.96 ? 25   THR A CA  1 
ATOM   193  C C   . THR A 1 25 ? -4.476  1.312   -10.551 1.00 18.45 ? 25   THR A C   1 
ATOM   194  O O   . THR A 1 25 ? -5.216  2.263   -10.300 1.00 19.49 ? 25   THR A O   1 
ATOM   195  C CB  . THR A 1 25 ? -2.149  1.585   -11.343 1.00 16.57 ? 25   THR A CB  1 
ATOM   196  O OG1 . THR A 1 25 ? -0.787  1.655   -10.922 1.00 16.85 ? 25   THR A OG1 1 
ATOM   197  C CG2 . THR A 1 25 ? -2.549  2.900   -12.025 1.00 15.31 ? 25   THR A CG2 1 
ATOM   198  N N   . ASP A 1 26 ? -4.868  0.241   -11.226 1.00 18.78 ? 26   ASP A N   1 
ATOM   199  C CA  . ASP A 1 26 ? -6.227  0.094   -11.697 1.00 18.64 ? 26   ASP A CA  1 
ATOM   200  C C   . ASP A 1 26 ? -7.220  0.259   -10.554 1.00 17.00 ? 26   ASP A C   1 
ATOM   201  O O   . ASP A 1 26 ? -8.188  1.008   -10.667 1.00 18.36 ? 26   ASP A O   1 
ATOM   202  C CB  . ASP A 1 26 ? -6.416  -1.278  -12.340 1.00 19.70 ? 26   ASP A CB  1 
ATOM   203  C CG  . ASP A 1 26 ? -7.854  -1.518  -12.767 1.00 22.38 ? 26   ASP A CG  1 
ATOM   204  O OD1 . ASP A 1 26 ? -8.368  -0.734  -13.595 1.00 23.38 ? 26   ASP A OD1 1 
ATOM   205  O OD2 . ASP A 1 26 ? -8.477  -2.485  -12.276 1.00 24.03 ? 26   ASP A OD2 1 
ATOM   206  N N   . VAL A 1 27 ? -6.983  -0.454  -9.456  1.00 16.23 ? 27   VAL A N   1 
ATOM   207  C CA  . VAL A 1 27 ? -7.864  -0.399  -8.295  1.00 15.26 ? 27   VAL A CA  1 
ATOM   208  C C   . VAL A 1 27 ? -7.932  1.014   -7.711  1.00 14.20 ? 27   VAL A C   1 
ATOM   209  O O   . VAL A 1 27 ? -9.009  1.516   -7.409  1.00 14.40 ? 27   VAL A O   1 
ATOM   210  C CB  . VAL A 1 27 ? -7.393  -1.406  -7.205  1.00 15.70 ? 27   VAL A CB  1 
ATOM   211  C CG1 . VAL A 1 27 ? -8.148  -1.184  -5.909  1.00 15.18 ? 27   VAL A CG1 1 
ATOM   212  C CG2 . VAL A 1 27 ? -7.606  -2.839  -7.696  1.00 14.15 ? 27   VAL A CG2 1 
ATOM   213  N N   . ILE A 1 28 ? -6.779  1.657   -7.580  1.00 13.09 ? 28   ILE A N   1 
ATOM   214  C CA  . ILE A 1 28 ? -6.718  3.004   -7.027  1.00 14.31 ? 28   ILE A CA  1 
ATOM   215  C C   . ILE A 1 28 ? -7.515  3.992   -7.863  1.00 15.41 ? 28   ILE A C   1 
ATOM   216  O O   . ILE A 1 28 ? -8.230  4.842   -7.330  1.00 14.31 ? 28   ILE A O   1 
ATOM   217  C CB  . ILE A 1 28 ? -5.261  3.494   -6.923  1.00 15.06 ? 28   ILE A CB  1 
ATOM   218  C CG1 . ILE A 1 28 ? -4.463  2.540   -6.028  1.00 15.63 ? 28   ILE A CG1 1 
ATOM   219  C CG2 . ILE A 1 28 ? -5.232  4.917   -6.365  1.00 13.55 ? 28   ILE A CG2 1 
ATOM   220  C CD1 . ILE A 1 28 ? -4.976  2.448   -4.601  1.00 15.72 ? 28   ILE A CD1 1 
ATOM   221  N N   . ILE A 1 29 ? -7.386  3.883   -9.179  1.00 15.83 ? 29   ILE A N   1 
ATOM   222  C CA  . ILE A 1 29 ? -8.086  4.780   -10.077 1.00 17.57 ? 29   ILE A CA  1 
ATOM   223  C C   . ILE A 1 29 ? -9.602  4.594   -9.940  1.00 18.71 ? 29   ILE A C   1 
ATOM   224  O O   . ILE A 1 29 ? -10.357 5.561   -9.782  1.00 16.72 ? 29   ILE A O   1 
ATOM   225  C CB  . ILE A 1 29 ? -7.659  4.521   -11.536 1.00 17.20 ? 29   ILE A CB  1 
ATOM   226  C CG1 . ILE A 1 29 ? -6.234  5.034   -11.765 1.00 16.23 ? 29   ILE A CG1 1 
ATOM   227  C CG2 . ILE A 1 29 ? -8.613  5.196   -12.466 1.00 18.52 ? 29   ILE A CG2 1 
ATOM   228  C CD1 . ILE A 1 29 ? -5.594  4.591   -13.096 1.00 19.83 ? 29   ILE A CD1 1 
ATOM   229  N N   . ARG A 1 30 ? -10.042 3.342   -9.990  1.00 19.20 ? 30   ARG A N   1 
ATOM   230  C CA  . ARG A 1 30 ? -11.456 3.028   -9.883  1.00 18.76 ? 30   ARG A CA  1 
ATOM   231  C C   . ARG A 1 30 ? -12.099 3.438   -8.567  1.00 19.75 ? 30   ARG A C   1 
ATOM   232  O O   . ARG A 1 30 ? -13.195 4.003   -8.562  1.00 21.32 ? 30   ARG A O   1 
ATOM   233  C CB  . ARG A 1 30 ? -11.674 1.532   -10.092 1.00 18.96 ? 30   ARG A CB  1 
ATOM   234  C CG  . ARG A 1 30 ? -11.670 1.114   -11.538 1.00 21.25 ? 30   ARG A CG  1 
ATOM   235  C CD  . ARG A 1 30 ? -12.068 -0.338  -11.677 1.00 21.93 ? 30   ARG A CD  1 
ATOM   236  N NE  . ARG A 1 30 ? -11.000 -1.259  -11.308 1.00 25.29 ? 30   ARG A NE  1 
ATOM   237  C CZ  . ARG A 1 30 ? -11.015 -2.067  -10.250 1.00 23.76 ? 30   ARG A CZ  1 
ATOM   238  N NH1 . ARG A 1 30 ? -12.051 -2.075  -9.428  1.00 26.38 ? 30   ARG A NH1 1 
ATOM   239  N NH2 . ARG A 1 30 ? -9.997  -2.887  -10.035 1.00 20.92 ? 30   ARG A NH2 1 
ATOM   240  N N   . HIS A 1 31 ? -11.423 3.158   -7.455  1.00 18.30 ? 31   HIS A N   1 
ATOM   241  C CA  . HIS A 1 31 ? -11.978 3.464   -6.137  1.00 19.12 ? 31   HIS A CA  1 
ATOM   242  C C   . HIS A 1 31 ? -11.783 4.879   -5.597  1.00 19.30 ? 31   HIS A C   1 
ATOM   243  O O   . HIS A 1 31 ? -12.660 5.416   -4.925  1.00 21.13 ? 31   HIS A O   1 
ATOM   244  C CB  . HIS A 1 31 ? -11.444 2.449   -5.108  1.00 17.41 ? 31   HIS A CB  1 
ATOM   245  C CG  . HIS A 1 31 ? -12.007 1.066   -5.264  1.00 17.20 ? 31   HIS A CG  1 
ATOM   246  N ND1 . HIS A 1 31 ? -13.266 0.718   -4.818  1.00 18.24 ? 31   HIS A ND1 1 
ATOM   247  C CD2 . HIS A 1 31 ? -11.488 -0.052  -5.823  1.00 17.02 ? 31   HIS A CD2 1 
ATOM   248  C CE1 . HIS A 1 31 ? -13.495 -0.553  -5.094  1.00 16.32 ? 31   HIS A CE1 1 
ATOM   249  N NE2 . HIS A 1 31 ? -12.432 -1.043  -5.704  1.00 17.06 ? 31   HIS A NE2 1 
ATOM   250  N N   . LEU A 1 32 ? -10.637 5.483   -5.877  1.00 20.42 ? 32   LEU A N   1 
ATOM   251  C CA  . LEU A 1 32 ? -10.343 6.816   -5.369  1.00 19.29 ? 32   LEU A CA  1 
ATOM   252  C C   . LEU A 1 32 ? -10.439 7.901   -6.442  1.00 21.34 ? 32   LEU A C   1 
ATOM   253  O O   . LEU A 1 32 ? -10.278 9.090   -6.156  1.00 19.30 ? 32   LEU A O   1 
ATOM   254  C CB  . LEU A 1 32 ? -8.946  6.814   -4.736  1.00 19.36 ? 32   LEU A CB  1 
ATOM   255  C CG  . LEU A 1 32 ? -8.725  5.781   -3.619  1.00 20.57 ? 32   LEU A CG  1 
ATOM   256  C CD1 . LEU A 1 32 ? -7.373  6.014   -2.952  1.00 19.03 ? 32   LEU A CD1 1 
ATOM   257  C CD2 . LEU A 1 32 ? -9.839  5.891   -2.589  1.00 15.84 ? 32   LEU A CD2 1 
ATOM   258  N N   . ASN A 1 33 ? -10.727 7.484   -7.670  1.00 21.82 ? 33   ASN A N   1 
ATOM   259  C CA  . ASN A 1 33 ? -10.839 8.404   -8.790  1.00 24.15 ? 33   ASN A CA  1 
ATOM   260  C C   . ASN A 1 33 ? -9.540  9.198   -8.941  1.00 25.07 ? 33   ASN A C   1 
ATOM   261  O O   . ASN A 1 33 ? -9.561  10.428  -9.039  1.00 26.27 ? 33   ASN A O   1 
ATOM   262  C CB  . ASN A 1 33 ? -12.022 9.358   -8.584  1.00 28.31 ? 33   ASN A CB  1 
ATOM   263  C CG  . ASN A 1 33 ? -13.301 8.627   -8.229  1.00 32.98 ? 33   ASN A CG  1 
ATOM   264  O OD1 . ASN A 1 33 ? -13.546 8.304   -7.061  1.00 35.44 ? 33   ASN A OD1 1 
ATOM   265  N ND2 . ASN A 1 33 ? -14.118 8.340   -9.240  1.00 34.96 ? 33   ASN A ND2 1 
ATOM   266  N N   . SER A 1 34 ? -8.414  8.491   -8.952  1.00 23.09 ? 34   SER A N   1 
ATOM   267  C CA  . SER A 1 34 ? -7.115  9.133   -9.103  1.00 24.69 ? 34   SER A CA  1 
ATOM   268  C C   . SER A 1 34 ? -6.699  9.118   -10.566 1.00 23.86 ? 34   SER A C   1 
ATOM   269  O O   . SER A 1 34 ? -7.325  8.462   -11.401 1.00 24.63 ? 34   SER A O   1 
ATOM   270  C CB  . SER A 1 34 ? -6.042  8.403   -8.292  1.00 23.43 ? 34   SER A CB  1 
ATOM   271  O OG  . SER A 1 34 ? -6.428  8.237   -6.944  1.00 26.64 ? 34   SER A OG  1 
ATOM   272  N N   . LYS A 1 35 ? -5.640  9.865   -10.858 1.00 24.80 ? 35   LYS A N   1 
ATOM   273  C CA  . LYS A 1 35 ? -5.061  9.945   -12.191 1.00 23.02 ? 35   LYS A CA  1 
ATOM   274  C C   . LYS A 1 35 ? -3.896  8.981   -12.107 1.00 22.31 ? 35   LYS A C   1 
ATOM   275  O O   . LYS A 1 35 ? -3.365  8.738   -11.017 1.00 20.19 ? 35   LYS A O   1 
ATOM   276  C CB  . LYS A 1 35 ? -4.544  11.360  -12.470 1.00 23.30 ? 35   LYS A CB  1 
ATOM   277  C CG  . LYS A 1 35 ? -5.649  12.412  -12.548 1.00 26.32 ? 35   LYS A CG  1 
ATOM   278  C CD  . LYS A 1 35 ? -5.105  13.824  -12.437 1.00 27.83 ? 35   LYS A CD  1 
ATOM   279  C CE  . LYS A 1 35 ? -4.165  14.127  -13.577 1.00 31.99 ? 35   LYS A CE  1 
ATOM   280  N NZ  . LYS A 1 35 ? -3.582  15.488  -13.466 1.00 35.14 ? 35   LYS A NZ  1 
ATOM   281  N N   . ASP A 1 36 ? -3.512  8.416   -13.242 1.00 18.47 ? 36   ASP A N   1 
ATOM   282  C CA  . ASP A 1 36 ? -2.410  7.480   -13.266 1.00 18.35 ? 36   ASP A CA  1 
ATOM   283  C C   . ASP A 1 36 ? -1.131  8.167   -12.803 1.00 18.00 ? 36   ASP A C   1 
ATOM   284  O O   . ASP A 1 36 ? -0.320  7.568   -12.088 1.00 17.37 ? 36   ASP A O   1 
ATOM   285  C CB  . ASP A 1 36 ? -2.230  6.920   -14.681 1.00 19.28 ? 36   ASP A CB  1 
ATOM   286  C CG  . ASP A 1 36 ? -1.072  5.965   -14.783 1.00 17.96 ? 36   ASP A CG  1 
ATOM   287  O OD1 . ASP A 1 36 ? 0.084   6.430   -14.818 1.00 15.84 ? 36   ASP A OD1 1 
ATOM   288  O OD2 . ASP A 1 36 ? -1.317  4.746   -14.815 1.00 20.65 ? 36   ASP A OD2 1 
ATOM   289  N N   . SER A 1 37 ? -0.961  9.423   -13.205 1.00 15.42 ? 37   SER A N   1 
ATOM   290  C CA  . SER A 1 37 ? 0.233   10.182  -12.843 1.00 15.68 ? 37   SER A CA  1 
ATOM   291  C C   . SER A 1 37 ? 0.339   10.468  -11.339 1.00 13.82 ? 37   SER A C   1 
ATOM   292  O O   . SER A 1 37 ? 1.441   10.632  -10.813 1.00 12.25 ? 37   SER A O   1 
ATOM   293  C CB  . SER A 1 37 ? 0.264   11.507  -13.604 1.00 13.42 ? 37   SER A CB  1 
ATOM   294  O OG  . SER A 1 37 ? -0.823  12.346  -13.224 1.00 15.94 ? 37   SER A OG  1 
ATOM   295  N N   . SER A 1 38 ? -0.801  10.512  -10.655 1.00 12.19 ? 38   SER A N   1 
ATOM   296  C CA  . SER A 1 38 ? -0.838  10.797  -9.216  1.00 12.99 ? 38   SER A CA  1 
ATOM   297  C C   . SER A 1 38 ? -0.443  9.585   -8.381  1.00 12.45 ? 38   SER A C   1 
ATOM   298  O O   . SER A 1 38 ? -0.267  9.690   -7.168  1.00 15.34 ? 38   SER A O   1 
ATOM   299  C CB  . SER A 1 38 ? -2.255  11.204  -8.787  1.00 12.15 ? 38   SER A CB  1 
ATOM   300  O OG  . SER A 1 38 ? -2.789  12.252  -9.573  1.00 15.60 ? 38   SER A OG  1 
ATOM   301  N N   . ILE A 1 39 ? -0.297  8.435   -9.025  1.00 13.68 ? 39   ILE A N   1 
ATOM   302  C CA  . ILE A 1 39 ? 0.000   7.204   -8.315  1.00 12.76 ? 39   ILE A CA  1 
ATOM   303  C C   . ILE A 1 39 ? 1.443   6.727   -8.296  1.00 13.81 ? 39   ILE A C   1 
ATOM   304  O O   . ILE A 1 39 ? 2.097   6.663   -9.327  1.00 12.19 ? 39   ILE A O   1 
ATOM   305  C CB  . ILE A 1 39 ? -0.901  6.095   -8.878  1.00 9.90  ? 39   ILE A CB  1 
ATOM   306  C CG1 . ILE A 1 39 ? -2.363  6.561   -8.805  1.00 9.80  ? 39   ILE A CG1 1 
ATOM   307  C CG2 . ILE A 1 39 ? -0.700  4.792   -8.111  1.00 11.75 ? 39   ILE A CG2 1 
ATOM   308  C CD1 . ILE A 1 39 ? -3.339  5.575   -9.363  1.00 5.44  ? 39   ILE A CD1 1 
ATOM   309  N N   . SER A 1 40 ? 1.920   6.388   -7.100  1.00 13.73 ? 40   SER A N   1 
ATOM   310  C CA  . SER A 1 40 ? 3.269   5.870   -6.901  1.00 16.16 ? 40   SER A CA  1 
ATOM   311  C C   . SER A 1 40 ? 3.114   4.639   -6.017  1.00 16.00 ? 40   SER A C   1 
ATOM   312  O O   . SER A 1 40 ? 2.246   4.601   -5.150  1.00 15.91 ? 40   SER A O   1 
ATOM   313  C CB  . SER A 1 40 ? 4.174   6.913   -6.223  1.00 15.90 ? 40   SER A CB  1 
ATOM   314  O OG  . SER A 1 40 ? 3.602   7.389   -5.018  1.00 17.40 ? 40   SER A OG  1 
ATOM   315  N N   . ILE A 1 41 ? 3.940   3.625   -6.242  1.00 16.71 ? 41   ILE A N   1 
ATOM   316  C CA  . ILE A 1 41 ? 3.836   2.393   -5.464  1.00 18.10 ? 41   ILE A CA  1 
ATOM   317  C C   . ILE A 1 41 ? 5.207   1.847   -5.085  1.00 19.67 ? 41   ILE A C   1 
ATOM   318  O O   . ILE A 1 41 ? 6.094   1.721   -5.932  1.00 19.15 ? 41   ILE A O   1 
ATOM   319  C CB  . ILE A 1 41 ? 3.088   1.276   -6.256  1.00 16.82 ? 41   ILE A CB  1 
ATOM   320  C CG1 . ILE A 1 41 ? 1.731   1.786   -6.755  1.00 15.84 ? 41   ILE A CG1 1 
ATOM   321  C CG2 . ILE A 1 41 ? 2.863   0.061   -5.360  1.00 14.35 ? 41   ILE A CG2 1 
ATOM   322  C CD1 . ILE A 1 41 ? 1.013   0.813   -7.699  1.00 15.77 ? 41   ILE A CD1 1 
ATOM   323  N N   . ALA A 1 42 ? 5.372   1.532   -3.806  1.00 19.09 ? 42   ALA A N   1 
ATOM   324  C CA  . ALA A 1 42 ? 6.617   0.965   -3.310  1.00 19.92 ? 42   ALA A CA  1 
ATOM   325  C C   . ALA A 1 42 ? 6.334   -0.494  -2.938  1.00 18.60 ? 42   ALA A C   1 
ATOM   326  O O   . ALA A 1 42 ? 5.218   -0.829  -2.553  1.00 18.59 ? 42   ALA A O   1 
ATOM   327  C CB  . ALA A 1 42 ? 7.094   1.741   -2.079  1.00 17.10 ? 42   ALA A CB  1 
ATOM   328  N N   . LEU A 1 43 ? 7.335   -1.358  -3.090  1.00 19.07 ? 43   LEU A N   1 
ATOM   329  C CA  . LEU A 1 43 ? 7.220   -2.775  -2.730  1.00 19.80 ? 43   LEU A CA  1 
ATOM   330  C C   . LEU A 1 43 ? 8.449   -3.104  -1.875  1.00 20.37 ? 43   LEU A C   1 
ATOM   331  O O   . LEU A 1 43 ? 9.570   -3.178  -2.383  1.00 22.15 ? 43   LEU A O   1 
ATOM   332  C CB  . LEU A 1 43 ? 7.170   -3.665  -3.990  1.00 19.23 ? 43   LEU A CB  1 
ATOM   333  C CG  . LEU A 1 43 ? 7.003   -5.198  -3.879  1.00 21.17 ? 43   LEU A CG  1 
ATOM   334  C CD1 . LEU A 1 43 ? 8.237   -5.813  -3.258  1.00 21.00 ? 43   LEU A CD1 1 
ATOM   335  C CD2 . LEU A 1 43 ? 5.776   -5.553  -3.065  1.00 20.84 ? 43   LEU A CD2 1 
ATOM   336  N N   . GLN A 1 44 ? 8.223   -3.286  -0.577  1.00 20.59 ? 44   GLN A N   1 
ATOM   337  C CA  . GLN A 1 44 ? 9.292   -3.575  0.362   1.00 20.94 ? 44   GLN A CA  1 
ATOM   338  C C   . GLN A 1 44 ? 9.225   -5.002  0.871   1.00 21.25 ? 44   GLN A C   1 
ATOM   339  O O   . GLN A 1 44 ? 8.187   -5.463  1.346   1.00 19.85 ? 44   GLN A O   1 
ATOM   340  C CB  . GLN A 1 44 ? 9.215   -2.606  1.535   1.00 23.31 ? 44   GLN A CB  1 
ATOM   341  C CG  . GLN A 1 44 ? 8.756   -1.225  1.122   1.00 27.86 ? 44   GLN A CG  1 
ATOM   342  C CD  . GLN A 1 44 ? 9.519   -0.125  1.811   1.00 30.58 ? 44   GLN A CD  1 
ATOM   343  O OE1 . GLN A 1 44 ? 10.743  -0.043  1.696   1.00 32.45 ? 44   GLN A OE1 1 
ATOM   344  N NE2 . GLN A 1 44 ? 8.802   0.735   2.530   1.00 28.37 ? 44   GLN A NE2 1 
ATOM   345  N N   . GLN A 1 45 ? 10.344  -5.702  0.775   1.00 20.48 ? 45   GLN A N   1 
ATOM   346  C CA  . GLN A 1 45 ? 10.388  -7.079  1.230   1.00 22.72 ? 45   GLN A CA  1 
ATOM   347  C C   . GLN A 1 45 ? 11.007  -7.156  2.618   1.00 21.66 ? 45   GLN A C   1 
ATOM   348  O O   . GLN A 1 45 ? 12.088  -6.626  2.865   1.00 24.21 ? 45   GLN A O   1 
ATOM   349  C CB  . GLN A 1 45 ? 11.153  -7.935  0.213   1.00 22.99 ? 45   GLN A CB  1 
ATOM   350  C CG  . GLN A 1 45 ? 10.413  -8.056  -1.122  1.00 24.75 ? 45   GLN A CG  1 
ATOM   351  C CD  . GLN A 1 45 ? 11.155  -8.874  -2.170  1.00 29.74 ? 45   GLN A CD  1 
ATOM   352  O OE1 . GLN A 1 45 ? 11.689  -9.944  -1.878  1.00 30.80 ? 45   GLN A OE1 1 
ATOM   353  N NE2 . GLN A 1 45 ? 11.172  -8.382  -3.405  1.00 30.13 ? 45   GLN A NE2 1 
ATOM   354  N N   . ILE A 1 46 ? 10.290  -7.792  3.533   1.00 21.41 ? 46   ILE A N   1 
ATOM   355  C CA  . ILE A 1 46 ? 10.752  -7.947  4.906   1.00 22.03 ? 46   ILE A CA  1 
ATOM   356  C C   . ILE A 1 46 ? 11.301  -9.354  5.060   1.00 22.33 ? 46   ILE A C   1 
ATOM   357  O O   . ILE A 1 46 ? 10.689  -10.314 4.596   1.00 23.16 ? 46   ILE A O   1 
ATOM   358  C CB  . ILE A 1 46 ? 9.593   -7.715  5.911   1.00 20.67 ? 46   ILE A CB  1 
ATOM   359  C CG1 . ILE A 1 46 ? 9.158   -6.256  5.850   1.00 23.39 ? 46   ILE A CG1 1 
ATOM   360  C CG2 . ILE A 1 46 ? 10.022  -8.035  7.331   1.00 22.47 ? 46   ILE A CG2 1 
ATOM   361  C CD1 . ILE A 1 46 ? 8.379   -5.924  4.629   1.00 22.86 ? 46   ILE A CD1 1 
ATOM   362  N N   . GLN A 1 47 ? 12.461  -9.476  5.698   1.00 22.47 ? 47   GLN A N   1 
ATOM   363  C CA  . GLN A 1 47 ? 13.065  -10.786 5.888   1.00 21.11 ? 47   GLN A CA  1 
ATOM   364  C C   . GLN A 1 47 ? 12.133  -11.707 6.674   1.00 19.92 ? 47   GLN A C   1 
ATOM   365  O O   . GLN A 1 47 ? 11.369  -11.258 7.529   1.00 20.02 ? 47   GLN A O   1 
ATOM   366  C CB  . GLN A 1 47 ? 14.432  -10.648 6.564   1.00 22.75 ? 47   GLN A CB  1 
ATOM   367  C CG  . GLN A 1 47 ? 15.486  -9.997  5.656   1.00 22.79 ? 47   GLN A CG  1 
ATOM   368  C CD  . GLN A 1 47 ? 15.532  -10.629 4.262   1.00 25.57 ? 47   GLN A CD  1 
ATOM   369  O OE1 . GLN A 1 47 ? 15.677  -11.841 4.121   1.00 28.81 ? 47   GLN A OE1 1 
ATOM   370  N NE2 . GLN A 1 47 ? 15.401  -9.806  3.234   1.00 25.40 ? 47   GLN A NE2 1 
ATOM   371  N N   . PRO A 1 48 ? 12.188  -13.016 6.380   1.00 19.54 ? 48   PRO A N   1 
ATOM   372  C CA  . PRO A 1 48 ? 11.376  -14.067 6.997   1.00 18.17 ? 48   PRO A CA  1 
ATOM   373  C C   . PRO A 1 48 ? 11.165  -13.962 8.506   1.00 16.26 ? 48   PRO A C   1 
ATOM   374  O O   . PRO A 1 48 ? 10.074  -14.231 8.999   1.00 14.23 ? 48   PRO A O   1 
ATOM   375  C CB  . PRO A 1 48 ? 12.115  -15.344 6.595   1.00 19.59 ? 48   PRO A CB  1 
ATOM   376  C CG  . PRO A 1 48 ? 12.677  -14.981 5.256   1.00 20.75 ? 48   PRO A CG  1 
ATOM   377  C CD  . PRO A 1 48 ? 13.255  -13.622 5.562   1.00 21.00 ? 48   PRO A CD  1 
ATOM   378  N N   . GLU A 1 49 ? 12.192  -13.560 9.242   1.00 14.78 ? 49   GLU A N   1 
ATOM   379  C CA  . GLU A 1 49 ? 12.056  -13.482 10.692  1.00 17.65 ? 49   GLU A CA  1 
ATOM   380  C C   . GLU A 1 49 ? 11.786  -12.094 11.250  1.00 17.96 ? 49   GLU A C   1 
ATOM   381  O O   . GLU A 1 49 ? 11.763  -11.915 12.468  1.00 20.15 ? 49   GLU A O   1 
ATOM   382  C CB  . GLU A 1 49 ? 13.321  -14.029 11.347  1.00 19.46 ? 49   GLU A CB  1 
ATOM   383  C CG  . GLU A 1 49 ? 13.598  -15.485 11.068  1.00 21.77 ? 49   GLU A CG  1 
ATOM   384  C CD  . GLU A 1 49 ? 15.012  -15.876 11.453  1.00 24.78 ? 49   GLU A CD  1 
ATOM   385  O OE1 . GLU A 1 49 ? 15.558  -15.260 12.391  1.00 23.25 ? 49   GLU A OE1 1 
ATOM   386  O OE2 . GLU A 1 49 ? 15.571  -16.801 10.828  1.00 25.26 ? 49   GLU A OE2 1 
ATOM   387  N N   . SER A 1 50 ? 11.547  -11.121 10.380  1.00 19.70 ? 50   SER A N   1 
ATOM   388  C CA  . SER A 1 50 ? 11.363  -9.755  10.852  1.00 20.55 ? 50   SER A CA  1 
ATOM   389  C C   . SER A 1 50 ? 9.983   -9.123  10.769  1.00 20.04 ? 50   SER A C   1 
ATOM   390  O O   . SER A 1 50 ? 9.882   -7.899  10.666  1.00 20.14 ? 50   SER A O   1 
ATOM   391  C CB  . SER A 1 50 ? 12.357  -8.853  10.122  1.00 22.65 ? 50   SER A CB  1 
ATOM   392  O OG  . SER A 1 50 ? 13.682  -9.343  10.262  1.00 23.55 ? 50   SER A OG  1 
ATOM   393  N N   . TRP A 1 51 ? 8.921   -9.919  10.832  1.00 19.76 ? 51   TRP A N   1 
ATOM   394  C CA  . TRP A 1 51 ? 7.593   -9.331  10.728  1.00 20.57 ? 51   TRP A CA  1 
ATOM   395  C C   . TRP A 1 51 ? 7.109   -8.650  12.002  1.00 22.03 ? 51   TRP A C   1 
ATOM   396  O O   . TRP A 1 51 ? 6.290   -7.736  11.935  1.00 21.96 ? 51   TRP A O   1 
ATOM   397  C CB  . TRP A 1 51 ? 6.556   -10.374 10.299  1.00 19.87 ? 51   TRP A CB  1 
ATOM   398  C CG  . TRP A 1 51 ? 5.303   -9.740  9.719   1.00 19.99 ? 51   TRP A CG  1 
ATOM   399  C CD1 . TRP A 1 51 ? 4.090   -9.601  10.327  1.00 19.58 ? 51   TRP A CD1 1 
ATOM   400  C CD2 . TRP A 1 51 ? 5.178   -9.107  8.432   1.00 20.05 ? 51   TRP A CD2 1 
ATOM   401  N NE1 . TRP A 1 51 ? 3.218   -8.917  9.506   1.00 18.80 ? 51   TRP A NE1 1 
ATOM   402  C CE2 . TRP A 1 51 ? 3.862   -8.603  8.339   1.00 19.58 ? 51   TRP A CE2 1 
ATOM   403  C CE3 . TRP A 1 51 ? 6.052   -8.920  7.353   1.00 19.90 ? 51   TRP A CE3 1 
ATOM   404  C CZ2 . TRP A 1 51 ? 3.396   -7.921  7.206   1.00 20.66 ? 51   TRP A CZ2 1 
ATOM   405  C CZ3 . TRP A 1 51 ? 5.584   -8.240  6.219   1.00 21.36 ? 51   TRP A CZ3 1 
ATOM   406  C CH2 . TRP A 1 51 ? 4.269   -7.751  6.162   1.00 19.61 ? 51   TRP A CH2 1 
ATOM   407  N N   . GLN A 1 52 ? 7.612   -9.081  13.157  1.00 21.44 ? 52   GLN A N   1 
ATOM   408  C CA  . GLN A 1 52 ? 7.177   -8.494  14.418  1.00 22.10 ? 52   GLN A CA  1 
ATOM   409  C C   . GLN A 1 52 ? 7.291   -6.975  14.402  1.00 22.38 ? 52   GLN A C   1 
ATOM   410  O O   . GLN A 1 52 ? 6.431   -6.277  14.943  1.00 21.72 ? 52   GLN A O   1 
ATOM   411  C CB  . GLN A 1 52 ? 7.987   -9.059  15.585  1.00 23.54 ? 52   GLN A CB  1 
ATOM   412  C CG  . GLN A 1 52 ? 7.531   -8.552  16.949  1.00 24.52 ? 52   GLN A CG  1 
ATOM   413  C CD  . GLN A 1 52 ? 6.109   -8.969  17.282  1.00 25.60 ? 52   GLN A CD  1 
ATOM   414  O OE1 . GLN A 1 52 ? 5.787   -10.158 17.290  1.00 29.49 ? 52   GLN A OE1 1 
ATOM   415  N NE2 . GLN A 1 52 ? 5.252   -7.994  17.566  1.00 23.19 ? 52   GLN A NE2 1 
ATOM   416  N N   . ALA A 1 53 ? 8.354   -6.476  13.777  1.00 23.13 ? 53   ALA A N   1 
ATOM   417  C CA  . ALA A 1 53 ? 8.596   -5.046  13.678  1.00 22.87 ? 53   ALA A CA  1 
ATOM   418  C C   . ALA A 1 53 ? 7.537   -4.343  12.828  1.00 23.38 ? 53   ALA A C   1 
ATOM   419  O O   . ALA A 1 53 ? 7.179   -3.202  13.111  1.00 23.34 ? 53   ALA A O   1 
ATOM   420  C CB  . ALA A 1 53 ? 9.988   -4.796  13.101  1.00 21.96 ? 53   ALA A CB  1 
ATOM   421  N N   . ILE A 1 54 ? 7.048   -5.012  11.785  1.00 22.93 ? 54   ILE A N   1 
ATOM   422  C CA  . ILE A 1 54 ? 6.022   -4.417  10.930  1.00 22.11 ? 54   ILE A CA  1 
ATOM   423  C C   . ILE A 1 54 ? 4.700   -4.392  11.699  1.00 21.56 ? 54   ILE A C   1 
ATOM   424  O O   . ILE A 1 54 ? 3.960   -3.412  11.652  1.00 21.05 ? 54   ILE A O   1 
ATOM   425  C CB  . ILE A 1 54 ? 5.823   -5.217  9.618   1.00 23.66 ? 54   ILE A CB  1 
ATOM   426  C CG1 . ILE A 1 54 ? 7.173   -5.518  8.972   1.00 22.38 ? 54   ILE A CG1 1 
ATOM   427  C CG2 . ILE A 1 54 ? 4.947   -4.422  8.648   1.00 22.51 ? 54   ILE A CG2 1 
ATOM   428  C CD1 . ILE A 1 54 ? 8.006   -4.282  8.670   1.00 26.53 ? 54   ILE A CD1 1 
ATOM   429  N N   . TRP A 1 55 ? 4.417   -5.469  12.423  1.00 18.51 ? 55   TRP A N   1 
ATOM   430  C CA  . TRP A 1 55 ? 3.201   -5.540  13.206  1.00 18.94 ? 55   TRP A CA  1 
ATOM   431  C C   . TRP A 1 55 ? 3.177   -4.460  14.303  1.00 21.02 ? 55   TRP A C   1 
ATOM   432  O O   . TRP A 1 55 ? 2.144   -3.820  14.531  1.00 19.24 ? 55   TRP A O   1 
ATOM   433  C CB  . TRP A 1 55 ? 3.060   -6.941  13.818  1.00 17.96 ? 55   TRP A CB  1 
ATOM   434  C CG  . TRP A 1 55 ? 1.995   -7.050  14.867  1.00 17.65 ? 55   TRP A CG  1 
ATOM   435  C CD1 . TRP A 1 55 ? 2.094   -6.669  16.174  1.00 15.29 ? 55   TRP A CD1 1 
ATOM   436  C CD2 . TRP A 1 55 ? 0.639   -7.490  14.677  1.00 14.93 ? 55   TRP A CD2 1 
ATOM   437  N NE1 . TRP A 1 55 ? 0.884   -6.838  16.807  1.00 16.16 ? 55   TRP A NE1 1 
ATOM   438  C CE2 . TRP A 1 55 ? -0.026  -7.333  15.913  1.00 14.61 ? 55   TRP A CE2 1 
ATOM   439  C CE3 . TRP A 1 55 ? -0.076  -7.994  13.583  1.00 14.07 ? 55   TRP A CE3 1 
ATOM   440  C CZ2 . TRP A 1 55 ? -1.379  -7.661  16.089  1.00 15.01 ? 55   TRP A CZ2 1 
ATOM   441  C CZ3 . TRP A 1 55 ? -1.424  -8.323  13.758  1.00 12.53 ? 55   TRP A CZ3 1 
ATOM   442  C CH2 . TRP A 1 55 ? -2.059  -8.151  15.006  1.00 16.24 ? 55   TRP A CH2 1 
ATOM   443  N N   . ASP A 1 56 ? 4.309   -4.240  14.971  1.00 20.33 ? 56   ASP A N   1 
ATOM   444  C CA  . ASP A 1 56 ? 4.353   -3.249  16.046  1.00 22.33 ? 56   ASP A CA  1 
ATOM   445  C C   . ASP A 1 56 ? 4.321   -1.805  15.563  1.00 22.43 ? 56   ASP A C   1 
ATOM   446  O O   . ASP A 1 56 ? 3.805   -0.930  16.261  1.00 22.82 ? 56   ASP A O   1 
ATOM   447  C CB  . ASP A 1 56 ? 5.595   -3.440  16.924  1.00 22.12 ? 56   ASP A CB  1 
ATOM   448  C CG  . ASP A 1 56 ? 5.642   -4.799  17.597  1.00 22.46 ? 56   ASP A CG  1 
ATOM   449  O OD1 . ASP A 1 56 ? 4.578   -5.336  17.977  1.00 19.49 ? 56   ASP A OD1 1 
ATOM   450  O OD2 . ASP A 1 56 ? 6.762   -5.324  17.756  1.00 23.53 ? 56   ASP A OD2 1 
ATOM   451  N N   . ALA A 1 57 ? 4.877   -1.567  14.377  1.00 22.11 ? 57   ALA A N   1 
ATOM   452  C CA  . ALA A 1 57 ? 4.936   -0.233  13.792  1.00 24.00 ? 57   ALA A CA  1 
ATOM   453  C C   . ALA A 1 57 ? 3.784   0.142   12.878  1.00 23.41 ? 57   ALA A C   1 
ATOM   454  O O   . ALA A 1 57 ? 3.323   1.273   12.895  1.00 26.31 ? 57   ALA A O   1 
ATOM   455  C CB  . ALA A 1 57 ? 6.246   -0.061  13.027  1.00 21.89 ? 57   ALA A CB  1 
ATOM   456  N N   . GLU A 1 58 ? 3.314   -0.790  12.065  1.00 23.05 ? 58   GLU A N   1 
ATOM   457  C CA  . GLU A 1 58 ? 2.252   -0.447  11.129  1.00 22.00 ? 58   GLU A CA  1 
ATOM   458  C C   . GLU A 1 58 ? 0.868   -0.992  11.434  1.00 20.02 ? 58   GLU A C   1 
ATOM   459  O O   . GLU A 1 58 ? -0.134  -0.298  11.278  1.00 19.41 ? 58   GLU A O   1 
ATOM   460  C CB  . GLU A 1 58 ? 2.639   -0.904  9.722   1.00 23.83 ? 58   GLU A CB  1 
ATOM   461  C CG  . GLU A 1 58 ? 4.006   -0.442  9.244   1.00 26.05 ? 58   GLU A CG  1 
ATOM   462  C CD  . GLU A 1 58 ? 4.099   1.062   9.084   1.00 28.93 ? 58   GLU A CD  1 
ATOM   463  O OE1 . GLU A 1 58 ? 3.129   1.671   8.581   1.00 29.65 ? 58   GLU A OE1 1 
ATOM   464  O OE2 . GLU A 1 58 ? 5.151   1.633   9.450   1.00 28.97 ? 58   GLU A OE2 1 
ATOM   465  N N   . ILE A 1 59 ? 0.812   -2.234  11.885  1.00 17.64 ? 59   ILE A N   1 
ATOM   466  C CA  . ILE A 1 59 ? -0.464  -2.879  12.130  1.00 16.14 ? 59   ILE A CA  1 
ATOM   467  C C   . ILE A 1 59 ? -1.129  -2.622  13.478  1.00 15.99 ? 59   ILE A C   1 
ATOM   468  O O   . ILE A 1 59 ? -2.247  -2.085  13.533  1.00 13.62 ? 59   ILE A O   1 
ATOM   469  C CB  . ILE A 1 59 ? -0.308  -4.387  11.899  1.00 17.17 ? 59   ILE A CB  1 
ATOM   470  C CG1 . ILE A 1 59 ? 0.293   -4.622  10.496  1.00 15.98 ? 59   ILE A CG1 1 
ATOM   471  C CG2 . ILE A 1 59 ? -1.647  -5.070  12.060  1.00 19.24 ? 59   ILE A CG2 1 
ATOM   472  C CD1 . ILE A 1 59 ? 0.730   -6.064  10.196  1.00 12.60 ? 59   ILE A CD1 1 
ATOM   473  N N   . ALA A 1 60 ? -0.454  -3.018  14.554  1.00 13.33 ? 60   ALA A N   1 
ATOM   474  C CA  . ALA A 1 60 ? -0.988  -2.850  15.895  1.00 15.18 ? 60   ALA A CA  1 
ATOM   475  C C   . ALA A 1 60 ? -1.477  -1.420  16.142  1.00 16.20 ? 60   ALA A C   1 
ATOM   476  O O   . ALA A 1 60 ? -2.637  -1.207  16.494  1.00 17.48 ? 60   ALA A O   1 
ATOM   477  C CB  . ALA A 1 60 ? 0.074   -3.243  16.929  1.00 15.88 ? 60   ALA A CB  1 
ATOM   478  N N   . PRO A 1 61 ? -0.599  -0.420  15.938  1.00 16.80 ? 61   PRO A N   1 
ATOM   479  C CA  . PRO A 1 61 ? -0.945  0.988   16.146  1.00 19.05 ? 61   PRO A CA  1 
ATOM   480  C C   . PRO A 1 61 ? -2.248  1.479   15.511  1.00 20.89 ? 61   PRO A C   1 
ATOM   481  O O   . PRO A 1 61 ? -2.898  2.373   16.047  1.00 20.70 ? 61   PRO A O   1 
ATOM   482  C CB  . PRO A 1 61 ? 0.275   1.721   15.582  1.00 20.42 ? 61   PRO A CB  1 
ATOM   483  C CG  . PRO A 1 61 ? 1.391   0.781   15.906  1.00 16.94 ? 61   PRO A CG  1 
ATOM   484  C CD  . PRO A 1 61 ? 0.805   -0.547  15.510  1.00 15.05 ? 61   PRO A CD  1 
ATOM   485  N N   . GLN A 1 62 ? -2.630  0.897   14.374  1.00 22.09 ? 62   GLN A N   1 
ATOM   486  C CA  . GLN A 1 62 ? -3.832  1.337   13.660  1.00 23.03 ? 62   GLN A CA  1 
ATOM   487  C C   . GLN A 1 62 ? -4.872  0.231   13.562  1.00 23.10 ? 62   GLN A C   1 
ATOM   488  O O   . GLN A 1 62 ? -5.752  0.289   12.696  1.00 22.00 ? 62   GLN A O   1 
ATOM   489  C CB  . GLN A 1 62 ? -3.474  1.739   12.219  1.00 24.36 ? 62   GLN A CB  1 
ATOM   490  C CG  . GLN A 1 62 ? -2.131  2.423   12.001  1.00 25.85 ? 62   GLN A CG  1 
ATOM   491  C CD  . GLN A 1 62 ? -1.810  2.583   10.509  1.00 28.42 ? 62   GLN A CD  1 
ATOM   492  O OE1 . GLN A 1 62 ? -2.577  3.191   9.756   1.00 28.64 ? 62   GLN A OE1 1 
ATOM   493  N NE2 . GLN A 1 62 ? -0.673  2.038   10.082  1.00 25.92 ? 62   GLN A NE2 1 
ATOM   494  N N   . MET A 1 63 ? -4.765  -0.767  14.432  1.00 22.48 ? 63   MET A N   1 
ATOM   495  C CA  . MET A 1 63 ? -5.649  -1.919  14.380  1.00 24.39 ? 63   MET A CA  1 
ATOM   496  C C   . MET A 1 63 ? -7.096  -1.588  14.056  1.00 25.80 ? 63   MET A C   1 
ATOM   497  O O   . MET A 1 63 ? -7.691  -2.216  13.183  1.00 25.52 ? 63   MET A O   1 
ATOM   498  C CB  . MET A 1 63 ? -5.552  -2.720  15.685  1.00 25.20 ? 63   MET A CB  1 
ATOM   499  C CG  . MET A 1 63 ? -6.422  -3.980  15.712  1.00 23.74 ? 63   MET A CG  1 
ATOM   500  S SD  . MET A 1 63 ? -6.047  -5.168  14.411  1.00 25.62 ? 63   MET A SD  1 
ATOM   501  C CE  . MET A 1 63 ? -4.305  -5.438  14.697  1.00 23.92 ? 63   MET A CE  1 
ATOM   502  N N   . GLU A 1 64 ? -7.656  -0.592  14.733  1.00 27.60 ? 64   GLU A N   1 
ATOM   503  C CA  . GLU A 1 64 ? -9.040  -0.217  14.502  1.00 31.19 ? 64   GLU A CA  1 
ATOM   504  C C   . GLU A 1 64 ? -9.302  0.608   13.246  1.00 31.20 ? 64   GLU A C   1 
ATOM   505  O O   . GLU A 1 64 ? -10.343 0.449   12.612  1.00 32.05 ? 64   GLU A O   1 
ATOM   506  C CB  . GLU A 1 64 ? -9.578  0.533   15.709  1.00 33.87 ? 64   GLU A CB  1 
ATOM   507  C CG  . GLU A 1 64 ? -10.776 -0.146  16.320  1.00 37.86 ? 64   GLU A CG  1 
ATOM   508  C CD  . GLU A 1 64 ? -10.454 -1.529  16.864  1.00 39.47 ? 64   GLU A CD  1 
ATOM   509  O OE1 . GLU A 1 64 ? -10.243 -2.474  16.069  1.00 41.91 ? 64   GLU A OE1 1 
ATOM   510  O OE2 . GLU A 1 64 ? -10.407 -1.667  18.102  1.00 42.44 ? 64   GLU A OE2 1 
ATOM   511  N N   . ALA A 1 65 ? -8.377  1.488   12.882  1.00 29.78 ? 65   ALA A N   1 
ATOM   512  C CA  . ALA A 1 65 ? -8.568  2.305   11.690  1.00 26.81 ? 65   ALA A CA  1 
ATOM   513  C C   . ALA A 1 65 ? -8.391  1.487   10.409  1.00 26.17 ? 65   ALA A C   1 
ATOM   514  O O   . ALA A 1 65 ? -8.740  1.947   9.326   1.00 28.08 ? 65   ALA A O   1 
ATOM   515  C CB  . ALA A 1 65 ? -7.589  3.460   11.703  1.00 27.40 ? 65   ALA A CB  1 
ATOM   516  N N   . LEU A 1 66 ? -7.849  0.279   10.534  1.00 24.16 ? 66   LEU A N   1 
ATOM   517  C CA  . LEU A 1 66 ? -7.595  -0.583  9.380   1.00 23.02 ? 66   LEU A CA  1 
ATOM   518  C C   . LEU A 1 66 ? -8.814  -0.910  8.524   1.00 23.89 ? 66   LEU A C   1 
ATOM   519  O O   . LEU A 1 66 ? -9.787  -1.465  9.019   1.00 22.91 ? 66   LEU A O   1 
ATOM   520  C CB  . LEU A 1 66 ? -6.952  -1.900  9.828   1.00 21.09 ? 66   LEU A CB  1 
ATOM   521  C CG  . LEU A 1 66 ? -5.519  -1.913  10.366  1.00 22.33 ? 66   LEU A CG  1 
ATOM   522  C CD1 . LEU A 1 66 ? -5.094  -3.361  10.572  1.00 18.37 ? 66   LEU A CD1 1 
ATOM   523  C CD2 . LEU A 1 66 ? -4.571  -1.210  9.392   1.00 22.72 ? 66   LEU A CD2 1 
ATOM   524  N N   . ILE A 1 67 ? -8.766  -0.579  7.234   1.00 24.06 ? 67   ILE A N   1 
ATOM   525  C CA  . ILE A 1 67 ? -9.898  -0.895  6.371   1.00 24.33 ? 67   ILE A CA  1 
ATOM   526  C C   . ILE A 1 67 ? -9.900  -2.402  6.146   1.00 25.00 ? 67   ILE A C   1 
ATOM   527  O O   . ILE A 1 67 ? -10.825 -2.963  5.567   1.00 25.09 ? 67   ILE A O   1 
ATOM   528  C CB  . ILE A 1 67 ? -9.851  -0.142  5.014   1.00 23.56 ? 67   ILE A CB  1 
ATOM   529  C CG1 . ILE A 1 67 ? -8.613  -0.532  4.216   1.00 24.29 ? 67   ILE A CG1 1 
ATOM   530  C CG2 . ILE A 1 67 ? -9.855  1.354   5.259   1.00 24.03 ? 67   ILE A CG2 1 
ATOM   531  C CD1 . ILE A 1 67 ? -8.658  -0.065  2.765   1.00 23.00 ? 67   ILE A CD1 1 
ATOM   532  N N   . LYS A 1 68 ? -8.840  -3.059  6.600   1.00 26.15 ? 68   LYS A N   1 
ATOM   533  C CA  . LYS A 1 68 ? -8.776  -4.506  6.503   1.00 26.56 ? 68   LYS A CA  1 
ATOM   534  C C   . LYS A 1 68 ? -7.837  -5.067  7.558   1.00 28.55 ? 68   LYS A C   1 
ATOM   535  O O   . LYS A 1 68 ? -6.609  -5.064  7.399   1.00 26.96 ? 68   LYS A O   1 
ATOM   536  C CB  . LYS A 1 68 ? -8.330  -4.968  5.125   1.00 26.69 ? 68   LYS A CB  1 
ATOM   537  C CG  . LYS A 1 68 ? -8.597  -6.446  4.940   1.00 24.89 ? 68   LYS A CG  1 
ATOM   538  C CD  . LYS A 1 68 ? -7.810  -7.029  3.804   1.00 27.03 ? 68   LYS A CD  1 
ATOM   539  C CE  . LYS A 1 68 ? -8.196  -8.477  3.595   1.00 28.00 ? 68   LYS A CE  1 
ATOM   540  N NZ  . LYS A 1 68 ? -8.464  -9.160  4.892   1.00 30.21 ? 68   LYS A NZ  1 
ATOM   541  N N   . LYS A 1 69 ? -8.434  -5.539  8.645   1.00 28.92 ? 69   LYS A N   1 
ATOM   542  C CA  . LYS A 1 69 ? -7.682  -6.102  9.749   1.00 28.90 ? 69   LYS A CA  1 
ATOM   543  C C   . LYS A 1 69 ? -6.912  -7.350  9.392   1.00 29.44 ? 69   LYS A C   1 
ATOM   544  O O   . LYS A 1 69 ? -7.321  -8.127  8.527   1.00 31.65 ? 69   LYS A O   1 
ATOM   545  C CB  . LYS A 1 69 ? -8.615  -6.439  10.899  1.00 28.91 ? 69   LYS A CB  1 
ATOM   546  C CG  . LYS A 1 69 ? -8.960  -5.282  11.793  1.00 29.72 ? 69   LYS A CG  1 
ATOM   547  C CD  . LYS A 1 69 ? -9.753  -5.797  12.974  1.00 33.25 ? 69   LYS A CD  1 
ATOM   548  C CE  . LYS A 1 69 ? -9.885  -4.774  14.079  1.00 33.42 ? 69   LYS A CE  1 
ATOM   549  N NZ  . LYS A 1 69 ? -10.519 -5.387  15.289  1.00 34.32 ? 69   LYS A NZ  1 
ATOM   550  N N   . PRO A 1 70 ? -5.776  -7.564  10.066  1.00 29.40 ? 70   PRO A N   1 
ATOM   551  C CA  . PRO A 1 70 ? -4.982  -8.756  9.785   1.00 30.04 ? 70   PRO A CA  1 
ATOM   552  C C   . PRO A 1 70 ? -5.790  -9.937  10.313  1.00 31.37 ? 70   PRO A C   1 
ATOM   553  O O   . PRO A 1 70 ? -6.528  -9.793  11.287  1.00 31.04 ? 70   PRO A O   1 
ATOM   554  C CB  . PRO A 1 70 ? -3.717  -8.514  10.596  1.00 28.86 ? 70   PRO A CB  1 
ATOM   555  C CG  . PRO A 1 70 ? -4.243  -7.813  11.804  1.00 26.61 ? 70   PRO A CG  1 
ATOM   556  C CD  . PRO A 1 70 ? -5.218  -6.814  11.209  1.00 28.69 ? 70   PRO A CD  1 
ATOM   557  N N   . GLY A 1 71 ? -5.697  -11.084 9.655   1.00 33.88 ? 71   GLY A N   1 
ATOM   558  C CA  . GLY A 1 71 ? -6.420  -12.236 10.152  1.00 38.84 ? 71   GLY A CA  1 
ATOM   559  C C   . GLY A 1 71 ? -5.753  -12.616 11.461  1.00 41.34 ? 71   GLY A C   1 
ATOM   560  O O   . GLY A 1 71 ? -6.369  -12.580 12.524  1.00 43.06 ? 71   GLY A O   1 
ATOM   561  N N   . TYR A 1 72 ? -4.467  -12.944 11.380  1.00 42.51 ? 72   TYR A N   1 
ATOM   562  C CA  . TYR A 1 72 ? -3.671  -13.337 12.539  1.00 42.76 ? 72   TYR A CA  1 
ATOM   563  C C   . TYR A 1 72 ? -3.603  -12.282 13.654  1.00 44.22 ? 72   TYR A C   1 
ATOM   564  O O   . TYR A 1 72 ? -4.251  -11.235 13.582  1.00 44.28 ? 72   TYR A O   1 
ATOM   565  C CB  . TYR A 1 72 ? -2.266  -13.684 12.063  1.00 42.32 ? 72   TYR A CB  1 
ATOM   566  C CG  . TYR A 1 72 ? -1.570  -12.532 11.377  1.00 41.39 ? 72   TYR A CG  1 
ATOM   567  C CD1 . TYR A 1 72 ? -0.780  -11.641 12.102  1.00 39.73 ? 72   TYR A CD1 1 
ATOM   568  C CD2 . TYR A 1 72 ? -1.704  -12.326 10.003  1.00 40.58 ? 72   TYR A CD2 1 
ATOM   569  C CE1 . TYR A 1 72 ? -0.139  -10.582 11.481  1.00 37.06 ? 72   TYR A CE1 1 
ATOM   570  C CE2 . TYR A 1 72 ? -1.067  -11.261 9.370   1.00 38.04 ? 72   TYR A CE2 1 
ATOM   571  C CZ  . TYR A 1 72 ? -0.283  -10.395 10.117  1.00 36.60 ? 72   TYR A CZ  1 
ATOM   572  O OH  . TYR A 1 72 ? 0.373   -9.359  9.495   1.00 34.19 ? 72   TYR A OH  1 
ATOM   573  N N   . SER A 1 73 ? -2.809  -12.572 14.683  1.00 44.97 ? 73   SER A N   1 
ATOM   574  C CA  . SER A 1 73 ? -2.637  -11.669 15.821  1.00 45.30 ? 73   SER A CA  1 
ATOM   575  C C   . SER A 1 73 ? -1.380  -12.041 16.598  1.00 45.14 ? 73   SER A C   1 
ATOM   576  O O   . SER A 1 73 ? -1.224  -13.195 16.987  1.00 44.09 ? 73   SER A O   1 
ATOM   577  C CB  . SER A 1 73 ? -3.852  -11.754 16.755  1.00 46.42 ? 73   SER A CB  1 
ATOM   578  O OG  . SER A 1 73 ? -3.810  -10.752 17.765  1.00 45.00 ? 73   SER A OG  1 
ATOM   579  N N   . MET A 1 74 ? -0.501  -11.063 16.834  1.00 46.29 ? 74   MET A N   1 
ATOM   580  C CA  . MET A 1 74 ? 0.739   -11.305 17.581  1.00 46.67 ? 74   MET A CA  1 
ATOM   581  C C   . MET A 1 74 ? 1.124   -10.285 18.647  1.00 48.38 ? 74   MET A C   1 
ATOM   582  O O   . MET A 1 74 ? 2.134   -9.585  18.560  1.00 47.42 ? 74   MET A O   1 
ATOM   583  C CB  . MET A 1 74 ? 1.911   -11.529 16.604  1.00 43.74 ? 74   MET A CB  1 
ATOM   584  C CG  . MET A 1 74 ? 2.038   -10.525 15.459  1.00 41.31 ? 74   MET A CG  1 
ATOM   585  S SD  . MET A 1 74 ? 2.899   -11.214 13.988  1.00 35.27 ? 74   MET A SD  1 
ATOM   586  C CE  . MET A 1 74 ? 4.639   -11.041 14.416  1.00 38.14 ? 74   MET A CE  1 
ATOM   587  N N   . ASN A 1 75 ? 0.286   -10.242 19.672  1.00 51.49 ? 75   ASN A N   1 
ATOM   588  C CA  . ASN A 1 75 ? 0.442   -9.357  20.818  1.00 54.34 ? 75   ASN A CA  1 
ATOM   589  C C   . ASN A 1 75 ? 0.769   -10.194 22.070  1.00 56.21 ? 75   ASN A C   1 
ATOM   590  O O   . ASN A 1 75 ? -0.073  -10.984 22.536  1.00 56.46 ? 75   ASN A O   1 
ATOM   591  C CB  . ASN A 1 75 ? -0.858  -8.552  21.028  1.00 54.43 ? 75   ASN A CB  1 
ATOM   592  C CG  . ASN A 1 75 ? -0.762  -7.567  22.165  1.00 55.06 ? 75   ASN A CG  1 
ATOM   593  O OD1 . ASN A 1 75 ? -0.489  -7.939  23.304  1.00 55.74 ? 75   ASN A OD1 1 
ATOM   594  N ND2 . ASN A 1 75 ? -0.999  -6.293  21.861  1.00 54.06 ? 75   ASN A ND2 1 
ATOM   595  N N   . ALA A 1 76 ? 2.006   -10.052 22.550  1.00 57.72 ? 76   ALA A N   1 
ATOM   596  C CA  . ALA A 1 76 ? 2.503   -10.721 23.753  1.00 58.93 ? 76   ALA A CA  1 
ATOM   597  C C   . ALA A 1 76 ? 1.675   -11.862 24.368  1.00 59.49 ? 76   ALA A C   1 
ATOM   598  O O   . ALA A 1 76 ? 2.087   -13.036 24.311  1.00 60.06 ? 76   ALA A O   1 
ATOM   599  C CB  . ALA A 1 76 ? 2.749   -9.676  24.819  1.00 59.49 ? 76   ALA A CB  1 
ATOM   600  O OXT . ALA A 1 76 ? 0.628   -11.545 24.945  1.00 60.60 ? 76   ALA A OXT 1 
ATOM   601  N N   . PRO B 1 1  ? 0.721   -10.146 3.821   1.00 17.88 ? 1    PRO B N   1 
ATOM   602  C CA  . PRO B 1 1  ? 1.376   -8.853  3.551   1.00 17.56 ? 1    PRO B CA  1 
ATOM   603  C C   . PRO B 1 1  ? 0.548   -7.689  4.068   1.00 17.82 ? 1    PRO B C   1 
ATOM   604  O O   . PRO B 1 1  ? -0.651  -7.829  4.343   1.00 16.28 ? 1    PRO B O   1 
ATOM   605  C CB  . PRO B 1 1  ? 1.596   -8.765  2.041   1.00 19.00 ? 1    PRO B CB  1 
ATOM   606  C CG  . PRO B 1 1  ? 0.651   -9.836  1.513   1.00 18.53 ? 1    PRO B CG  1 
ATOM   607  C CD  . PRO B 1 1  ? 0.672   -10.927 2.575   1.00 20.03 ? 1    PRO B CD  1 
ATOM   608  N N   . HIS B 1 2  ? 1.200   -6.542  4.223   1.00 17.08 ? 2    HIS B N   1 
ATOM   609  C CA  . HIS B 1 2  ? 0.535   -5.352  4.730   1.00 17.19 ? 2    HIS B CA  1 
ATOM   610  C C   . HIS B 1 2  ? 0.576   -4.260  3.670   1.00 18.36 ? 2    HIS B C   1 
ATOM   611  O O   . HIS B 1 2  ? 1.642   -3.903  3.153   1.00 15.94 ? 2    HIS B O   1 
ATOM   612  C CB  . HIS B 1 2  ? 1.220   -4.886  6.023   1.00 17.07 ? 2    HIS B CB  1 
ATOM   613  C CG  . HIS B 1 2  ? 0.636   -3.640  6.603   1.00 18.20 ? 2    HIS B CG  1 
ATOM   614  N ND1 . HIS B 1 2  ? -0.687  -3.540  6.979   1.00 18.22 ? 2    HIS B ND1 1 
ATOM   615  C CD2 . HIS B 1 2  ? 1.179   -2.416  6.814   1.00 16.04 ? 2    HIS B CD2 1 
ATOM   616  C CE1 . HIS B 1 2  ? -0.936  -2.310  7.387   1.00 16.69 ? 2    HIS B CE1 1 
ATOM   617  N NE2 . HIS B 1 2  ? 0.181   -1.608  7.296   1.00 15.50 ? 2    HIS B NE2 1 
ATOM   618  N N   . ILE B 1 3  ? -0.595  -3.750  3.317   1.00 16.85 ? 3    ILE B N   1 
ATOM   619  C CA  . ILE B 1 3  ? -0.652  -2.714  2.303   1.00 17.29 ? 3    ILE B CA  1 
ATOM   620  C C   . ILE B 1 3  ? -1.115  -1.416  2.933   1.00 17.79 ? 3    ILE B C   1 
ATOM   621  O O   . ILE B 1 3  ? -2.102  -1.394  3.667   1.00 19.18 ? 3    ILE B O   1 
ATOM   622  C CB  . ILE B 1 3  ? -1.615  -3.097  1.161   1.00 16.94 ? 3    ILE B CB  1 
ATOM   623  C CG1 . ILE B 1 3  ? -1.171  -4.417  0.529   1.00 15.17 ? 3    ILE B CG1 1 
ATOM   624  C CG2 . ILE B 1 3  ? -1.642  -1.998  0.105   1.00 16.09 ? 3    ILE B CG2 1 
ATOM   625  C CD1 . ILE B 1 3  ? -1.564  -5.639  1.317   1.00 14.19 ? 3    ILE B CD1 1 
ATOM   626  N N   . ASP B 1 4  ? -0.387  -0.340  2.660   1.00 18.63 ? 4    ASP B N   1 
ATOM   627  C CA  . ASP B 1 4  ? -0.737  0.967   3.202   1.00 17.80 ? 4    ASP B CA  1 
ATOM   628  C C   . ASP B 1 4  ? -1.024  1.936   2.068   1.00 17.16 ? 4    ASP B C   1 
ATOM   629  O O   . ASP B 1 4  ? -0.177  2.179   1.220   1.00 17.02 ? 4    ASP B O   1 
ATOM   630  C CB  . ASP B 1 4  ? 0.401   1.494   4.085   1.00 16.71 ? 4    ASP B CB  1 
ATOM   631  C CG  . ASP B 1 4  ? 0.125   2.889   4.641   1.00 17.53 ? 4    ASP B CG  1 
ATOM   632  O OD1 . ASP B 1 4  ? 0.306   3.882   3.901   1.00 16.98 ? 4    ASP B OD1 1 
ATOM   633  O OD2 . ASP B 1 4  ? -0.271  2.999   5.822   1.00 17.29 ? 4    ASP B OD2 1 
ATOM   634  N N   . ILE B 1 5  ? -2.235  2.487   2.056   1.00 17.98 ? 5    ILE B N   1 
ATOM   635  C CA  . ILE B 1 5  ? -2.651  3.435   1.026   1.00 17.58 ? 5    ILE B CA  1 
ATOM   636  C C   . ILE B 1 5  ? -2.727  4.859   1.584   1.00 18.15 ? 5    ILE B C   1 
ATOM   637  O O   . ILE B 1 5  ? -3.510  5.133   2.486   1.00 19.06 ? 5    ILE B O   1 
ATOM   638  C CB  . ILE B 1 5  ? -4.045  3.053   0.463   1.00 18.80 ? 5    ILE B CB  1 
ATOM   639  C CG1 . ILE B 1 5  ? -4.038  1.590   0.010   1.00 17.48 ? 5    ILE B CG1 1 
ATOM   640  C CG2 . ILE B 1 5  ? -4.415  3.972   -0.699  1.00 17.71 ? 5    ILE B CG2 1 
ATOM   641  C CD1 . ILE B 1 5  ? -5.401  1.088   -0.424  1.00 17.17 ? 5    ILE B CD1 1 
ATOM   642  N N   . LYS B 1 6  ? -1.908  5.761   1.048   1.00 17.77 ? 6    LYS B N   1 
ATOM   643  C CA  . LYS B 1 6  ? -1.916  7.158   1.478   1.00 17.26 ? 6    LYS B CA  1 
ATOM   644  C C   . LYS B 1 6  ? -2.484  8.027   0.354   1.00 17.98 ? 6    LYS B C   1 
ATOM   645  O O   . LYS B 1 6  ? -2.033  7.949   -0.785  1.00 17.38 ? 6    LYS B O   1 
ATOM   646  C CB  . LYS B 1 6  ? -0.497  7.634   1.825   1.00 18.21 ? 6    LYS B CB  1 
ATOM   647  C CG  . LYS B 1 6  ? -0.008  7.252   3.218   1.00 16.03 ? 6    LYS B CG  1 
ATOM   648  C CD  . LYS B 1 6  ? 1.464   7.599   3.378   1.00 16.19 ? 6    LYS B CD  1 
ATOM   649  C CE  . LYS B 1 6  ? 1.925   7.432   4.828   1.00 18.62 ? 6    LYS B CE  1 
ATOM   650  N NZ  . LYS B 1 6  ? 1.916   6.025   5.292   1.00 18.87 ? 6    LYS B NZ  1 
ATOM   651  N N   . CYS B 1 7  ? -3.479  8.849   0.676   1.00 18.32 ? 7    CYS B N   1 
ATOM   652  C CA  . CYS B 1 7  ? -4.090  9.733   -0.310  1.00 16.67 ? 7    CYS B CA  1 
ATOM   653  C C   . CYS B 1 7  ? -4.565  11.034  0.325   1.00 17.70 ? 7    CYS B C   1 
ATOM   654  O O   . CYS B 1 7  ? -4.565  11.185  1.556   1.00 16.22 ? 7    CYS B O   1 
ATOM   655  C CB  . CYS B 1 7  ? -5.281  9.045   -0.972  1.00 19.48 ? 7    CYS B CB  1 
ATOM   656  S SG  . CYS B 1 7  ? -6.539  8.521   0.211   1.00 16.85 ? 7    CYS B SG  1 
ATOM   657  N N   . PHE B 1 8  ? -4.953  11.980  -0.522  1.00 17.76 ? 8    PHE B N   1 
ATOM   658  C CA  . PHE B 1 8  ? -5.449  13.257  -0.046  1.00 20.11 ? 8    PHE B CA  1 
ATOM   659  C C   . PHE B 1 8  ? -6.849  13.000  0.488   1.00 21.96 ? 8    PHE B C   1 
ATOM   660  O O   . PHE B 1 8  ? -7.470  11.986  0.157   1.00 20.55 ? 8    PHE B O   1 
ATOM   661  C CB  . PHE B 1 8  ? -5.481  14.283  -1.183  1.00 20.27 ? 8    PHE B CB  1 
ATOM   662  C CG  . PHE B 1 8  ? -4.112  14.676  -1.682  1.00 20.42 ? 8    PHE B CG  1 
ATOM   663  C CD1 . PHE B 1 8  ? -3.096  14.982  -0.787  1.00 19.79 ? 8    PHE B CD1 1 
ATOM   664  C CD2 . PHE B 1 8  ? -3.846  14.760  -3.048  1.00 22.05 ? 8    PHE B CD2 1 
ATOM   665  C CE1 . PHE B 1 8  ? -1.830  15.366  -1.237  1.00 18.66 ? 8    PHE B CE1 1 
ATOM   666  C CE2 . PHE B 1 8  ? -2.590  15.141  -3.512  1.00 22.32 ? 8    PHE B CE2 1 
ATOM   667  C CZ  . PHE B 1 8  ? -1.577  15.447  -2.603  1.00 21.92 ? 8    PHE B CZ  1 
ATOM   668  N N   . PRO B 1 9  ? -7.362  13.910  1.324   1.00 23.90 ? 9    PRO B N   1 
ATOM   669  C CA  . PRO B 1 9  ? -8.697  13.767  1.906   1.00 26.02 ? 9    PRO B CA  1 
ATOM   670  C C   . PRO B 1 9  ? -9.824  13.608  0.886   1.00 28.52 ? 9    PRO B C   1 
ATOM   671  O O   . PRO B 1 9  ? -9.905  14.342  -0.103  1.00 28.45 ? 9    PRO B O   1 
ATOM   672  C CB  . PRO B 1 9  ? -8.848  15.042  2.743   1.00 26.20 ? 9    PRO B CB  1 
ATOM   673  C CG  . PRO B 1 9  ? -7.422  15.368  3.124   1.00 26.26 ? 9    PRO B CG  1 
ATOM   674  C CD  . PRO B 1 9  ? -6.693  15.122  1.831   1.00 23.61 ? 9    PRO B CD  1 
ATOM   675  N N   . ARG B 1 10 ? -10.691 12.637  1.144   1.00 29.98 ? 10   ARG B N   1 
ATOM   676  C CA  . ARG B 1 10 ? -11.842 12.376  0.297   1.00 32.69 ? 10   ARG B CA  1 
ATOM   677  C C   . ARG B 1 10 ? -12.917 11.730  1.150   1.00 34.02 ? 10   ARG B C   1 
ATOM   678  O O   . ARG B 1 10 ? -12.622 11.144  2.192   1.00 34.90 ? 10   ARG B O   1 
ATOM   679  C CB  . ARG B 1 10 ? -11.468 11.460  -0.871  1.00 33.11 ? 10   ARG B CB  1 
ATOM   680  C CG  . ARG B 1 10 ? -10.336 10.496  -0.594  1.00 31.33 ? 10   ARG B CG  1 
ATOM   681  C CD  . ARG B 1 10 ? -10.095 9.606   -1.797  1.00 31.82 ? 10   ARG B CD  1 
ATOM   682  N NE  . ARG B 1 10 ? -9.944  10.366  -3.037  1.00 31.73 ? 10   ARG B NE  1 
ATOM   683  C CZ  . ARG B 1 10 ? -8.856  11.045  -3.396  1.00 32.40 ? 10   ARG B CZ  1 
ATOM   684  N NH1 . ARG B 1 10 ? -7.784  11.078  -2.617  1.00 30.08 ? 10   ARG B NH1 1 
ATOM   685  N NH2 . ARG B 1 10 ? -8.848  11.701  -4.550  1.00 36.25 ? 10   ARG B NH2 1 
ATOM   686  N N   . GLU B 1 11 ? -14.167 11.857  0.716   1.00 35.76 ? 11   GLU B N   1 
ATOM   687  C CA  . GLU B 1 11 ? -15.286 11.277  1.447   1.00 36.70 ? 11   GLU B CA  1 
ATOM   688  C C   . GLU B 1 11 ? -15.418 9.809   1.073   1.00 35.97 ? 11   GLU B C   1 
ATOM   689  O O   . GLU B 1 11 ? -15.453 9.453   -0.102  1.00 34.41 ? 11   GLU B O   1 
ATOM   690  C CB  . GLU B 1 11 ? -16.569 12.050  1.140   1.00 38.98 ? 11   GLU B CB  1 
ATOM   691  C CG  . GLU B 1 11 ? -16.536 13.485  1.676   1.00 43.40 ? 11   GLU B CG  1 
ATOM   692  C CD  . GLU B 1 11 ? -16.349 13.543  3.194   1.00 45.93 ? 11   GLU B CD  1 
ATOM   693  O OE1 . GLU B 1 11 ? -17.326 13.289  3.935   1.00 46.49 ? 11   GLU B OE1 1 
ATOM   694  O OE2 . GLU B 1 11 ? -15.220 13.834  3.650   1.00 46.94 ? 11   GLU B OE2 1 
ATOM   695  N N   . LEU B 1 12 ? -15.471 8.960   2.090   1.00 36.17 ? 12   LEU B N   1 
ATOM   696  C CA  . LEU B 1 12 ? -15.549 7.522   1.890   1.00 37.06 ? 12   LEU B CA  1 
ATOM   697  C C   . LEU B 1 12 ? -16.304 6.877   3.043   1.00 35.68 ? 12   LEU B C   1 
ATOM   698  O O   . LEU B 1 12 ? -15.879 6.986   4.190   1.00 35.79 ? 12   LEU B O   1 
ATOM   699  C CB  . LEU B 1 12 ? -14.131 6.952   1.852   1.00 38.80 ? 12   LEU B CB  1 
ATOM   700  C CG  . LEU B 1 12 ? -13.626 6.133   0.667   1.00 41.36 ? 12   LEU B CG  1 
ATOM   701  C CD1 . LEU B 1 12 ? -13.597 6.975   -0.608  1.00 41.08 ? 12   LEU B CD1 1 
ATOM   702  C CD2 . LEU B 1 12 ? -12.232 5.629   1.013   1.00 41.56 ? 12   LEU B CD2 1 
ATOM   703  N N   . ASP B 1 13 ? -17.422 6.217   2.750   1.00 35.23 ? 13   ASP B N   1 
ATOM   704  C CA  . ASP B 1 13 ? -18.182 5.553   3.805   1.00 34.45 ? 13   ASP B CA  1 
ATOM   705  C C   . ASP B 1 13 ? -17.653 4.134   3.967   1.00 35.24 ? 13   ASP B C   1 
ATOM   706  O O   . ASP B 1 13 ? -16.792 3.703   3.204   1.00 35.01 ? 13   ASP B O   1 
ATOM   707  C CB  . ASP B 1 13 ? -19.692 5.540   3.501   1.00 32.60 ? 13   ASP B CB  1 
ATOM   708  C CG  . ASP B 1 13 ? -20.042 4.779   2.232   1.00 32.69 ? 13   ASP B CG  1 
ATOM   709  O OD1 . ASP B 1 13 ? -19.512 3.668   2.012   1.00 31.99 ? 13   ASP B OD1 1 
ATOM   710  O OD2 . ASP B 1 13 ? -20.873 5.292   1.457   1.00 30.37 ? 13   ASP B OD2 1 
ATOM   711  N N   . GLU B 1 14 ? -18.171 3.412   4.953   1.00 35.61 ? 14   GLU B N   1 
ATOM   712  C CA  . GLU B 1 14 ? -17.721 2.054   5.227   1.00 36.63 ? 14   GLU B CA  1 
ATOM   713  C C   . GLU B 1 14 ? -17.751 1.102   4.030   1.00 36.09 ? 14   GLU B C   1 
ATOM   714  O O   . GLU B 1 14 ? -16.788 0.363   3.787   1.00 35.30 ? 14   GLU B O   1 
ATOM   715  C CB  . GLU B 1 14 ? -18.540 1.469   6.379   1.00 40.04 ? 14   GLU B CB  1 
ATOM   716  C CG  . GLU B 1 14 ? -18.474 2.294   7.673   1.00 44.70 ? 14   GLU B CG  1 
ATOM   717  C CD  . GLU B 1 14 ? -17.072 2.365   8.283   1.00 48.30 ? 14   GLU B CD  1 
ATOM   718  O OE1 . GLU B 1 14 ? -16.171 2.992   7.679   1.00 49.30 ? 14   GLU B OE1 1 
ATOM   719  O OE2 . GLU B 1 14 ? -16.870 1.792   9.376   1.00 50.00 ? 14   GLU B OE2 1 
ATOM   720  N N   . GLN B 1 15 ? -18.844 1.128   3.276   1.00 34.02 ? 15   GLN B N   1 
ATOM   721  C CA  . GLN B 1 15 ? -18.990 0.249   2.124   1.00 32.08 ? 15   GLN B CA  1 
ATOM   722  C C   . GLN B 1 15 ? -17.922 0.483   1.068   1.00 29.36 ? 15   GLN B C   1 
ATOM   723  O O   . GLN B 1 15 ? -17.463 -0.454  0.419   1.00 28.03 ? 15   GLN B O   1 
ATOM   724  C CB  . GLN B 1 15 ? -20.372 0.433   1.500   1.00 34.05 ? 15   GLN B CB  1 
ATOM   725  C CG  . GLN B 1 15 ? -21.470 0.702   2.520   1.00 40.22 ? 15   GLN B CG  1 
ATOM   726  C CD  . GLN B 1 15 ? -21.611 -0.381  3.584   1.00 43.15 ? 15   GLN B CD  1 
ATOM   727  O OE1 . GLN B 1 15 ? -22.286 -0.175  4.595   1.00 44.70 ? 15   GLN B OE1 1 
ATOM   728  N NE2 . GLN B 1 15 ? -20.990 -1.539  3.359   1.00 45.11 ? 15   GLN B NE2 1 
ATOM   729  N N   . GLN B 1 16 ? -17.538 1.738   0.887   1.00 26.47 ? 16   GLN B N   1 
ATOM   730  C CA  . GLN B 1 16 ? -16.521 2.078   -0.097  1.00 24.06 ? 16   GLN B CA  1 
ATOM   731  C C   . GLN B 1 16 ? -15.149 1.631   0.391   1.00 22.49 ? 16   GLN B C   1 
ATOM   732  O O   . GLN B 1 16 ? -14.341 1.122   -0.381  1.00 19.32 ? 16   GLN B O   1 
ATOM   733  C CB  . GLN B 1 16 ? -16.534 3.575   -0.364  1.00 23.02 ? 16   GLN B CB  1 
ATOM   734  C CG  . GLN B 1 16 ? -17.836 4.071   -0.972  1.00 23.74 ? 16   GLN B CG  1 
ATOM   735  C CD  . GLN B 1 16 ? -17.877 5.579   -1.068  1.00 26.23 ? 16   GLN B CD  1 
ATOM   736  O OE1 . GLN B 1 16 ? -17.596 6.278   -0.094  1.00 28.19 ? 16   GLN B OE1 1 
ATOM   737  N NE2 . GLN B 1 16 ? -18.236 6.090   -2.238  1.00 28.49 ? 16   GLN B NE2 1 
ATOM   738  N N   . LYS B 1 17 ? -14.887 1.820   1.680   1.00 22.18 ? 17   LYS B N   1 
ATOM   739  C CA  . LYS B 1 17 ? -13.617 1.387   2.243   1.00 22.92 ? 17   LYS B CA  1 
ATOM   740  C C   . LYS B 1 17 ? -13.501 -0.129  2.086   1.00 21.72 ? 17   LYS B C   1 
ATOM   741  O O   . LYS B 1 17 ? -12.440 -0.643  1.740   1.00 21.24 ? 17   LYS B O   1 
ATOM   742  C CB  . LYS B 1 17 ? -13.528 1.777   3.717   1.00 24.79 ? 17   LYS B CB  1 
ATOM   743  C CG  . LYS B 1 17 ? -13.463 3.278   3.937   1.00 27.50 ? 17   LYS B CG  1 
ATOM   744  C CD  . LYS B 1 17 ? -13.408 3.620   5.414   1.00 32.06 ? 17   LYS B CD  1 
ATOM   745  C CE  . LYS B 1 17 ? -13.355 5.128   5.609   1.00 34.15 ? 17   LYS B CE  1 
ATOM   746  N NZ  . LYS B 1 17 ? -13.247 5.500   7.050   1.00 38.38 ? 17   LYS B NZ  1 
ATOM   747  N N   . ALA B 1 18 ? -14.608 -0.836  2.325   1.00 21.37 ? 18   ALA B N   1 
ATOM   748  C CA  . ALA B 1 18 ? -14.650 -2.298  2.209   1.00 21.58 ? 18   ALA B CA  1 
ATOM   749  C C   . ALA B 1 18 ? -14.416 -2.755  0.772   1.00 20.22 ? 18   ALA B C   1 
ATOM   750  O O   . ALA B 1 18 ? -13.621 -3.664  0.527   1.00 20.39 ? 18   ALA B O   1 
ATOM   751  C CB  . ALA B 1 18 ? -15.996 -2.839  2.727   1.00 23.24 ? 18   ALA B CB  1 
ATOM   752  N N   . ALA B 1 19 ? -15.118 -2.141  -0.179  1.00 18.51 ? 19   ALA B N   1 
ATOM   753  C CA  . ALA B 1 19 ? -14.947 -2.502  -1.584  1.00 17.26 ? 19   ALA B CA  1 
ATOM   754  C C   . ALA B 1 19 ? -13.475 -2.304  -1.989  1.00 17.70 ? 19   ALA B C   1 
ATOM   755  O O   . ALA B 1 19 ? -12.908 -3.137  -2.700  1.00 18.61 ? 19   ALA B O   1 
ATOM   756  C CB  . ALA B 1 19 ? -15.861 -1.652  -2.470  1.00 15.25 ? 19   ALA B CB  1 
ATOM   757  N N   . LEU B 1 20 ? -12.860 -1.211  -1.532  1.00 13.32 ? 20   LEU B N   1 
ATOM   758  C CA  . LEU B 1 20 ? -11.457 -0.924  -1.858  1.00 15.78 ? 20   LEU B CA  1 
ATOM   759  C C   . LEU B 1 20 ? -10.551 -2.011  -1.288  1.00 14.90 ? 20   LEU B C   1 
ATOM   760  O O   . LEU B 1 20 ? -9.751  -2.597  -2.009  1.00 16.11 ? 20   LEU B O   1 
ATOM   761  C CB  . LEU B 1 20 ? -11.032 0.447   -1.311  1.00 12.45 ? 20   LEU B CB  1 
ATOM   762  C CG  . LEU B 1 20 ? -9.535  0.803   -1.393  1.00 14.36 ? 20   LEU B CG  1 
ATOM   763  C CD1 . LEU B 1 20 ? -9.009  0.659   -2.817  1.00 15.32 ? 20   LEU B CD1 1 
ATOM   764  C CD2 . LEU B 1 20 ? -9.338  2.221   -0.898  1.00 12.94 ? 20   LEU B CD2 1 
ATOM   765  N N   . ALA B 1 21 ? -10.698 -2.283  0.005   1.00 17.33 ? 21   ALA B N   1 
ATOM   766  C CA  . ALA B 1 21 ? -9.920  -3.321  0.675   1.00 17.56 ? 21   ALA B CA  1 
ATOM   767  C C   . ALA B 1 21 ? -10.093 -4.667  -0.021  1.00 17.39 ? 21   ALA B C   1 
ATOM   768  O O   . ALA B 1 21 ? -9.116  -5.380  -0.232  1.00 17.60 ? 21   ALA B O   1 
ATOM   769  C CB  . ALA B 1 21 ? -10.342 -3.437  2.137   1.00 17.19 ? 21   ALA B CB  1 
ATOM   770  N N   . ALA B 1 22 ? -11.333 -5.016  -0.372  1.00 17.89 ? 22   ALA B N   1 
ATOM   771  C CA  . ALA B 1 22 ? -11.624 -6.285  -1.048  1.00 17.66 ? 22   ALA B CA  1 
ATOM   772  C C   . ALA B 1 22 ? -10.905 -6.399  -2.391  1.00 16.72 ? 22   ALA B C   1 
ATOM   773  O O   . ALA B 1 22 ? -10.341 -7.441  -2.708  1.00 16.85 ? 22   ALA B O   1 
ATOM   774  C CB  . ALA B 1 22 ? -13.145 -6.454  -1.251  1.00 18.59 ? 22   ALA B CB  1 
ATOM   775  N N   . ASP B 1 23 ? -10.924 -5.325  -3.176  1.00 17.34 ? 23   ASP B N   1 
ATOM   776  C CA  . ASP B 1 23 ? -10.261 -5.311  -4.478  1.00 17.47 ? 23   ASP B CA  1 
ATOM   777  C C   . ASP B 1 23 ? -8.738  -5.371  -4.333  1.00 18.44 ? 23   ASP B C   1 
ATOM   778  O O   . ASP B 1 23 ? -8.056  -6.067  -5.081  1.00 19.37 ? 23   ASP B O   1 
ATOM   779  C CB  . ASP B 1 23 ? -10.656 -4.060  -5.249  1.00 22.17 ? 23   ASP B CB  1 
ATOM   780  C CG  . ASP B 1 23 ? -11.337 -4.389  -6.550  1.00 26.71 ? 23   ASP B CG  1 
ATOM   781  O OD1 . ASP B 1 23 ? -12.247 -3.640  -6.970  1.00 25.76 ? 23   ASP B OD1 1 
ATOM   782  O OD2 . ASP B 1 23 ? -10.953 -5.414  -7.155  1.00 32.49 ? 23   ASP B OD2 1 
ATOM   783  N N   . ILE B 1 24 ? -8.200  -4.643  -3.370  1.00 18.36 ? 24   ILE B N   1 
ATOM   784  C CA  . ILE B 1 24 ? -6.763  -4.671  -3.152  1.00 18.51 ? 24   ILE B CA  1 
ATOM   785  C C   . ILE B 1 24 ? -6.371  -6.102  -2.787  1.00 18.61 ? 24   ILE B C   1 
ATOM   786  O O   . ILE B 1 24 ? -5.358  -6.620  -3.245  1.00 18.41 ? 24   ILE B O   1 
ATOM   787  C CB  . ILE B 1 24 ? -6.376  -3.729  -2.000  1.00 16.20 ? 24   ILE B CB  1 
ATOM   788  C CG1 . ILE B 1 24 ? -6.581  -2.272  -2.434  1.00 15.50 ? 24   ILE B CG1 1 
ATOM   789  C CG2 . ILE B 1 24 ? -4.934  -3.984  -1.571  1.00 15.16 ? 24   ILE B CG2 1 
ATOM   790  C CD1 . ILE B 1 24 ? -5.568  -1.758  -3.450  1.00 15.00 ? 24   ILE B CD1 1 
ATOM   791  N N   . THR B 1 25 ? -7.202  -6.738  -1.968  1.00 21.17 ? 25   THR B N   1 
ATOM   792  C CA  . THR B 1 25 ? -6.933  -8.095  -1.514  1.00 22.15 ? 25   THR B CA  1 
ATOM   793  C C   . THR B 1 25 ? -6.802  -9.076  -2.658  1.00 23.46 ? 25   THR B C   1 
ATOM   794  O O   . THR B 1 25 ? -5.855  -9.865  -2.679  1.00 25.23 ? 25   THR B O   1 
ATOM   795  C CB  . THR B 1 25 ? -8.014  -8.589  -0.514  1.00 22.34 ? 25   THR B CB  1 
ATOM   796  O OG1 . THR B 1 25 ? -7.906  -7.835  0.700   1.00 21.37 ? 25   THR B OG1 1 
ATOM   797  C CG2 . THR B 1 25 ? -7.826  -10.086 -0.196  1.00 21.80 ? 25   THR B CG2 1 
ATOM   798  N N   . ASP B 1 26 ? -7.727  -9.020  -3.615  1.00 23.07 ? 26   ASP B N   1 
ATOM   799  C CA  . ASP B 1 26 ? -7.668  -9.918  -4.764  1.00 23.13 ? 26   ASP B CA  1 
ATOM   800  C C   . ASP B 1 26 ? -6.412  -9.707  -5.625  1.00 22.18 ? 26   ASP B C   1 
ATOM   801  O O   . ASP B 1 26 ? -5.844  -10.672 -6.137  1.00 21.23 ? 26   ASP B O   1 
ATOM   802  C CB  . ASP B 1 26 ? -8.917  -9.777  -5.644  1.00 22.07 ? 26   ASP B CB  1 
ATOM   803  C CG  . ASP B 1 26 ? -10.181 -10.335 -4.986  1.00 22.37 ? 26   ASP B CG  1 
ATOM   804  O OD1 . ASP B 1 26 ? -10.089 -11.208 -4.092  1.00 21.92 ? 26   ASP B OD1 1 
ATOM   805  O OD2 . ASP B 1 26 ? -11.277 -9.902  -5.388  1.00 19.32 ? 26   ASP B OD2 1 
ATOM   806  N N   . VAL B 1 27 ? -5.987  -8.458  -5.804  1.00 19.80 ? 27   VAL B N   1 
ATOM   807  C CA  . VAL B 1 27 ? -4.791  -8.182  -6.601  1.00 18.07 ? 27   VAL B CA  1 
ATOM   808  C C   . VAL B 1 27 ? -3.580  -8.770  -5.871  1.00 18.99 ? 27   VAL B C   1 
ATOM   809  O O   . VAL B 1 27 ? -2.716  -9.400  -6.471  1.00 19.60 ? 27   VAL B O   1 
ATOM   810  C CB  . VAL B 1 27 ? -4.629  -6.648  -6.818  1.00 18.47 ? 27   VAL B CB  1 
ATOM   811  C CG1 . VAL B 1 27 ? -3.247  -6.306  -7.351  1.00 13.24 ? 27   VAL B CG1 1 
ATOM   812  C CG2 . VAL B 1 27 ? -5.687  -6.168  -7.801  1.00 17.74 ? 27   VAL B CG2 1 
ATOM   813  N N   . ILE B 1 28 ? -3.539  -8.591  -4.560  1.00 19.32 ? 28   ILE B N   1 
ATOM   814  C CA  . ILE B 1 28 ? -2.434  -9.108  -3.774  1.00 21.61 ? 28   ILE B CA  1 
ATOM   815  C C   . ILE B 1 28 ? -2.383  -10.635 -3.840  1.00 23.08 ? 28   ILE B C   1 
ATOM   816  O O   . ILE B 1 28 ? -1.309  -11.227 -4.010  1.00 19.84 ? 28   ILE B O   1 
ATOM   817  C CB  . ILE B 1 28 ? -2.557  -8.649  -2.318  1.00 21.28 ? 28   ILE B CB  1 
ATOM   818  C CG1 . ILE B 1 28 ? -2.356  -7.133  -2.253  1.00 23.29 ? 28   ILE B CG1 1 
ATOM   819  C CG2 . ILE B 1 28 ? -1.548  -9.382  -1.438  1.00 22.25 ? 28   ILE B CG2 1 
ATOM   820  C CD1 . ILE B 1 28 ? -1.000  -6.654  -2.761  1.00 19.49 ? 28   ILE B CD1 1 
ATOM   821  N N   . ILE B 1 29 ? -3.552  -11.257 -3.713  1.00 22.65 ? 29   ILE B N   1 
ATOM   822  C CA  . ILE B 1 29 ? -3.651  -12.706 -3.752  1.00 25.09 ? 29   ILE B CA  1 
ATOM   823  C C   . ILE B 1 29 ? -3.136  -13.282 -5.062  1.00 25.28 ? 29   ILE B C   1 
ATOM   824  O O   . ILE B 1 29 ? -2.433  -14.284 -5.039  1.00 28.12 ? 29   ILE B O   1 
ATOM   825  C CB  . ILE B 1 29 ? -5.114  -13.189 -3.500  1.00 25.67 ? 29   ILE B CB  1 
ATOM   826  C CG1 . ILE B 1 29 ? -5.502  -12.917 -2.043  1.00 24.74 ? 29   ILE B CG1 1 
ATOM   827  C CG2 . ILE B 1 29 ? -5.241  -14.683 -3.795  1.00 27.86 ? 29   ILE B CG2 1 
ATOM   828  C CD1 . ILE B 1 29 ? -6.942  -13.255 -1.702  1.00 26.82 ? 29   ILE B CD1 1 
ATOM   829  N N   . ARG B 1 30 ? -3.458  -12.659 -6.194  1.00 26.20 ? 30   ARG B N   1 
ATOM   830  C CA  . ARG B 1 30 ? -2.994  -13.173 -7.489  1.00 28.42 ? 30   ARG B CA  1 
ATOM   831  C C   . ARG B 1 30 ? -1.491  -13.014 -7.678  1.00 29.20 ? 30   ARG B C   1 
ATOM   832  O O   . ARG B 1 30 ? -0.795  -13.954 -8.059  1.00 31.56 ? 30   ARG B O   1 
ATOM   833  C CB  . ARG B 1 30 ? -3.620  -12.434 -8.670  1.00 31.12 ? 30   ARG B CB  1 
ATOM   834  C CG  . ARG B 1 30 ? -5.061  -12.038 -8.576  1.00 34.99 ? 30   ARG B CG  1 
ATOM   835  C CD  . ARG B 1 30 ? -5.261  -10.859 -9.524  1.00 37.86 ? 30   ARG B CD  1 
ATOM   836  N NE  . ARG B 1 30 ? -6.631  -10.370 -9.562  1.00 40.01 ? 30   ARG B NE  1 
ATOM   837  C CZ  . ARG B 1 30 ? -7.004  -9.251  -10.179 1.00 42.64 ? 30   ARG B CZ  1 
ATOM   838  N NH1 . ARG B 1 30 ? -6.105  -8.496  -10.808 1.00 42.95 ? 30   ARG B NH1 1 
ATOM   839  N NH2 . ARG B 1 30 ? -8.281  -8.891  -10.184 1.00 44.88 ? 30   ARG B NH2 1 
ATOM   840  N N   . HIS B 1 31 ? -1.002  -11.800 -7.448  1.00 27.16 ? 31   HIS B N   1 
ATOM   841  C CA  . HIS B 1 31 ? 0.409   -11.500 -7.647  1.00 26.60 ? 31   HIS B CA  1 
ATOM   842  C C   . HIS B 1 31 ? 1.376   -12.039 -6.614  1.00 25.90 ? 31   HIS B C   1 
ATOM   843  O O   . HIS B 1 31 ? 2.476   -12.452 -6.962  1.00 27.29 ? 31   HIS B O   1 
ATOM   844  C CB  . HIS B 1 31 ? 0.596   -9.986  -7.802  1.00 23.23 ? 31   HIS B CB  1 
ATOM   845  C CG  . HIS B 1 31 ? 0.027   -9.446  -9.078  1.00 20.52 ? 31   HIS B CG  1 
ATOM   846  N ND1 . HIS B 1 31 ? 0.648   -9.607  -10.297 1.00 19.59 ? 31   HIS B ND1 1 
ATOM   847  C CD2 . HIS B 1 31 ? -1.137  -8.800  -9.331  1.00 18.76 ? 31   HIS B CD2 1 
ATOM   848  C CE1 . HIS B 1 31 ? -0.107  -9.087  -11.247 1.00 19.05 ? 31   HIS B CE1 1 
ATOM   849  N NE2 . HIS B 1 31 ? -1.198  -8.593  -10.687 1.00 19.55 ? 31   HIS B NE2 1 
ATOM   850  N N   . LEU B 1 32 ? 0.978   -12.041 -5.348  1.00 27.09 ? 32   LEU B N   1 
ATOM   851  C CA  . LEU B 1 32 ? 1.857   -12.531 -4.298  1.00 28.80 ? 32   LEU B CA  1 
ATOM   852  C C   . LEU B 1 32 ? 1.498   -13.945 -3.834  1.00 30.64 ? 32   LEU B C   1 
ATOM   853  O O   . LEU B 1 32 ? 2.198   -14.527 -3.006  1.00 32.39 ? 32   LEU B O   1 
ATOM   854  C CB  . LEU B 1 32 ? 1.836   -11.563 -3.107  1.00 27.02 ? 32   LEU B CB  1 
ATOM   855  C CG  . LEU B 1 32 ? 2.237   -10.113 -3.415  1.00 28.67 ? 32   LEU B CG  1 
ATOM   856  C CD1 . LEU B 1 32 ? 2.233   -9.272  -2.136  1.00 26.88 ? 32   LEU B CD1 1 
ATOM   857  C CD2 . LEU B 1 32 ? 3.616   -10.103 -4.058  1.00 27.73 ? 32   LEU B CD2 1 
ATOM   858  N N   . ASN B 1 33 ? 0.420   -14.497 -4.382  1.00 31.73 ? 33   ASN B N   1 
ATOM   859  C CA  . ASN B 1 33 ? -0.046  -15.835 -4.006  1.00 32.31 ? 33   ASN B CA  1 
ATOM   860  C C   . ASN B 1 33 ? -0.190  -15.930 -2.500  1.00 30.86 ? 33   ASN B C   1 
ATOM   861  O O   . ASN B 1 33 ? 0.110   -16.957 -1.888  1.00 30.58 ? 33   ASN B O   1 
ATOM   862  C CB  . ASN B 1 33 ? 0.920   -16.916 -4.494  1.00 35.89 ? 33   ASN B CB  1 
ATOM   863  C CG  . ASN B 1 33 ? 1.049   -16.934 -5.993  1.00 37.32 ? 33   ASN B CG  1 
ATOM   864  O OD1 . ASN B 1 33 ? 0.061   -17.108 -6.713  1.00 40.56 ? 33   ASN B OD1 1 
ATOM   865  N ND2 . ASN B 1 33 ? 2.267   -16.744 -6.478  1.00 39.67 ? 33   ASN B ND2 1 
ATOM   866  N N   . SER B 1 34 ? -0.664  -14.841 -1.911  1.00 30.83 ? 34   SER B N   1 
ATOM   867  C CA  . SER B 1 34 ? -0.852  -14.767 -0.483  1.00 28.71 ? 34   SER B CA  1 
ATOM   868  C C   . SER B 1 34 ? -2.167  -15.378 -0.028  1.00 29.82 ? 34   SER B C   1 
ATOM   869  O O   . SER B 1 34 ? -3.126  -15.505 -0.781  1.00 28.70 ? 34   SER B O   1 
ATOM   870  C CB  . SER B 1 34 ? -0.771  -13.309 -0.028  1.00 27.80 ? 34   SER B CB  1 
ATOM   871  O OG  . SER B 1 34 ? -1.043  -13.199 1.359   1.00 29.34 ? 34   SER B OG  1 
ATOM   872  N N   . LYS B 1 35 ? -2.186  -15.760 1.235   1.00 32.13 ? 35   LYS B N   1 
ATOM   873  C CA  . LYS B 1 35 ? -3.362  -16.333 1.849   1.00 33.13 ? 35   LYS B CA  1 
ATOM   874  C C   . LYS B 1 35 ? -4.207  -15.099 2.134   1.00 32.78 ? 35   LYS B C   1 
ATOM   875  O O   . LYS B 1 35 ? -3.668  -14.005 2.261   1.00 33.01 ? 35   LYS B O   1 
ATOM   876  C CB  . LYS B 1 35 ? -2.953  -17.013 3.154   1.00 36.42 ? 35   LYS B CB  1 
ATOM   877  C CG  . LYS B 1 35 ? -3.906  -18.062 3.687   1.00 40.28 ? 35   LYS B CG  1 
ATOM   878  C CD  . LYS B 1 35 ? -3.345  -18.661 4.981   1.00 42.39 ? 35   LYS B CD  1 
ATOM   879  C CE  . LYS B 1 35 ? -1.858  -18.973 4.857   1.00 43.20 ? 35   LYS B CE  1 
ATOM   880  N NZ  . LYS B 1 35 ? -1.585  -19.876 3.705   1.00 46.29 ? 35   LYS B NZ  1 
ATOM   881  N N   . ASP B 1 36 ? -5.517  -15.251 2.234   1.00 31.58 ? 36   ASP B N   1 
ATOM   882  C CA  . ASP B 1 36 ? -6.359  -14.097 2.506   1.00 31.40 ? 36   ASP B CA  1 
ATOM   883  C C   . ASP B 1 36 ? -6.218  -13.531 3.920   1.00 31.57 ? 36   ASP B C   1 
ATOM   884  O O   . ASP B 1 36 ? -6.108  -12.321 4.091   1.00 30.60 ? 36   ASP B O   1 
ATOM   885  C CB  . ASP B 1 36 ? -7.837  -14.423 2.238   1.00 33.09 ? 36   ASP B CB  1 
ATOM   886  C CG  . ASP B 1 36 ? -8.774  -13.287 2.647   1.00 32.92 ? 36   ASP B CG  1 
ATOM   887  O OD1 . ASP B 1 36 ? -9.010  -13.098 3.860   1.00 33.09 ? 36   ASP B OD1 1 
ATOM   888  O OD2 . ASP B 1 36 ? -9.272  -12.573 1.754   1.00 35.74 ? 36   ASP B OD2 1 
ATOM   889  N N   . SER B 1 37 ? -6.230  -14.398 4.930   1.00 32.48 ? 37   SER B N   1 
ATOM   890  C CA  . SER B 1 37 ? -6.111  -13.976 6.329   1.00 32.63 ? 37   SER B CA  1 
ATOM   891  C C   . SER B 1 37 ? -4.844  -13.193 6.652   1.00 32.09 ? 37   SER B C   1 
ATOM   892  O O   . SER B 1 37 ? -4.822  -12.404 7.598   1.00 32.86 ? 37   SER B O   1 
ATOM   893  C CB  . SER B 1 37 ? -6.164  -15.200 7.251   1.00 32.97 ? 37   SER B CB  1 
ATOM   894  O OG  . SER B 1 37 ? -5.027  -16.011 7.034   1.00 31.70 ? 37   SER B OG  1 
ATOM   895  N N   . SER B 1 38 ? -3.789  -13.428 5.883   1.00 30.35 ? 38   SER B N   1 
ATOM   896  C CA  . SER B 1 38 ? -2.522  -12.754 6.126   1.00 30.91 ? 38   SER B CA  1 
ATOM   897  C C   . SER B 1 38 ? -2.408  -11.352 5.542   1.00 28.91 ? 38   SER B C   1 
ATOM   898  O O   . SER B 1 38 ? -1.335  -10.757 5.586   1.00 30.19 ? 38   SER B O   1 
ATOM   899  C CB  . SER B 1 38 ? -1.369  -13.610 5.594   1.00 31.83 ? 38   SER B CB  1 
ATOM   900  O OG  . SER B 1 38 ? -1.424  -13.740 4.184   1.00 38.44 ? 38   SER B OG  1 
ATOM   901  N N   . ILE B 1 39 ? -3.502  -10.825 5.004   1.00 26.60 ? 39   ILE B N   1 
ATOM   902  C CA  . ILE B 1 39 ? -3.481  -9.507  4.391   1.00 23.39 ? 39   ILE B CA  1 
ATOM   903  C C   . ILE B 1 39 ? -4.175  -8.447  5.226   1.00 21.31 ? 39   ILE B C   1 
ATOM   904  O O   . ILE B 1 39 ? -5.343  -8.585  5.588   1.00 19.43 ? 39   ILE B O   1 
ATOM   905  C CB  . ILE B 1 39 ? -4.155  -9.534  2.999   1.00 24.07 ? 39   ILE B CB  1 
ATOM   906  C CG1 . ILE B 1 39 ? -3.484  -10.576 2.117   1.00 22.66 ? 39   ILE B CG1 1 
ATOM   907  C CG2 . ILE B 1 39 ? -4.051  -8.170  2.325   1.00 24.61 ? 39   ILE B CG2 1 
ATOM   908  C CD1 . ILE B 1 39 ? -4.115  -10.675 0.750   1.00 23.01 ? 39   ILE B CD1 1 
ATOM   909  N N   . SER B 1 40 ? -3.438  -7.386  5.530   1.00 20.04 ? 40   SER B N   1 
ATOM   910  C CA  . SER B 1 40 ? -3.977  -6.256  6.279   1.00 18.99 ? 40   SER B CA  1 
ATOM   911  C C   . SER B 1 40 ? -3.844  -5.004  5.400   1.00 18.33 ? 40   SER B C   1 
ATOM   912  O O   . SER B 1 40 ? -2.902  -4.883  4.619   1.00 18.65 ? 40   SER B O   1 
ATOM   913  C CB  . SER B 1 40 ? -3.240  -6.072  7.623   1.00 17.92 ? 40   SER B CB  1 
ATOM   914  O OG  . SER B 1 40 ? -1.838  -5.860  7.475   1.00 18.96 ? 40   SER B OG  1 
ATOM   915  N N   . ILE B 1 41 ? -4.816  -4.100  5.484   1.00 18.50 ? 41   ILE B N   1 
ATOM   916  C CA  . ILE B 1 41 ? -4.761  -2.878  4.687   1.00 17.05 ? 41   ILE B CA  1 
ATOM   917  C C   . ILE B 1 41 ? -5.078  -1.612  5.478   1.00 17.47 ? 41   ILE B C   1 
ATOM   918  O O   . ILE B 1 41 ? -6.039  -1.560  6.244   1.00 21.22 ? 41   ILE B O   1 
ATOM   919  C CB  . ILE B 1 41 ? -5.717  -2.953  3.477   1.00 15.87 ? 41   ILE B CB  1 
ATOM   920  C CG1 . ILE B 1 41 ? -5.458  -4.244  2.706   1.00 13.18 ? 41   ILE B CG1 1 
ATOM   921  C CG2 . ILE B 1 41 ? -5.470  -1.760  2.532   1.00 11.58 ? 41   ILE B CG2 1 
ATOM   922  C CD1 . ILE B 1 41 ? -6.461  -4.523  1.645   1.00 18.04 ? 41   ILE B CD1 1 
ATOM   923  N N   . ALA B 1 42 ? -4.243  -0.596  5.304   1.00 18.15 ? 42   ALA B N   1 
ATOM   924  C CA  . ALA B 1 42 ? -4.451  0.680   5.973   1.00 18.40 ? 42   ALA B CA  1 
ATOM   925  C C   . ALA B 1 42 ? -4.733  1.732   4.908   1.00 19.46 ? 42   ALA B C   1 
ATOM   926  O O   . ALA B 1 42 ? -4.271  1.619   3.768   1.00 19.26 ? 42   ALA B O   1 
ATOM   927  C CB  . ALA B 1 42 ? -3.207  1.078   6.800   1.00 18.53 ? 42   ALA B CB  1 
ATOM   928  N N   . LEU B 1 43 ? -5.512  2.741   5.279   1.00 19.13 ? 43   LEU B N   1 
ATOM   929  C CA  . LEU B 1 43 ? -5.849  3.836   4.376   1.00 19.78 ? 43   LEU B CA  1 
ATOM   930  C C   . LEU B 1 43 ? -5.708  5.111   5.189   1.00 20.47 ? 43   LEU B C   1 
ATOM   931  O O   . LEU B 1 43 ? -6.555  5.392   6.030   1.00 19.52 ? 43   LEU B O   1 
ATOM   932  C CB  . LEU B 1 43 ? -7.291  3.710   3.890   1.00 20.79 ? 43   LEU B CB  1 
ATOM   933  C CG  . LEU B 1 43 ? -7.790  4.908   3.083   1.00 20.56 ? 43   LEU B CG  1 
ATOM   934  C CD1 . LEU B 1 43 ? -7.151  4.877   1.705   1.00 17.96 ? 43   LEU B CD1 1 
ATOM   935  C CD2 . LEU B 1 43 ? -9.308  4.863   2.976   1.00 19.62 ? 43   LEU B CD2 1 
ATOM   936  N N   . GLN B 1 44 ? -4.646  5.876   4.937   1.00 20.18 ? 44   GLN B N   1 
ATOM   937  C CA  . GLN B 1 44 ? -4.395  7.114   5.671   1.00 20.15 ? 44   GLN B CA  1 
ATOM   938  C C   . GLN B 1 44 ? -4.574  8.349   4.794   1.00 20.86 ? 44   GLN B C   1 
ATOM   939  O O   . GLN B 1 44 ? -3.922  8.490   3.758   1.00 19.82 ? 44   GLN B O   1 
ATOM   940  C CB  . GLN B 1 44 ? -2.977  7.098   6.241   1.00 22.68 ? 44   GLN B CB  1 
ATOM   941  C CG  . GLN B 1 44 ? -2.646  5.800   6.977   1.00 23.18 ? 44   GLN B CG  1 
ATOM   942  C CD  . GLN B 1 44 ? -1.391  5.908   7.802   1.00 23.21 ? 44   GLN B CD  1 
ATOM   943  O OE1 . GLN B 1 44 ? -1.290  6.764   8.687   1.00 25.01 ? 44   GLN B OE1 1 
ATOM   944  N NE2 . GLN B 1 44 ? -0.424  5.041   7.527   1.00 17.59 ? 44   GLN B NE2 1 
ATOM   945  N N   . GLN B 1 45 ? -5.454  9.250   5.222   1.00 19.37 ? 45   GLN B N   1 
ATOM   946  C CA  . GLN B 1 45 ? -5.719  10.474  4.480   1.00 18.29 ? 45   GLN B CA  1 
ATOM   947  C C   . GLN B 1 45 ? -4.782  11.573  4.930   1.00 18.48 ? 45   GLN B C   1 
ATOM   948  O O   . GLN B 1 45 ? -4.782  11.991  6.093   1.00 20.67 ? 45   GLN B O   1 
ATOM   949  C CB  . GLN B 1 45 ? -7.180  10.890  4.649   1.00 16.90 ? 45   GLN B CB  1 
ATOM   950  C CG  . GLN B 1 45 ? -8.141  9.854   4.102   1.00 17.31 ? 45   GLN B CG  1 
ATOM   951  C CD  . GLN B 1 45 ? -9.586  10.307  4.164   1.00 18.15 ? 45   GLN B CD  1 
ATOM   952  O OE1 . GLN B 1 45 ? -9.907  11.428  3.788   1.00 17.81 ? 45   GLN B OE1 1 
ATOM   953  N NE2 . GLN B 1 45 ? -10.463 9.431   4.630   1.00 16.70 ? 45   GLN B NE2 1 
ATOM   954  N N   . ILE B 1 46 ? -3.980  12.041  3.982   1.00 19.36 ? 46   ILE B N   1 
ATOM   955  C CA  . ILE B 1 46 ? -2.984  13.059  4.251   1.00 18.45 ? 46   ILE B CA  1 
ATOM   956  C C   . ILE B 1 46 ? -3.358  14.412  3.658   1.00 18.23 ? 46   ILE B C   1 
ATOM   957  O O   . ILE B 1 46 ? -3.631  14.522  2.460   1.00 17.89 ? 46   ILE B O   1 
ATOM   958  C CB  . ILE B 1 46 ? -1.604  12.651  3.663   1.00 16.88 ? 46   ILE B CB  1 
ATOM   959  C CG1 . ILE B 1 46 ? -1.271  11.191  4.008   1.00 18.34 ? 46   ILE B CG1 1 
ATOM   960  C CG2 . ILE B 1 46 ? -0.535  13.572  4.184   1.00 15.27 ? 46   ILE B CG2 1 
ATOM   961  C CD1 . ILE B 1 46 ? -1.162  10.863  5.502   1.00 21.57 ? 46   ILE B CD1 1 
ATOM   962  N N   . GLN B 1 47 ? -3.354  15.436  4.503   1.00 18.77 ? 47   GLN B N   1 
ATOM   963  C CA  . GLN B 1 47 ? -3.639  16.802  4.081   1.00 20.95 ? 47   GLN B CA  1 
ATOM   964  C C   . GLN B 1 47 ? -2.530  17.198  3.101   1.00 20.83 ? 47   GLN B C   1 
ATOM   965  O O   . GLN B 1 47 ? -1.368  16.832  3.290   1.00 20.27 ? 47   GLN B O   1 
ATOM   966  C CB  . GLN B 1 47 ? -3.616  17.729  5.302   1.00 23.99 ? 47   GLN B CB  1 
ATOM   967  C CG  . GLN B 1 47 ? -4.673  17.379  6.343   1.00 25.67 ? 47   GLN B CG  1 
ATOM   968  C CD  . GLN B 1 47 ? -6.077  17.640  5.834   1.00 25.75 ? 47   GLN B CD  1 
ATOM   969  O OE1 . GLN B 1 47 ? -6.969  16.803  5.974   1.00 27.39 ? 47   GLN B OE1 1 
ATOM   970  N NE2 . GLN B 1 47 ? -6.284  18.815  5.253   1.00 27.03 ? 47   GLN B NE2 1 
ATOM   971  N N   . PRO B 1 48 ? -2.876  17.935  2.032   1.00 20.94 ? 48   PRO B N   1 
ATOM   972  C CA  . PRO B 1 48 ? -1.882  18.359  1.043   1.00 19.78 ? 48   PRO B CA  1 
ATOM   973  C C   . PRO B 1 48 ? -0.656  18.998  1.673   1.00 20.97 ? 48   PRO B C   1 
ATOM   974  O O   . PRO B 1 48 ? 0.462   18.808  1.200   1.00 20.51 ? 48   PRO B O   1 
ATOM   975  C CB  . PRO B 1 48 ? -2.661  19.343  0.180   1.00 21.81 ? 48   PRO B CB  1 
ATOM   976  C CG  . PRO B 1 48 ? -4.047  18.781  0.213   1.00 18.76 ? 48   PRO B CG  1 
ATOM   977  C CD  . PRO B 1 48 ? -4.217  18.428  1.669   1.00 19.51 ? 48   PRO B CD  1 
ATOM   978  N N   . GLU B 1 49 ? -0.874  19.742  2.757   1.00 23.84 ? 49   GLU B N   1 
ATOM   979  C CA  . GLU B 1 49 ? 0.205   20.429  3.465   1.00 25.04 ? 49   GLU B CA  1 
ATOM   980  C C   . GLU B 1 49 ? 1.245   19.479  4.030   1.00 24.10 ? 49   GLU B C   1 
ATOM   981  O O   . GLU B 1 49 ? 2.388   19.873  4.258   1.00 24.12 ? 49   GLU B O   1 
ATOM   982  C CB  . GLU B 1 49 ? -0.340  21.281  4.619   1.00 29.83 ? 49   GLU B CB  1 
ATOM   983  C CG  . GLU B 1 49 ? -1.333  22.344  4.219   1.00 32.06 ? 49   GLU B CG  1 
ATOM   984  C CD  . GLU B 1 49 ? -2.651  21.747  3.796   1.00 35.23 ? 49   GLU B CD  1 
ATOM   985  O OE1 . GLU B 1 49 ? -3.038  20.720  4.390   1.00 34.59 ? 49   GLU B OE1 1 
ATOM   986  O OE2 . GLU B 1 49 ? -3.304  22.303  2.885   1.00 37.36 ? 49   GLU B OE2 1 
ATOM   987  N N   . SER B 1 50 ? 0.852   18.234  4.268   1.00 22.42 ? 50   SER B N   1 
ATOM   988  C CA  . SER B 1 50 ? 1.773   17.242  4.820   1.00 20.12 ? 50   SER B CA  1 
ATOM   989  C C   . SER B 1 50 ? 2.316   16.258  3.787   1.00 17.28 ? 50   SER B C   1 
ATOM   990  O O   . SER B 1 50 ? 3.120   15.393  4.120   1.00 16.21 ? 50   SER B O   1 
ATOM   991  C CB  . SER B 1 50 ? 1.083   16.452  5.930   1.00 21.99 ? 50   SER B CB  1 
ATOM   992  O OG  . SER B 1 50 ? 0.561   17.320  6.914   1.00 25.86 ? 50   SER B OG  1 
ATOM   993  N N   . TRP B 1 51 ? 1.903   16.393  2.531   1.00 16.98 ? 51   TRP B N   1 
ATOM   994  C CA  . TRP B 1 51 ? 2.356   15.472  1.492   1.00 16.59 ? 51   TRP B CA  1 
ATOM   995  C C   . TRP B 1 51 ? 3.865   15.544  1.264   1.00 18.99 ? 51   TRP B C   1 
ATOM   996  O O   . TRP B 1 51 ? 4.514   14.510  1.036   1.00 18.18 ? 51   TRP B O   1 
ATOM   997  C CB  . TRP B 1 51 ? 1.614   15.740  0.178   1.00 17.50 ? 51   TRP B CB  1 
ATOM   998  C CG  . TRP B 1 51 ? 1.718   14.602  -0.805  1.00 18.37 ? 51   TRP B CG  1 
ATOM   999  C CD1 . TRP B 1 51 ? 2.412   14.589  -1.972  1.00 19.19 ? 51   TRP B CD1 1 
ATOM   1000 C CD2 . TRP B 1 51 ? 1.137   13.299  -0.667  1.00 18.70 ? 51   TRP B CD2 1 
ATOM   1001 N NE1 . TRP B 1 51 ? 2.311   13.357  -2.572  1.00 20.37 ? 51   TRP B NE1 1 
ATOM   1002 C CE2 . TRP B 1 51 ? 1.537   12.545  -1.788  1.00 19.17 ? 51   TRP B CE2 1 
ATOM   1003 C CE3 . TRP B 1 51 ? 0.326   12.694  0.307   1.00 19.29 ? 51   TRP B CE3 1 
ATOM   1004 C CZ2 . TRP B 1 51 ? 1.144   11.219  -1.976  1.00 17.07 ? 51   TRP B CZ2 1 
ATOM   1005 C CZ3 . TRP B 1 51 ? -0.067  11.373  0.125   1.00 17.66 ? 51   TRP B CZ3 1 
ATOM   1006 C CH2 . TRP B 1 51 ? 0.348   10.647  -1.010  1.00 18.31 ? 51   TRP B CH2 1 
ATOM   1007 N N   . GLN B 1 52 ? 4.420   16.753  1.335   1.00 18.34 ? 52   GLN B N   1 
ATOM   1008 C CA  . GLN B 1 52 ? 5.852   16.936  1.140   1.00 22.18 ? 52   GLN B CA  1 
ATOM   1009 C C   . GLN B 1 52 ? 6.638   16.004  2.055   1.00 21.06 ? 52   GLN B C   1 
ATOM   1010 O O   . GLN B 1 52 ? 7.651   15.444  1.647   1.00 21.96 ? 52   GLN B O   1 
ATOM   1011 C CB  . GLN B 1 52 ? 6.257   18.393  1.395   1.00 21.75 ? 52   GLN B CB  1 
ATOM   1012 C CG  . GLN B 1 52 ? 7.765   18.641  1.300   1.00 27.04 ? 52   GLN B CG  1 
ATOM   1013 C CD  . GLN B 1 52 ? 8.305   18.594  -0.128  1.00 28.84 ? 52   GLN B CD  1 
ATOM   1014 O OE1 . GLN B 1 52 ? 8.124   19.532  -0.902  1.00 28.72 ? 52   GLN B OE1 1 
ATOM   1015 N NE2 . GLN B 1 52 ? 8.971   17.498  -0.477  1.00 29.33 ? 52   GLN B NE2 1 
ATOM   1016 N N   . ALA B 1 53 ? 6.170   15.833  3.290   1.00 22.36 ? 53   ALA B N   1 
ATOM   1017 C CA  . ALA B 1 53 ? 6.849   14.943  4.235   1.00 21.56 ? 53   ALA B CA  1 
ATOM   1018 C C   . ALA B 1 53 ? 6.823   13.503  3.710   1.00 20.40 ? 53   ALA B C   1 
ATOM   1019 O O   . ALA B 1 53 ? 7.807   12.776  3.824   1.00 22.14 ? 53   ALA B O   1 
ATOM   1020 C CB  . ALA B 1 53 ? 6.182   15.019  5.615   1.00 21.20 ? 53   ALA B CB  1 
ATOM   1021 N N   . ILE B 1 54 ? 5.697   13.100  3.132   1.00 20.89 ? 54   ILE B N   1 
ATOM   1022 C CA  . ILE B 1 54 ? 5.550   11.754  2.576   1.00 19.39 ? 54   ILE B CA  1 
ATOM   1023 C C   . ILE B 1 54 ? 6.503   11.567  1.402   1.00 19.09 ? 54   ILE B C   1 
ATOM   1024 O O   . ILE B 1 54 ? 7.120   10.511  1.243   1.00 17.59 ? 54   ILE B O   1 
ATOM   1025 C CB  . ILE B 1 54 ? 4.112   11.507  2.068   1.00 19.23 ? 54   ILE B CB  1 
ATOM   1026 C CG1 . ILE B 1 54 ? 3.105   11.692  3.210   1.00 16.89 ? 54   ILE B CG1 1 
ATOM   1027 C CG2 . ILE B 1 54 ? 4.012   10.124  1.460   1.00 18.64 ? 54   ILE B CG2 1 
ATOM   1028 C CD1 . ILE B 1 54 ? 3.334   10.779  4.406   1.00 17.48 ? 54   ILE B CD1 1 
ATOM   1029 N N   . TRP B 1 55 ? 6.610   12.602  0.575   1.00 20.82 ? 55   TRP B N   1 
ATOM   1030 C CA  . TRP B 1 55 ? 7.487   12.571  -0.589  1.00 21.31 ? 55   TRP B CA  1 
ATOM   1031 C C   . TRP B 1 55 ? 8.933   12.387  -0.146  1.00 22.55 ? 55   TRP B C   1 
ATOM   1032 O O   . TRP B 1 55 ? 9.653   11.538  -0.673  1.00 22.37 ? 55   TRP B O   1 
ATOM   1033 C CB  . TRP B 1 55 ? 7.348   13.878  -1.395  1.00 19.70 ? 55   TRP B CB  1 
ATOM   1034 C CG  . TRP B 1 55 ? 8.292   13.987  -2.561  1.00 20.01 ? 55   TRP B CG  1 
ATOM   1035 C CD1 . TRP B 1 55 ? 9.589   14.439  -2.540  1.00 21.40 ? 55   TRP B CD1 1 
ATOM   1036 C CD2 . TRP B 1 55 ? 8.044   13.553  -3.907  1.00 20.33 ? 55   TRP B CD2 1 
ATOM   1037 N NE1 . TRP B 1 55 ? 10.162  14.306  -3.796  1.00 20.44 ? 55   TRP B NE1 1 
ATOM   1038 C CE2 . TRP B 1 55 ? 9.236   13.765  -4.648  1.00 21.18 ? 55   TRP B CE2 1 
ATOM   1039 C CE3 . TRP B 1 55 ? 6.937   13.000  -4.559  1.00 18.89 ? 55   TRP B CE3 1 
ATOM   1040 C CZ2 . TRP B 1 55 ? 9.342   13.440  -6.006  1.00 22.62 ? 55   TRP B CZ2 1 
ATOM   1041 C CZ3 . TRP B 1 55 ? 7.049   12.676  -5.908  1.00 19.97 ? 55   TRP B CZ3 1 
ATOM   1042 C CH2 . TRP B 1 55 ? 8.241   12.899  -6.612  1.00 19.84 ? 55   TRP B CH2 1 
ATOM   1043 N N   . ASP B 1 56 ? 9.353   13.180  0.833   1.00 23.73 ? 56   ASP B N   1 
ATOM   1044 C CA  . ASP B 1 56 ? 10.726  13.114  1.312   1.00 26.11 ? 56   ASP B CA  1 
ATOM   1045 C C   . ASP B 1 56 ? 11.082  11.842  2.056   1.00 26.85 ? 56   ASP B C   1 
ATOM   1046 O O   . ASP B 1 56 ? 12.209  11.367  1.950   1.00 26.66 ? 56   ASP B O   1 
ATOM   1047 C CB  . ASP B 1 56 ? 11.045  14.288  2.233   1.00 26.26 ? 56   ASP B CB  1 
ATOM   1048 C CG  . ASP B 1 56 ? 10.865  15.620  1.561   1.00 27.53 ? 56   ASP B CG  1 
ATOM   1049 O OD1 . ASP B 1 56 ? 11.041  15.707  0.326   1.00 28.55 ? 56   ASP B OD1 1 
ATOM   1050 O OD2 . ASP B 1 56 ? 10.563  16.589  2.284   1.00 27.71 ? 56   ASP B OD2 1 
ATOM   1051 N N   . ALA B 1 57 ? 10.135  11.291  2.807   1.00 26.82 ? 57   ALA B N   1 
ATOM   1052 C CA  . ALA B 1 57 ? 10.411  10.088  3.585   1.00 27.01 ? 57   ALA B CA  1 
ATOM   1053 C C   . ALA B 1 57 ? 9.903   8.779   2.991   1.00 28.45 ? 57   ALA B C   1 
ATOM   1054 O O   . ALA B 1 57 ? 10.141  7.716   3.562   1.00 28.68 ? 57   ALA B O   1 
ATOM   1055 C CB  . ALA B 1 57 ? 9.861   10.249  4.993   1.00 26.59 ? 57   ALA B CB  1 
ATOM   1056 N N   . GLU B 1 58 ? 9.206   8.830   1.862   1.00 28.28 ? 58   GLU B N   1 
ATOM   1057 C CA  . GLU B 1 58 ? 8.707   7.592   1.275   1.00 27.26 ? 58   GLU B CA  1 
ATOM   1058 C C   . GLU B 1 58 ? 8.972   7.457   -0.218  1.00 25.16 ? 58   GLU B C   1 
ATOM   1059 O O   . GLU B 1 58 ? 9.420   6.412   -0.673  1.00 27.22 ? 58   GLU B O   1 
ATOM   1060 C CB  . GLU B 1 58 ? 7.193   7.454   1.499   1.00 28.28 ? 58   GLU B CB  1 
ATOM   1061 C CG  . GLU B 1 58 ? 6.727   7.400   2.941   1.00 31.15 ? 58   GLU B CG  1 
ATOM   1062 C CD  . GLU B 1 58 ? 7.097   6.106   3.624   1.00 33.90 ? 58   GLU B CD  1 
ATOM   1063 O OE1 . GLU B 1 58 ? 6.847   5.030   3.038   1.00 35.49 ? 58   GLU B OE1 1 
ATOM   1064 O OE2 . GLU B 1 58 ? 7.630   6.164   4.753   1.00 34.86 ? 58   GLU B OE2 1 
ATOM   1065 N N   . ILE B 1 59 ? 8.689   8.516   -0.971  1.00 24.43 ? 59   ILE B N   1 
ATOM   1066 C CA  . ILE B 1 59 ? 8.821   8.509   -2.430  1.00 21.41 ? 59   ILE B CA  1 
ATOM   1067 C C   . ILE B 1 59 ? 10.185  8.861   -3.013  1.00 22.08 ? 59   ILE B C   1 
ATOM   1068 O O   . ILE B 1 59 ? 10.829  8.031   -3.646  1.00 20.95 ? 59   ILE B O   1 
ATOM   1069 C CB  . ILE B 1 59 ? 7.749   9.443   -3.055  1.00 20.25 ? 59   ILE B CB  1 
ATOM   1070 C CG1 . ILE B 1 59 ? 6.392   9.137   -2.414  1.00 17.43 ? 59   ILE B CG1 1 
ATOM   1071 C CG2 . ILE B 1 59 ? 7.659   9.229   -4.577  1.00 18.68 ? 59   ILE B CG2 1 
ATOM   1072 C CD1 . ILE B 1 59 ? 5.291   10.098  -2.787  1.00 18.19 ? 59   ILE B CD1 1 
ATOM   1073 N N   . ALA B 1 60 ? 10.627  10.096  -2.821  1.00 23.26 ? 60   ALA B N   1 
ATOM   1074 C CA  . ALA B 1 60 ? 11.913  10.501  -3.372  1.00 24.20 ? 60   ALA B CA  1 
ATOM   1075 C C   . ALA B 1 60 ? 13.021  9.488   -3.085  1.00 25.37 ? 60   ALA B C   1 
ATOM   1076 O O   . ALA B 1 60 ? 13.635  8.961   -4.015  1.00 26.89 ? 60   ALA B O   1 
ATOM   1077 C CB  . ALA B 1 60 ? 12.299  11.869  -2.851  1.00 25.76 ? 60   ALA B CB  1 
ATOM   1078 N N   . PRO B 1 61 ? 13.278  9.180   -1.799  1.00 26.43 ? 61   PRO B N   1 
ATOM   1079 C CA  . PRO B 1 61 ? 14.326  8.221   -1.427  1.00 25.95 ? 61   PRO B CA  1 
ATOM   1080 C C   . PRO B 1 61 ? 14.299  6.832   -2.081  1.00 25.81 ? 61   PRO B C   1 
ATOM   1081 O O   . PRO B 1 61 ? 15.361  6.247   -2.314  1.00 24.13 ? 61   PRO B O   1 
ATOM   1082 C CB  . PRO B 1 61 ? 14.208  8.158   0.101   1.00 25.63 ? 61   PRO B CB  1 
ATOM   1083 C CG  . PRO B 1 61 ? 12.773  8.517   0.350   1.00 25.46 ? 61   PRO B CG  1 
ATOM   1084 C CD  . PRO B 1 61 ? 12.582  9.663   -0.595  1.00 25.69 ? 61   PRO B CD  1 
ATOM   1085 N N   . GLN B 1 62 ? 13.115  6.292   -2.367  1.00 23.87 ? 62   GLN B N   1 
ATOM   1086 C CA  . GLN B 1 62 ? 13.046  4.963   -2.992  1.00 24.15 ? 62   GLN B CA  1 
ATOM   1087 C C   . GLN B 1 62 ? 12.668  5.062   -4.469  1.00 22.84 ? 62   GLN B C   1 
ATOM   1088 O O   . GLN B 1 62 ? 12.276  4.060   -5.065  1.00 24.06 ? 62   GLN B O   1 
ATOM   1089 C CB  . GLN B 1 62 ? 11.987  4.068   -2.334  1.00 25.23 ? 62   GLN B CB  1 
ATOM   1090 C CG  . GLN B 1 62 ? 11.770  4.214   -0.846  1.00 26.48 ? 62   GLN B CG  1 
ATOM   1091 C CD  . GLN B 1 62 ? 10.606  3.345   -0.372  1.00 27.10 ? 62   GLN B CD  1 
ATOM   1092 O OE1 . GLN B 1 62 ? 10.674  2.116   -0.423  1.00 26.83 ? 62   GLN B OE1 1 
ATOM   1093 N NE2 . GLN B 1 62 ? 9.530   3.982   0.080   1.00 24.69 ? 62   GLN B NE2 1 
ATOM   1094 N N   . MET B 1 63 ? 12.788  6.255   -5.049  1.00 22.47 ? 63   MET B N   1 
ATOM   1095 C CA  . MET B 1 63 ? 12.407  6.503   -6.448  1.00 20.65 ? 63   MET B CA  1 
ATOM   1096 C C   . MET B 1 63 ? 12.768  5.408   -7.440  1.00 20.14 ? 63   MET B C   1 
ATOM   1097 O O   . MET B 1 63 ? 11.900  4.883   -8.130  1.00 18.70 ? 63   MET B O   1 
ATOM   1098 C CB  . MET B 1 63 ? 13.000  7.826   -6.943  1.00 19.92 ? 63   MET B CB  1 
ATOM   1099 C CG  . MET B 1 63 ? 12.430  8.300   -8.277  1.00 17.07 ? 63   MET B CG  1 
ATOM   1100 S SD  . MET B 1 63 ? 10.626  8.505   -8.268  1.00 19.54 ? 63   MET B SD  1 
ATOM   1101 C CE  . MET B 1 63 ? 10.509  9.902   -7.326  1.00 16.77 ? 63   MET B CE  1 
ATOM   1102 N N   . GLU B 1 64 ? 14.053  5.077   -7.512  1.00 20.33 ? 64   GLU B N   1 
ATOM   1103 C CA  . GLU B 1 64 ? 14.545  4.054   -8.427  1.00 21.44 ? 64   GLU B CA  1 
ATOM   1104 C C   . GLU B 1 64 ? 14.050  2.652   -8.105  1.00 19.48 ? 64   GLU B C   1 
ATOM   1105 O O   . GLU B 1 64 ? 14.090  1.774   -8.957  1.00 17.86 ? 64   GLU B O   1 
ATOM   1106 C CB  . GLU B 1 64 ? 16.077  4.038   -8.433  1.00 24.82 ? 64   GLU B CB  1 
ATOM   1107 C CG  . GLU B 1 64 ? 16.733  5.199   -9.164  1.00 28.68 ? 64   GLU B CG  1 
ATOM   1108 C CD  . GLU B 1 64 ? 16.320  6.552   -8.622  1.00 32.41 ? 64   GLU B CD  1 
ATOM   1109 O OE1 . GLU B 1 64 ? 15.517  7.241   -9.288  1.00 34.58 ? 64   GLU B OE1 1 
ATOM   1110 O OE2 . GLU B 1 64 ? 16.793  6.928   -7.527  1.00 33.82 ? 64   GLU B OE2 1 
ATOM   1111 N N   . ALA B 1 65 ? 13.590  2.433   -6.877  1.00 19.50 ? 65   ALA B N   1 
ATOM   1112 C CA  . ALA B 1 65 ? 13.116  1.107   -6.494  1.00 17.42 ? 65   ALA B CA  1 
ATOM   1113 C C   . ALA B 1 65 ? 11.592  0.973   -6.486  1.00 17.51 ? 65   ALA B C   1 
ATOM   1114 O O   . ALA B 1 65 ? 11.073  -0.119  -6.279  1.00 19.29 ? 65   ALA B O   1 
ATOM   1115 C CB  . ALA B 1 65 ? 13.698  0.716   -5.130  1.00 16.99 ? 65   ALA B CB  1 
ATOM   1116 N N   . LEU B 1 66 ? 10.876  2.074   -6.714  1.00 15.41 ? 66   LEU B N   1 
ATOM   1117 C CA  . LEU B 1 66 ? 9.412   2.032   -6.745  1.00 15.09 ? 66   LEU B CA  1 
ATOM   1118 C C   . LEU B 1 66 ? 9.002   1.158   -7.904  1.00 15.19 ? 66   LEU B C   1 
ATOM   1119 O O   . LEU B 1 66 ? 9.628   1.215   -8.957  1.00 16.80 ? 66   LEU B O   1 
ATOM   1120 C CB  . LEU B 1 66 ? 8.822   3.430   -6.965  1.00 14.49 ? 66   LEU B CB  1 
ATOM   1121 C CG  . LEU B 1 66 ? 9.058   4.522   -5.929  1.00 17.41 ? 66   LEU B CG  1 
ATOM   1122 C CD1 . LEU B 1 66 ? 8.459   5.808   -6.482  1.00 15.69 ? 66   LEU B CD1 1 
ATOM   1123 C CD2 . LEU B 1 66 ? 8.441   4.144   -4.574  1.00 17.00 ? 66   LEU B CD2 1 
ATOM   1124 N N   . ILE B 1 67 ? 7.959   0.345   -7.733  1.00 14.88 ? 67   ILE B N   1 
ATOM   1125 C CA  . ILE B 1 67 ? 7.534   -0.498  -8.847  1.00 16.20 ? 67   ILE B CA  1 
ATOM   1126 C C   . ILE B 1 67 ? 6.655   0.353   -9.746  1.00 15.45 ? 67   ILE B C   1 
ATOM   1127 O O   . ILE B 1 67 ? 6.300   -0.034  -10.846 1.00 12.30 ? 67   ILE B O   1 
ATOM   1128 C CB  . ILE B 1 67 ? 6.774   -1.778  -8.392  1.00 16.21 ? 67   ILE B CB  1 
ATOM   1129 C CG1 . ILE B 1 67 ? 5.418   -1.430  -7.776  1.00 14.43 ? 67   ILE B CG1 1 
ATOM   1130 C CG2 . ILE B 1 67 ? 7.630   -2.545  -7.393  1.00 16.66 ? 67   ILE B CG2 1 
ATOM   1131 C CD1 . ILE B 1 67 ? 4.662   -2.662  -7.290  1.00 10.50 ? 67   ILE B CD1 1 
ATOM   1132 N N   . LYS B 1 68 ? 6.311   1.533   -9.251  1.00 15.42 ? 68   LYS B N   1 
ATOM   1133 C CA  . LYS B 1 68 ? 5.536   2.482   -10.022 1.00 15.70 ? 68   LYS B CA  1 
ATOM   1134 C C   . LYS B 1 68 ? 5.955   3.878   -9.608  1.00 17.29 ? 68   LYS B C   1 
ATOM   1135 O O   . LYS B 1 68 ? 5.803   4.261   -8.447  1.00 17.76 ? 68   LYS B O   1 
ATOM   1136 C CB  . LYS B 1 68 ? 4.041   2.317   -9.796  1.00 15.60 ? 68   LYS B CB  1 
ATOM   1137 C CG  . LYS B 1 68 ? 3.249   3.334   -10.617 1.00 14.85 ? 68   LYS B CG  1 
ATOM   1138 C CD  . LYS B 1 68 ? 1.767   3.109   -10.511 1.00 16.79 ? 68   LYS B CD  1 
ATOM   1139 C CE  . LYS B 1 68 ? 0.986   4.212   -11.226 1.00 20.72 ? 68   LYS B CE  1 
ATOM   1140 N NZ  . LYS B 1 68 ? 1.343   4.379   -12.670 1.00 21.01 ? 68   LYS B NZ  1 
ATOM   1141 N N   . LYS B 1 69 ? 6.504   4.628   -10.557 1.00 17.29 ? 69   LYS B N   1 
ATOM   1142 C CA  . LYS B 1 69 ? 6.953   5.985   -10.285 1.00 18.66 ? 69   LYS B CA  1 
ATOM   1143 C C   . LYS B 1 69 ? 5.815   6.979   -10.447 1.00 19.95 ? 69   LYS B C   1 
ATOM   1144 O O   . LYS B 1 69 ? 4.939   6.802   -11.290 1.00 19.05 ? 69   LYS B O   1 
ATOM   1145 C CB  . LYS B 1 69 ? 8.094   6.370   -11.223 1.00 20.17 ? 69   LYS B CB  1 
ATOM   1146 C CG  . LYS B 1 69 ? 9.452   5.806   -10.848 1.00 18.16 ? 69   LYS B CG  1 
ATOM   1147 C CD  . LYS B 1 69 ? 9.528   4.301   -11.025 1.00 21.08 ? 69   LYS B CD  1 
ATOM   1148 C CE  . LYS B 1 69 ? 10.930  3.798   -10.683 1.00 20.94 ? 69   LYS B CE  1 
ATOM   1149 N NZ  . LYS B 1 69 ? 11.140  2.368   -11.003 1.00 23.84 ? 69   LYS B NZ  1 
ATOM   1150 N N   . PRO B 1 70 ? 5.807   8.038   -9.623  1.00 19.99 ? 70   PRO B N   1 
ATOM   1151 C CA  . PRO B 1 70 ? 4.752   9.048   -9.713  1.00 20.20 ? 70   PRO B CA  1 
ATOM   1152 C C   . PRO B 1 70 ? 4.977   9.874   -10.971 1.00 19.98 ? 70   PRO B C   1 
ATOM   1153 O O   . PRO B 1 70 ? 6.109   9.989   -11.440 1.00 20.45 ? 70   PRO B O   1 
ATOM   1154 C CB  . PRO B 1 70 ? 4.946   9.860   -8.434  1.00 17.85 ? 70   PRO B CB  1 
ATOM   1155 C CG  . PRO B 1 70 ? 6.433   9.831   -8.266  1.00 19.56 ? 70   PRO B CG  1 
ATOM   1156 C CD  . PRO B 1 70 ? 6.804   8.398   -8.599  1.00 19.86 ? 70   PRO B CD  1 
ATOM   1157 N N   . GLY B 1 71 ? 3.905   10.452  -11.502 1.00 21.13 ? 71   GLY B N   1 
ATOM   1158 C CA  . GLY B 1 71 ? 4.005   11.262  -12.705 1.00 22.46 ? 71   GLY B CA  1 
ATOM   1159 C C   . GLY B 1 71 ? 4.283   12.731  -12.438 1.00 23.60 ? 71   GLY B C   1 
ATOM   1160 O O   . GLY B 1 71 ? 4.333   13.542  -13.364 1.00 24.86 ? 71   GLY B O   1 
ATOM   1161 N N   . TYR B 1 72 ? 4.454   13.083  -11.170 1.00 23.43 ? 72   TYR B N   1 
ATOM   1162 C CA  . TYR B 1 72 ? 4.753   14.456  -10.793 1.00 22.43 ? 72   TYR B CA  1 
ATOM   1163 C C   . TYR B 1 72 ? 6.043   14.421  -9.980  1.00 22.74 ? 72   TYR B C   1 
ATOM   1164 O O   . TYR B 1 72 ? 6.562   13.334  -9.686  1.00 20.82 ? 72   TYR B O   1 
ATOM   1165 C CB  . TYR B 1 72 ? 3.620   15.050  -9.951  1.00 20.09 ? 72   TYR B CB  1 
ATOM   1166 C CG  . TYR B 1 72 ? 3.401   14.341  -8.635  1.00 20.88 ? 72   TYR B CG  1 
ATOM   1167 C CD1 . TYR B 1 72 ? 2.818   13.072  -8.590  1.00 17.37 ? 72   TYR B CD1 1 
ATOM   1168 C CD2 . TYR B 1 72 ? 3.834   14.909  -7.432  1.00 21.19 ? 72   TYR B CD2 1 
ATOM   1169 C CE1 . TYR B 1 72 ? 2.682   12.383  -7.389  1.00 17.64 ? 72   TYR B CE1 1 
ATOM   1170 C CE2 . TYR B 1 72 ? 3.704   14.219  -6.224  1.00 19.89 ? 72   TYR B CE2 1 
ATOM   1171 C CZ  . TYR B 1 72 ? 3.126   12.955  -6.214  1.00 17.79 ? 72   TYR B CZ  1 
ATOM   1172 O OH  . TYR B 1 72 ? 3.021   12.247  -5.036  1.00 17.75 ? 72   TYR B OH  1 
ATOM   1173 N N   . SER B 1 73 ? 6.559   15.598  -9.627  1.00 21.75 ? 73   SER B N   1 
ATOM   1174 C CA  . SER B 1 73 ? 7.786   15.702  -8.838  1.00 22.61 ? 73   SER B CA  1 
ATOM   1175 C C   . SER B 1 73 ? 7.662   16.826  -7.808  1.00 23.04 ? 73   SER B C   1 
ATOM   1176 O O   . SER B 1 73 ? 7.112   17.887  -8.104  1.00 22.70 ? 73   SER B O   1 
ATOM   1177 C CB  . SER B 1 73 ? 8.982   15.994  -9.751  1.00 25.53 ? 73   SER B CB  1 
ATOM   1178 O OG  . SER B 1 73 ? 10.192  15.564  -9.156  1.00 28.27 ? 73   SER B OG  1 
ATOM   1179 N N   . MET B 1 74 ? 8.151   16.588  -6.591  1.00 24.76 ? 74   MET B N   1 
ATOM   1180 C CA  . MET B 1 74 ? 8.117   17.610  -5.542  1.00 26.71 ? 74   MET B CA  1 
ATOM   1181 C C   . MET B 1 74 ? 9.507   18.118  -5.160  1.00 29.54 ? 74   MET B C   1 
ATOM   1182 O O   . MET B 1 74 ? 9.817   18.303  -3.985  1.00 29.58 ? 74   MET B O   1 
ATOM   1183 C CB  . MET B 1 74 ? 7.402   17.089  -4.298  1.00 26.17 ? 74   MET B CB  1 
ATOM   1184 C CG  . MET B 1 74 ? 5.911   16.887  -4.483  1.00 24.52 ? 74   MET B CG  1 
ATOM   1185 S SD  . MET B 1 74 ? 5.074   16.774  -2.895  1.00 22.40 ? 74   MET B SD  1 
ATOM   1186 C CE  . MET B 1 74 ? 4.860   18.526  -2.498  1.00 21.16 ? 74   MET B CE  1 
ATOM   1187 N N   . ASN B 1 75 ? 10.337  18.370  -6.164  1.00 33.17 ? 75   ASN B N   1 
ATOM   1188 C CA  . ASN B 1 75 ? 11.704  18.874  -5.943  1.00 36.53 ? 75   ASN B CA  1 
ATOM   1189 C C   . ASN B 1 75 ? 11.776  20.362  -5.638  1.00 38.78 ? 75   ASN B C   1 
ATOM   1190 O O   . ASN B 1 75 ? 12.827  20.857  -5.231  1.00 39.88 ? 75   ASN B O   1 
ATOM   1191 C CB  . ASN B 1 75 ? 12.573  18.655  -7.188  1.00 36.63 ? 75   ASN B CB  1 
ATOM   1192 C CG  . ASN B 1 75 ? 12.881  17.205  -7.459  1.00 36.98 ? 75   ASN B CG  1 
ATOM   1193 O OD1 . ASN B 1 75 ? 13.230  16.449  -6.557  1.00 37.16 ? 75   ASN B OD1 1 
ATOM   1194 N ND2 . ASN B 1 75 ? 12.784  16.814  -8.733  1.00 37.07 ? 75   ASN B ND2 1 
ATOM   1195 N N   . ALA B 1 76 ? 10.686  21.081  -5.893  1.00 40.98 ? 76   ALA B N   1 
ATOM   1196 C CA  . ALA B 1 76 ? 10.662  22.531  -5.686  1.00 42.88 ? 76   ALA B CA  1 
ATOM   1197 C C   . ALA B 1 76 ? 10.321  23.077  -4.311  1.00 43.85 ? 76   ALA B C   1 
ATOM   1198 O O   . ALA B 1 76 ? 9.430   23.954  -4.250  1.00 45.28 ? 76   ALA B O   1 
ATOM   1199 C CB  . ALA B 1 76 ? 9.747   23.175  -6.731  1.00 41.85 ? 76   ALA B CB  1 
ATOM   1200 O OXT . ALA B 1 76 ? 10.959  22.639  -3.328  1.00 46.56 ? 76   ALA B OXT 1 
HETATM 1201 O O   . HOH C 2 .  ? -2.837  11.593  -3.398  1.00 29.64 ? 2001 HOH A O   1 
HETATM 1202 O O   . HOH C 2 .  ? 6.784   3.526   0.912   1.00 11.45 ? 2002 HOH A O   1 
HETATM 1203 O O   . HOH C 2 .  ? 2.978   -1.264  3.913   1.00 22.18 ? 2003 HOH A O   1 
HETATM 1204 O O   . HOH C 2 .  ? 3.474   0.236   6.060   1.00 24.45 ? 2004 HOH A O   1 
HETATM 1205 O O   . HOH C 2 .  ? 8.215   -15.404 0.837   1.00 37.28 ? 2005 HOH A O   1 
HETATM 1206 O O   . HOH C 2 .  ? -1.323  0.602   -15.525 1.00 46.90 ? 2006 HOH A O   1 
HETATM 1207 O O   . HOH C 2 .  ? 13.554  -11.272 -3.151  1.00 35.83 ? 2007 HOH A O   1 
HETATM 1208 O O   . HOH C 2 .  ? 12.004  -10.895 -6.539  1.00 46.40 ? 2008 HOH A O   1 
HETATM 1209 O O   . HOH C 2 .  ? 4.184   -10.910 -15.451 1.00 34.72 ? 2009 HOH A O   1 
HETATM 1210 O O   . HOH C 2 .  ? 4.072   -6.921  -17.189 1.00 43.21 ? 2010 HOH A O   1 
HETATM 1211 O O   . HOH C 2 .  ? 5.931   -14.346 -7.743  1.00 30.55 ? 2011 HOH A O   1 
HETATM 1212 O O   . HOH C 2 .  ? 3.294   -10.088 -10.980 1.00 26.99 ? 2012 HOH A O   1 
HETATM 1213 O O   . HOH C 2 .  ? 17.707  -11.752 7.946   1.00 46.39 ? 2013 HOH A O   1 
HETATM 1214 O O   . HOH C 2 .  ? 19.861  -13.739 4.783   1.00 47.81 ? 2014 HOH A O   1 
HETATM 1215 O O   . HOH C 2 .  ? 19.282  -14.021 9.706   1.00 28.30 ? 2015 HOH A O   1 
HETATM 1216 O O   . HOH C 2 .  ? 2.895   -0.927  -14.055 1.00 24.91 ? 2016 HOH A O   1 
HETATM 1217 O O   . HOH C 2 .  ? -2.999  -5.953  18.482  1.00 47.18 ? 2017 HOH A O   1 
HETATM 1218 O O   . HOH C 2 .  ? -3.493  -0.338  -14.761 1.00 25.57 ? 2018 HOH A O   1 
HETATM 1219 O O   . HOH C 2 .  ? -6.721  -4.535  -11.003 1.00 33.45 ? 2019 HOH A O   1 
HETATM 1220 O O   . HOH C 2 .  ? -3.839  -10.336 -12.669 1.00 24.74 ? 2020 HOH A O   1 
HETATM 1221 O O   . HOH C 2 .  ? -12.209 -7.515  6.243   1.00 35.23 ? 2021 HOH A O   1 
HETATM 1222 O O   . HOH C 2 .  ? -12.225 -7.666  10.451  1.00 32.08 ? 2022 HOH A O   1 
HETATM 1223 O O   . HOH C 2 .  ? 1.244   0.923   -13.666 1.00 33.09 ? 2023 HOH A O   1 
HETATM 1224 O O   . HOH C 2 .  ? -8.730  1.634   -14.338 1.00 55.32 ? 2024 HOH A O   1 
HETATM 1225 O O   . HOH C 2 .  ? -8.912  -5.715  -9.677  1.00 25.74 ? 2025 HOH A O   1 
HETATM 1226 O O   . HOH C 2 .  ? -15.035 4.305   -10.576 1.00 30.46 ? 2026 HOH A O   1 
HETATM 1227 O O   . HOH C 2 .  ? -15.017 4.642   -4.047  1.00 28.96 ? 2027 HOH A O   1 
HETATM 1228 O O   . HOH C 2 .  ? -14.655 1.850   -2.922  1.00 15.74 ? 2028 HOH A O   1 
HETATM 1229 O O   . HOH C 2 .  ? -8.215  13.418  -9.612  1.00 41.06 ? 2029 HOH A O   1 
HETATM 1230 O O   . HOH C 2 .  ? -6.383  11.097  -6.211  1.00 28.42 ? 2030 HOH A O   1 
HETATM 1231 O O   . HOH C 2 .  ? -3.442  3.846   -15.645 1.00 38.23 ? 2031 HOH A O   1 
HETATM 1232 O O   . HOH C 2 .  ? 2.314   4.540   -16.696 1.00 31.19 ? 2032 HOH A O   1 
HETATM 1233 O O   . HOH C 2 .  ? -2.624  10.450  -15.440 1.00 18.85 ? 2033 HOH A O   1 
HETATM 1234 O O   . HOH C 2 .  ? -2.114  13.304  -15.759 1.00 35.67 ? 2034 HOH A O   1 
HETATM 1235 O O   . HOH C 2 .  ? -5.360  12.203  -8.765  1.00 24.36 ? 2035 HOH A O   1 
HETATM 1236 O O   . HOH C 2 .  ? 2.329   9.615   -5.299  1.00 12.87 ? 2036 HOH A O   1 
HETATM 1237 O O   . HOH C 2 .  ? 14.903  -7.082  2.330   1.00 47.95 ? 2037 HOH A O   1 
HETATM 1238 O O   . HOH C 2 .  ? 12.950  -4.519  -0.080  1.00 32.17 ? 2038 HOH A O   1 
HETATM 1239 O O   . HOH C 2 .  ? 12.782  -8.595  -6.218  1.00 50.66 ? 2039 HOH A O   1 
HETATM 1240 O O   . HOH C 2 .  ? 14.050  -7.091  6.528   1.00 33.10 ? 2040 HOH A O   1 
HETATM 1241 O O   . HOH C 2 .  ? 17.342  -12.942 5.559   1.00 41.95 ? 2041 HOH A O   1 
HETATM 1242 O O   . HOH C 2 .  ? 8.694   -12.913 10.898  1.00 16.21 ? 2042 HOH A O   1 
HETATM 1243 O O   . HOH C 2 .  ? 14.886  -12.759 9.030   1.00 19.21 ? 2043 HOH A O   1 
HETATM 1244 O O   . HOH C 2 .  ? 9.897   -11.029 13.840  1.00 29.88 ? 2044 HOH A O   1 
HETATM 1245 O O   . HOH C 2 .  ? 17.952  -16.715 10.675  1.00 29.71 ? 2045 HOH A O   1 
HETATM 1246 O O   . HOH C 2 .  ? 16.921  -12.931 12.113  1.00 34.73 ? 2046 HOH A O   1 
HETATM 1247 O O   . HOH C 2 .  ? 14.711  -14.714 14.669  1.00 31.41 ? 2047 HOH A O   1 
HETATM 1248 O O   . HOH C 2 .  ? 15.753  -19.058 9.866   1.00 30.11 ? 2048 HOH A O   1 
HETATM 1249 O O   . HOH C 2 .  ? 16.024  -7.763  9.002   1.00 50.74 ? 2049 HOH A O   1 
HETATM 1250 O O   . HOH C 2 .  ? 11.512  -5.698  9.801   1.00 28.87 ? 2050 HOH A O   1 
HETATM 1251 O O   . HOH C 2 .  ? 11.094  -8.293  13.747  1.00 28.03 ? 2051 HOH A O   1 
HETATM 1252 O O   . HOH C 2 .  ? -0.008  -6.280  19.166  1.00 33.13 ? 2052 HOH A O   1 
HETATM 1253 O O   . HOH C 2 .  ? 9.126   -4.866  17.448  1.00 33.82 ? 2053 HOH A O   1 
HETATM 1254 O O   . HOH C 2 .  ? 2.368   -5.601  19.988  1.00 55.63 ? 2054 HOH A O   1 
HETATM 1255 O O   . HOH C 2 .  ? 3.122   -0.764  18.645  1.00 24.87 ? 2055 HOH A O   1 
HETATM 1256 O O   . HOH C 2 .  ? 7.509   -6.175  20.055  1.00 40.57 ? 2056 HOH A O   1 
HETATM 1257 O O   . HOH C 2 .  ? 6.476   -3.746  20.153  1.00 45.40 ? 2057 HOH A O   1 
HETATM 1258 O O   . HOH C 2 .  ? -4.309  0.146   18.631  1.00 25.53 ? 2058 HOH A O   1 
HETATM 1259 O O   . HOH C 2 .  ? 0.240   -0.415  19.197  1.00 26.08 ? 2059 HOH A O   1 
HETATM 1260 O O   . HOH C 2 .  ? -4.874  4.396   9.717   1.00 47.38 ? 2060 HOH A O   1 
HETATM 1261 O O   . HOH C 2 .  ? -11.939 1.932   13.450  1.00 51.30 ? 2061 HOH A O   1 
HETATM 1262 O O   . HOH C 2 .  ? -6.161  1.080   16.990  1.00 30.17 ? 2062 HOH A O   1 
HETATM 1263 O O   . HOH C 2 .  ? -10.599 3.928   8.998   1.00 36.33 ? 2063 HOH A O   1 
HETATM 1264 O O   . HOH C 2 .  ? -10.471 -2.651  11.369  1.00 50.71 ? 2064 HOH A O   1 
HETATM 1265 O O   . HOH C 2 .  ? -7.105  -10.843 5.828   1.00 46.32 ? 2065 HOH A O   1 
HETATM 1266 O O   . HOH C 2 .  ? -10.954 -10.161 5.477   1.00 34.96 ? 2066 HOH A O   1 
HETATM 1267 O O   . HOH C 2 .  ? -11.068 -6.254  8.588   1.00 17.03 ? 2067 HOH A O   1 
HETATM 1268 O O   . HOH C 2 .  ? -9.673  -9.339  7.829   1.00 21.53 ? 2068 HOH A O   1 
HETATM 1269 O O   . HOH C 2 .  ? -13.081 -6.317  15.520  1.00 55.52 ? 2069 HOH A O   1 
HETATM 1270 O O   . HOH C 2 .  ? -7.009  -8.511  14.403  1.00 27.55 ? 2070 HOH A O   1 
HETATM 1271 O O   . HOH C 2 .  ? -6.997  -14.668 13.510  1.00 36.85 ? 2071 HOH A O   1 
HETATM 1272 O O   . HOH C 2 .  ? -0.421  -8.332  7.337   1.00 17.98 ? 2072 HOH A O   1 
HETATM 1273 O O   . HOH C 2 .  ? -5.324  -9.888  15.287  1.00 42.38 ? 2073 HOH A O   1 
HETATM 1274 O O   . HOH C 2 .  ? -4.847  -8.095  17.926  1.00 43.11 ? 2074 HOH A O   1 
HETATM 1275 O O   . HOH C 2 .  ? -2.229  -9.038  18.540  1.00 49.13 ? 2075 HOH A O   1 
HETATM 1276 O O   . HOH C 2 .  ? -1.714  -11.714 20.135  1.00 38.99 ? 2076 HOH A O   1 
HETATM 1277 O O   . HOH C 2 .  ? 3.923   -9.933  20.893  1.00 30.68 ? 2077 HOH A O   1 
HETATM 1278 O O   . HOH C 2 .  ? 3.355   -7.670  21.729  1.00 37.26 ? 2078 HOH A O   1 
HETATM 1279 O O   . HOH D 2 .  ? 1.598   4.696   1.820   1.00 16.73 ? 2001 HOH B O   1 
HETATM 1280 O O   . HOH D 2 .  ? 0.220   1.230   7.546   1.00 22.18 ? 2002 HOH B O   1 
HETATM 1281 O O   . HOH D 2 .  ? -17.064 -5.422  -1.370  1.00 35.08 ? 2003 HOH B O   1 
HETATM 1282 O O   . HOH D 2 .  ? -17.280 1.207   -3.902  1.00 25.13 ? 2004 HOH B O   1 
HETATM 1283 O O   . HOH D 2 .  ? -5.041  11.515  -3.657  1.00 16.73 ? 2005 HOH B O   1 
HETATM 1284 O O   . HOH D 2 .  ? -12.535 9.589   -3.692  1.00 29.39 ? 2006 HOH B O   1 
HETATM 1285 O O   . HOH D 2 .  ? -11.011 12.269  -6.758  1.00 48.17 ? 2007 HOH B O   1 
HETATM 1286 O O   . HOH D 2 .  ? -4.331  -16.846 -8.982  1.00 36.63 ? 2008 HOH B O   1 
HETATM 1287 O O   . HOH D 2 .  ? -21.763 6.900   -0.273  1.00 43.43 ? 2009 HOH B O   1 
HETATM 1288 O O   . HOH D 2 .  ? -19.388 0.108   -1.969  1.00 30.64 ? 2010 HOH B O   1 
HETATM 1289 O O   . HOH D 2 .  ? -18.298 -2.918  0.297   1.00 30.21 ? 2011 HOH B O   1 
HETATM 1290 O O   . HOH D 2 .  ? -8.658  7.071   10.814  1.00 34.33 ? 2012 HOH B O   1 
HETATM 1291 O O   . HOH D 2 .  ? -8.378  13.216  8.307   1.00 41.13 ? 2013 HOH B O   1 
HETATM 1292 O O   . HOH D 2 .  ? -20.758 5.098   -2.389  1.00 47.80 ? 2014 HOH B O   1 
HETATM 1293 O O   . HOH D 2 .  ? -18.672 7.003   -4.928  1.00 31.92 ? 2015 HOH B O   1 
HETATM 1294 O O   . HOH D 2 .  ? -9.497  14.160  6.373   1.00 43.93 ? 2016 HOH B O   1 
HETATM 1295 O O   . HOH D 2 .  ? 14.390  13.486  -1.063  1.00 43.14 ? 2017 HOH B O   1 
HETATM 1296 O O   . HOH D 2 .  ? 16.922  2.774   -4.278  1.00 39.22 ? 2018 HOH B O   1 
HETATM 1297 O O   . HOH D 2 .  ? -13.112 -7.065  -5.247  1.00 43.12 ? 2019 HOH B O   1 
HETATM 1298 O O   . HOH D 2 .  ? -14.693 -4.168  -5.384  1.00 47.55 ? 2020 HOH B O   1 
HETATM 1299 O O   . HOH D 2 .  ? -11.511 -5.505  -9.936  1.00 50.34 ? 2021 HOH B O   1 
HETATM 1300 O O   . HOH D 2 .  ? 11.358  8.140   -12.193 1.00 30.31 ? 2022 HOH B O   1 
HETATM 1301 O O   . HOH D 2 .  ? 12.106  5.828   -12.192 1.00 53.26 ? 2023 HOH B O   1 
HETATM 1302 O O   . HOH D 2 .  ? -13.408 -11.024 -5.159  1.00 27.75 ? 2024 HOH B O   1 
HETATM 1303 O O   . HOH D 2 .  ? -11.631 -8.123  -7.380  1.00 32.71 ? 2025 HOH B O   1 
HETATM 1304 O O   . HOH D 2 .  ? -8.640  -7.572  -7.914  1.00 50.81 ? 2026 HOH B O   1 
HETATM 1305 O O   . HOH D 2 .  ? -1.850  -16.498 -8.881  1.00 41.96 ? 2027 HOH B O   1 
HETATM 1306 O O   . HOH D 2 .  ? -8.661  -11.522 -8.640  1.00 37.03 ? 2028 HOH B O   1 
HETATM 1307 O O   . HOH D 2 .  ? -5.978  -17.347 -0.536  1.00 52.18 ? 2029 HOH B O   1 
HETATM 1308 O O   . HOH D 2 .  ? -3.691  -17.834 -2.458  1.00 29.52 ? 2030 HOH B O   1 
HETATM 1309 O O   . HOH D 2 .  ? 0.515   -16.537 2.176   1.00 32.44 ? 2031 HOH B O   1 
HETATM 1310 O O   . HOH D 2 .  ? -6.811  -17.596 1.791   1.00 41.99 ? 2032 HOH B O   1 
HETATM 1311 O O   . HOH D 2 .  ? -2.554  -15.957 8.525   1.00 35.73 ? 2033 HOH B O   1 
HETATM 1312 O O   . HOH D 2 .  ? -7.961  -16.659 4.866   1.00 31.92 ? 2034 HOH B O   1 
HETATM 1313 O O   . HOH D 2 .  ? -6.256  2.567   8.005   1.00 25.46 ? 2035 HOH B O   1 
HETATM 1314 O O   . HOH D 2 .  ? -6.539  6.072   8.782   1.00 26.87 ? 2036 HOH B O   1 
HETATM 1315 O O   . HOH D 2 .  ? -5.798  14.170  7.782   1.00 50.50 ? 2037 HOH B O   1 
HETATM 1316 O O   . HOH D 2 .  ? -9.925  6.633   5.986   1.00 36.87 ? 2038 HOH B O   1 
HETATM 1317 O O   . HOH D 2 .  ? -7.155  8.731   7.467   1.00 32.98 ? 2039 HOH B O   1 
HETATM 1318 O O   . HOH D 2 .  ? -2.036  14.844  7.363   1.00 30.50 ? 2040 HOH B O   1 
HETATM 1319 O O   . HOH D 2 .  ? -9.915  16.663  5.740   1.00 34.18 ? 2041 HOH B O   1 
HETATM 1320 O O   . HOH D 2 .  ? 3.055   19.210  1.133   1.00 21.83 ? 2042 HOH B O   1 
HETATM 1321 O O   . HOH D 2 .  ? 4.722   20.933  4.609   1.00 41.71 ? 2043 HOH B O   1 
HETATM 1322 O O   . HOH D 2 .  ? 7.524   21.508  0.462   1.00 29.95 ? 2044 HOH B O   1 
HETATM 1323 O O   . HOH D 2 .  ? 5.140   17.912  4.782   1.00 22.88 ? 2045 HOH B O   1 
HETATM 1324 O O   . HOH D 2 .  ? 14.194  12.355  1.113   1.00 34.53 ? 2046 HOH B O   1 
HETATM 1325 O O   . HOH D 2 .  ? 9.609   16.789  4.820   1.00 42.95 ? 2047 HOH B O   1 
HETATM 1326 O O   . HOH D 2 .  ? 5.007   3.062   4.693   1.00 29.16 ? 2048 HOH B O   1 
HETATM 1327 O O   . HOH D 2 .  ? 4.039   4.742   2.900   1.00 21.39 ? 2049 HOH B O   1 
HETATM 1328 O O   . HOH D 2 .  ? 14.193  11.238  -6.187  1.00 26.39 ? 2050 HOH B O   1 
HETATM 1329 O O   . HOH D 2 .  ? 17.988  4.506   -2.824  1.00 47.60 ? 2051 HOH B O   1 
HETATM 1330 O O   . HOH D 2 .  ? 15.764  10.929  -1.368  1.00 30.32 ? 2052 HOH B O   1 
HETATM 1331 O O   . HOH D 2 .  ? 11.335  0.558   -2.070  1.00 37.17 ? 2053 HOH B O   1 
HETATM 1332 O O   . HOH D 2 .  ? 16.110  9.543   -8.534  1.00 47.24 ? 2054 HOH B O   1 
HETATM 1333 O O   . HOH D 2 .  ? 15.830  5.285   -5.318  1.00 37.64 ? 2055 HOH B O   1 
HETATM 1334 O O   . HOH D 2 .  ? 15.127  0.167   -10.456 1.00 38.21 ? 2056 HOH B O   1 
HETATM 1335 O O   . HOH D 2 .  ? 14.125  6.600   -11.230 1.00 31.03 ? 2057 HOH B O   1 
HETATM 1336 O O   . HOH D 2 .  ? 9.521   -0.063  -4.155  1.00 14.64 ? 2058 HOH B O   1 
HETATM 1337 O O   . HOH D 2 .  ? 5.248   0.461   -13.225 1.00 31.88 ? 2059 HOH B O   1 
HETATM 1338 O O   . HOH D 2 .  ? 2.049   6.654   -11.919 1.00 26.28 ? 2060 HOH B O   1 
HETATM 1339 O O   . HOH D 2 .  ? 4.101   5.468   -13.519 1.00 23.88 ? 2061 HOH B O   1 
HETATM 1340 O O   . HOH D 2 .  ? 6.679   3.827   -13.115 1.00 21.52 ? 2062 HOH B O   1 
HETATM 1341 O O   . HOH D 2 .  ? 13.543  1.883   -11.799 1.00 24.57 ? 2063 HOH B O   1 
HETATM 1342 O O   . HOH D 2 .  ? 9.030   10.181  -11.453 1.00 34.61 ? 2064 HOH B O   1 
HETATM 1343 O O   . HOH D 2 .  ? 3.361   16.999  -14.036 1.00 50.76 ? 2065 HOH B O   1 
HETATM 1344 O O   . HOH D 2 .  ? 9.082   12.330  -10.034 1.00 27.82 ? 2066 HOH B O   1 
HETATM 1345 O O   . HOH D 2 .  ? 8.956   19.819  -8.458  1.00 18.01 ? 2067 HOH B O   1 
HETATM 1346 O O   . HOH D 2 .  ? 5.551   17.997  -11.428 1.00 30.46 ? 2068 HOH B O   1 
HETATM 1347 O O   . HOH D 2 .  ? 14.411  14.637  -9.263  1.00 32.82 ? 2069 HOH B O   1 
HETATM 1348 O O   . HOH D 2 .  ? 12.806  14.394  -5.093  1.00 39.80 ? 2070 HOH B O   1 
HETATM 1349 O O   . HOH D 2 .  ? 9.878   23.079  -0.942  1.00 46.10 ? 2071 HOH B O   1 
HETATM 1350 O O   . HOH D 2 .  ? 7.997   24.737  -2.307  1.00 18.78 ? 2072 HOH B O   1 
HETATM 1351 O O   . HOH D 2 .  ? 11.632  19.880  -1.880  1.00 40.72 ? 2073 HOH B O   1 
# 
